data_1RBN
# 
_entry.id   1RBN 
# 
_audit_conform.dict_name       mmcif_pdbx.dic 
_audit_conform.dict_version    5.397 
_audit_conform.dict_location   http://mmcif.pdb.org/dictionaries/ascii/mmcif_pdbx.dic 
# 
loop_
_database_2.database_id 
_database_2.database_code 
_database_2.pdbx_database_accession 
_database_2.pdbx_DOI 
PDB   1RBN         pdb_00001rbn 10.2210/pdb1rbn/pdb 
WWPDB D_1000175998 ?            ?                   
# 
loop_
_pdbx_audit_revision_history.ordinal 
_pdbx_audit_revision_history.data_content_type 
_pdbx_audit_revision_history.major_revision 
_pdbx_audit_revision_history.minor_revision 
_pdbx_audit_revision_history.revision_date 
1 'Structure model' 1 0 1994-12-20 
2 'Structure model' 1 1 2008-03-03 
3 'Structure model' 1 2 2011-07-13 
4 'Structure model' 1 3 2024-06-05 
5 'Structure model' 1 4 2024-10-16 
# 
_pdbx_audit_revision_details.ordinal             1 
_pdbx_audit_revision_details.revision_ordinal    1 
_pdbx_audit_revision_details.data_content_type   'Structure model' 
_pdbx_audit_revision_details.provider            repository 
_pdbx_audit_revision_details.type                'Initial release' 
_pdbx_audit_revision_details.description         ? 
_pdbx_audit_revision_details.details             ? 
# 
loop_
_pdbx_audit_revision_group.ordinal 
_pdbx_audit_revision_group.revision_ordinal 
_pdbx_audit_revision_group.data_content_type 
_pdbx_audit_revision_group.group 
1 2 'Structure model' 'Version format compliance' 
2 3 'Structure model' 'Version format compliance' 
3 4 'Structure model' 'Data collection'           
4 4 'Structure model' 'Database references'       
5 4 'Structure model' 'Derived calculations'      
6 4 'Structure model' Other                       
7 5 'Structure model' 'Structure summary'         
# 
loop_
_pdbx_audit_revision_category.ordinal 
_pdbx_audit_revision_category.revision_ordinal 
_pdbx_audit_revision_category.data_content_type 
_pdbx_audit_revision_category.category 
1 4 'Structure model' chem_comp_atom            
2 4 'Structure model' chem_comp_bond            
3 4 'Structure model' database_2                
4 4 'Structure model' pdbx_database_status      
5 4 'Structure model' struct_conn               
6 4 'Structure model' struct_site               
7 5 'Structure model' pdbx_entry_details        
8 5 'Structure model' pdbx_modification_feature 
# 
loop_
_pdbx_audit_revision_item.ordinal 
_pdbx_audit_revision_item.revision_ordinal 
_pdbx_audit_revision_item.data_content_type 
_pdbx_audit_revision_item.item 
1 4 'Structure model' '_database_2.pdbx_DOI'                
2 4 'Structure model' '_database_2.pdbx_database_accession' 
3 4 'Structure model' '_pdbx_database_status.process_site'  
4 4 'Structure model' '_struct_conn.pdbx_leaving_atom_flag' 
5 4 'Structure model' '_struct_site.pdbx_auth_asym_id'      
6 4 'Structure model' '_struct_site.pdbx_auth_comp_id'      
7 4 'Structure model' '_struct_site.pdbx_auth_seq_id'       
# 
_pdbx_database_status.status_code                     REL 
_pdbx_database_status.entry_id                        1RBN 
_pdbx_database_status.recvd_initial_deposition_date   1994-03-29 
_pdbx_database_status.deposit_site                    ? 
_pdbx_database_status.process_site                    BNL 
_pdbx_database_status.SG_entry                        . 
_pdbx_database_status.pdb_format_compatible           Y 
_pdbx_database_status.status_code_mr                  ? 
_pdbx_database_status.status_code_sf                  ? 
_pdbx_database_status.status_code_cs                  ? 
_pdbx_database_status.status_code_nmr_data            ? 
_pdbx_database_status.methods_development_category    ? 
# 
loop_
_audit_author.name 
_audit_author.pdbx_ordinal 
'Boque, L.' 1 
'Fita, I.'  2 
# 
_citation.id                        primary 
_citation.title                     'Structure of ribonuclease A derivative II at 2.1-A resolution.' 
_citation.journal_abbrev            J.Biol.Chem. 
_citation.journal_volume            269 
_citation.page_first                19707 
_citation.page_last                 19712 
_citation.year                      1994 
_citation.journal_id_ASTM           JBCHA3 
_citation.country                   US 
_citation.journal_id_ISSN           0021-9258 
_citation.journal_id_CSD            0071 
_citation.book_publisher            ? 
_citation.pdbx_database_id_PubMed   8051049 
_citation.pdbx_database_id_DOI      ? 
# 
loop_
_citation_author.citation_id 
_citation_author.name 
_citation_author.ordinal 
_citation_author.identifier_ORCID 
primary 'Boque, L.'       1 ? 
primary 'Gracia Coll, M.' 2 ? 
primary 'Vilanova, M.'    3 ? 
primary 'Cuchillo, C.M.'  4 ? 
primary 'Fita, I.'        5 ? 
# 
loop_
_entity.id 
_entity.type 
_entity.src_method 
_entity.pdbx_description 
_entity.formula_weight 
_entity.pdbx_number_of_molecules 
_entity.pdbx_ec 
_entity.pdbx_mutation 
_entity.pdbx_fragment 
_entity.details 
1 polymer     man 'RIBONUCLEASE A'                   13708.326 1   3.1.27.5 ? ? ? 
2 non-polymer syn 
;PURINE RIBOSIDE-5'-MONOPHOSPHATE
;
332.207   1   ?        ? ? ? 
3 water       nat water                              18.015    110 ?        ? ? ? 
# 
_entity_poly.entity_id                      1 
_entity_poly.type                           'polypeptide(L)' 
_entity_poly.nstd_linkage                   no 
_entity_poly.nstd_monomer                   no 
_entity_poly.pdbx_seq_one_letter_code       
;KETAAAKFERQHMDSSTSAASSSNYCNQMMKSRNLTKDRCKPVNTFVHESLADVQAVCSQKNVACKNGQTNCYQSYSTMS
ITDCRETGSSKYPNCAYKTTQANKHIIVACEGNPYVPVHFDASV
;
_entity_poly.pdbx_seq_one_letter_code_can   
;KETAAAKFERQHMDSSTSAASSSNYCNQMMKSRNLTKDRCKPVNTFVHESLADVQAVCSQKNVACKNGQTNCYQSYSTMS
ITDCRETGSSKYPNCAYKTTQANKHIIVACEGNPYVPVHFDASV
;
_entity_poly.pdbx_strand_id                 A 
_entity_poly.pdbx_target_identifier         ? 
# 
loop_
_pdbx_entity_nonpoly.entity_id 
_pdbx_entity_nonpoly.name 
_pdbx_entity_nonpoly.comp_id 
2 
;PURINE RIBOSIDE-5'-MONOPHOSPHATE
;
P5P 
3 water                              HOH 
# 
loop_
_entity_poly_seq.entity_id 
_entity_poly_seq.num 
_entity_poly_seq.mon_id 
_entity_poly_seq.hetero 
1 1   LYS n 
1 2   GLU n 
1 3   THR n 
1 4   ALA n 
1 5   ALA n 
1 6   ALA n 
1 7   LYS n 
1 8   PHE n 
1 9   GLU n 
1 10  ARG n 
1 11  GLN n 
1 12  HIS n 
1 13  MET n 
1 14  ASP n 
1 15  SER n 
1 16  SER n 
1 17  THR n 
1 18  SER n 
1 19  ALA n 
1 20  ALA n 
1 21  SER n 
1 22  SER n 
1 23  SER n 
1 24  ASN n 
1 25  TYR n 
1 26  CYS n 
1 27  ASN n 
1 28  GLN n 
1 29  MET n 
1 30  MET n 
1 31  LYS n 
1 32  SER n 
1 33  ARG n 
1 34  ASN n 
1 35  LEU n 
1 36  THR n 
1 37  LYS n 
1 38  ASP n 
1 39  ARG n 
1 40  CYS n 
1 41  LYS n 
1 42  PRO n 
1 43  VAL n 
1 44  ASN n 
1 45  THR n 
1 46  PHE n 
1 47  VAL n 
1 48  HIS n 
1 49  GLU n 
1 50  SER n 
1 51  LEU n 
1 52  ALA n 
1 53  ASP n 
1 54  VAL n 
1 55  GLN n 
1 56  ALA n 
1 57  VAL n 
1 58  CYS n 
1 59  SER n 
1 60  GLN n 
1 61  LYS n 
1 62  ASN n 
1 63  VAL n 
1 64  ALA n 
1 65  CYS n 
1 66  LYS n 
1 67  ASN n 
1 68  GLY n 
1 69  GLN n 
1 70  THR n 
1 71  ASN n 
1 72  CYS n 
1 73  TYR n 
1 74  GLN n 
1 75  SER n 
1 76  TYR n 
1 77  SER n 
1 78  THR n 
1 79  MET n 
1 80  SER n 
1 81  ILE n 
1 82  THR n 
1 83  ASP n 
1 84  CYS n 
1 85  ARG n 
1 86  GLU n 
1 87  THR n 
1 88  GLY n 
1 89  SER n 
1 90  SER n 
1 91  LYS n 
1 92  TYR n 
1 93  PRO n 
1 94  ASN n 
1 95  CYS n 
1 96  ALA n 
1 97  TYR n 
1 98  LYS n 
1 99  THR n 
1 100 THR n 
1 101 GLN n 
1 102 ALA n 
1 103 ASN n 
1 104 LYS n 
1 105 HIS n 
1 106 ILE n 
1 107 ILE n 
1 108 VAL n 
1 109 ALA n 
1 110 CYS n 
1 111 GLU n 
1 112 GLY n 
1 113 ASN n 
1 114 PRO n 
1 115 TYR n 
1 116 VAL n 
1 117 PRO n 
1 118 VAL n 
1 119 HIS n 
1 120 PHE n 
1 121 ASP n 
1 122 ALA n 
1 123 SER n 
1 124 VAL n 
# 
_entity_src_gen.entity_id                          1 
_entity_src_gen.pdbx_src_id                        1 
_entity_src_gen.pdbx_alt_source_flag               sample 
_entity_src_gen.pdbx_seq_type                      ? 
_entity_src_gen.pdbx_beg_seq_num                   ? 
_entity_src_gen.pdbx_end_seq_num                   ? 
_entity_src_gen.gene_src_common_name               cattle 
_entity_src_gen.gene_src_genus                     Bos 
_entity_src_gen.pdbx_gene_src_gene                 ? 
_entity_src_gen.gene_src_species                   ? 
_entity_src_gen.gene_src_strain                    ? 
_entity_src_gen.gene_src_tissue                    LIVER 
_entity_src_gen.gene_src_tissue_fraction           ? 
_entity_src_gen.gene_src_details                   ? 
_entity_src_gen.pdbx_gene_src_fragment             ? 
_entity_src_gen.pdbx_gene_src_scientific_name      'Bos taurus' 
_entity_src_gen.pdbx_gene_src_ncbi_taxonomy_id     9913 
_entity_src_gen.pdbx_gene_src_variant              ? 
_entity_src_gen.pdbx_gene_src_cell_line            ? 
_entity_src_gen.pdbx_gene_src_atcc                 ? 
_entity_src_gen.pdbx_gene_src_organ                LIVER 
_entity_src_gen.pdbx_gene_src_organelle            ? 
_entity_src_gen.pdbx_gene_src_cell                 ? 
_entity_src_gen.pdbx_gene_src_cellular_location    ? 
_entity_src_gen.host_org_common_name               ? 
_entity_src_gen.pdbx_host_org_scientific_name      ? 
_entity_src_gen.pdbx_host_org_ncbi_taxonomy_id     ? 
_entity_src_gen.host_org_genus                     ? 
_entity_src_gen.pdbx_host_org_gene                 ? 
_entity_src_gen.pdbx_host_org_organ                ? 
_entity_src_gen.host_org_species                   ? 
_entity_src_gen.pdbx_host_org_tissue               ? 
_entity_src_gen.pdbx_host_org_tissue_fraction      ? 
_entity_src_gen.pdbx_host_org_strain               ? 
_entity_src_gen.pdbx_host_org_variant              ? 
_entity_src_gen.pdbx_host_org_cell_line            ? 
_entity_src_gen.pdbx_host_org_atcc                 ? 
_entity_src_gen.pdbx_host_org_culture_collection   ? 
_entity_src_gen.pdbx_host_org_cell                 ? 
_entity_src_gen.pdbx_host_org_organelle            ? 
_entity_src_gen.pdbx_host_org_cellular_location    ? 
_entity_src_gen.pdbx_host_org_vector_type          ? 
_entity_src_gen.pdbx_host_org_vector               ? 
_entity_src_gen.host_org_details                   ? 
_entity_src_gen.expression_system_id               ? 
_entity_src_gen.plasmid_name                       ? 
_entity_src_gen.plasmid_details                    ? 
_entity_src_gen.pdbx_description                   ? 
# 
loop_
_chem_comp.id 
_chem_comp.type 
_chem_comp.mon_nstd_flag 
_chem_comp.name 
_chem_comp.pdbx_synonyms 
_chem_comp.formula 
_chem_comp.formula_weight 
ALA 'L-peptide linking' y ALANINE                            ? 'C3 H7 N O2'      89.093  
ARG 'L-peptide linking' y ARGININE                           ? 'C6 H15 N4 O2 1'  175.209 
ASN 'L-peptide linking' y ASPARAGINE                         ? 'C4 H8 N2 O3'     132.118 
ASP 'L-peptide linking' y 'ASPARTIC ACID'                    ? 'C4 H7 N O4'      133.103 
CYS 'L-peptide linking' y CYSTEINE                           ? 'C3 H7 N O2 S'    121.158 
GLN 'L-peptide linking' y GLUTAMINE                          ? 'C5 H10 N2 O3'    146.144 
GLU 'L-peptide linking' y 'GLUTAMIC ACID'                    ? 'C5 H9 N O4'      147.129 
GLY 'peptide linking'   y GLYCINE                            ? 'C2 H5 N O2'      75.067  
HIS 'L-peptide linking' y HISTIDINE                          ? 'C6 H10 N3 O2 1'  156.162 
HOH non-polymer         . WATER                              ? 'H2 O'            18.015  
ILE 'L-peptide linking' y ISOLEUCINE                         ? 'C6 H13 N O2'     131.173 
LEU 'L-peptide linking' y LEUCINE                            ? 'C6 H13 N O2'     131.173 
LYS 'L-peptide linking' y LYSINE                             ? 'C6 H15 N2 O2 1'  147.195 
MET 'L-peptide linking' y METHIONINE                         ? 'C5 H11 N O2 S'   149.211 
P5P 'RNA linking'       n 
;PURINE RIBOSIDE-5'-MONOPHOSPHATE
;
? 'C10 H13 N4 O7 P' 332.207 
PHE 'L-peptide linking' y PHENYLALANINE                      ? 'C9 H11 N O2'     165.189 
PRO 'L-peptide linking' y PROLINE                            ? 'C5 H9 N O2'      115.130 
SER 'L-peptide linking' y SERINE                             ? 'C3 H7 N O3'      105.093 
THR 'L-peptide linking' y THREONINE                          ? 'C4 H9 N O3'      119.119 
TYR 'L-peptide linking' y TYROSINE                           ? 'C9 H11 N O3'     181.189 
VAL 'L-peptide linking' y VALINE                             ? 'C5 H11 N O2'     117.146 
# 
loop_
_pdbx_poly_seq_scheme.asym_id 
_pdbx_poly_seq_scheme.entity_id 
_pdbx_poly_seq_scheme.seq_id 
_pdbx_poly_seq_scheme.mon_id 
_pdbx_poly_seq_scheme.ndb_seq_num 
_pdbx_poly_seq_scheme.pdb_seq_num 
_pdbx_poly_seq_scheme.auth_seq_num 
_pdbx_poly_seq_scheme.pdb_mon_id 
_pdbx_poly_seq_scheme.auth_mon_id 
_pdbx_poly_seq_scheme.pdb_strand_id 
_pdbx_poly_seq_scheme.pdb_ins_code 
_pdbx_poly_seq_scheme.hetero 
A 1 1   LYS 1   1   1   LYS LYS A . n 
A 1 2   GLU 2   2   2   GLU GLU A . n 
A 1 3   THR 3   3   3   THR THR A . n 
A 1 4   ALA 4   4   4   ALA ALA A . n 
A 1 5   ALA 5   5   5   ALA ALA A . n 
A 1 6   ALA 6   6   6   ALA ALA A . n 
A 1 7   LYS 7   7   7   LYS LYS A . n 
A 1 8   PHE 8   8   8   PHE PHE A . n 
A 1 9   GLU 9   9   9   GLU GLU A . n 
A 1 10  ARG 10  10  10  ARG ARG A . n 
A 1 11  GLN 11  11  11  GLN GLN A . n 
A 1 12  HIS 12  12  12  HIS HIS A . n 
A 1 13  MET 13  13  13  MET MET A . n 
A 1 14  ASP 14  14  14  ASP ASP A . n 
A 1 15  SER 15  15  15  SER SER A . n 
A 1 16  SER 16  16  16  SER SER A . n 
A 1 17  THR 17  17  17  THR THR A . n 
A 1 18  SER 18  18  18  SER SER A . n 
A 1 19  ALA 19  19  19  ALA ALA A . n 
A 1 20  ALA 20  20  20  ALA ALA A . n 
A 1 21  SER 21  21  21  SER SER A . n 
A 1 22  SER 22  22  22  SER SER A . n 
A 1 23  SER 23  23  23  SER SER A . n 
A 1 24  ASN 24  24  24  ASN ASN A . n 
A 1 25  TYR 25  25  25  TYR TYR A . n 
A 1 26  CYS 26  26  26  CYS CYS A . n 
A 1 27  ASN 27  27  27  ASN ASN A . n 
A 1 28  GLN 28  28  28  GLN GLN A . n 
A 1 29  MET 29  29  29  MET MET A . n 
A 1 30  MET 30  30  30  MET MET A . n 
A 1 31  LYS 31  31  31  LYS LYS A . n 
A 1 32  SER 32  32  32  SER SER A . n 
A 1 33  ARG 33  33  33  ARG ARG A . n 
A 1 34  ASN 34  34  34  ASN ASN A . n 
A 1 35  LEU 35  35  35  LEU LEU A . n 
A 1 36  THR 36  36  36  THR THR A . n 
A 1 37  LYS 37  37  37  LYS LYS A . n 
A 1 38  ASP 38  38  38  ASP ASP A . n 
A 1 39  ARG 39  39  39  ARG ARG A . n 
A 1 40  CYS 40  40  40  CYS CYS A . n 
A 1 41  LYS 41  41  41  LYS LYS A . n 
A 1 42  PRO 42  42  42  PRO PRO A . n 
A 1 43  VAL 43  43  43  VAL VAL A . n 
A 1 44  ASN 44  44  44  ASN ASN A . n 
A 1 45  THR 45  45  45  THR THR A . n 
A 1 46  PHE 46  46  46  PHE PHE A . n 
A 1 47  VAL 47  47  47  VAL VAL A . n 
A 1 48  HIS 48  48  48  HIS HIS A . n 
A 1 49  GLU 49  49  49  GLU GLU A . n 
A 1 50  SER 50  50  50  SER SER A . n 
A 1 51  LEU 51  51  51  LEU LEU A . n 
A 1 52  ALA 52  52  52  ALA ALA A . n 
A 1 53  ASP 53  53  53  ASP ASP A . n 
A 1 54  VAL 54  54  54  VAL VAL A . n 
A 1 55  GLN 55  55  55  GLN GLN A . n 
A 1 56  ALA 56  56  56  ALA ALA A . n 
A 1 57  VAL 57  57  57  VAL VAL A . n 
A 1 58  CYS 58  58  58  CYS CYS A . n 
A 1 59  SER 59  59  59  SER SER A . n 
A 1 60  GLN 60  60  60  GLN GLN A . n 
A 1 61  LYS 61  61  61  LYS LYS A . n 
A 1 62  ASN 62  62  62  ASN ASN A . n 
A 1 63  VAL 63  63  63  VAL VAL A . n 
A 1 64  ALA 64  64  64  ALA ALA A . n 
A 1 65  CYS 65  65  65  CYS CYS A . n 
A 1 66  LYS 66  66  66  LYS LYS A . n 
A 1 67  ASN 67  67  67  ASN ASN A . n 
A 1 68  GLY 68  68  68  GLY GLY A . n 
A 1 69  GLN 69  69  69  GLN GLN A . n 
A 1 70  THR 70  70  70  THR THR A . n 
A 1 71  ASN 71  71  71  ASN ASN A . n 
A 1 72  CYS 72  72  72  CYS CYS A . n 
A 1 73  TYR 73  73  73  TYR TYR A . n 
A 1 74  GLN 74  74  74  GLN GLN A . n 
A 1 75  SER 75  75  75  SER SER A . n 
A 1 76  TYR 76  76  76  TYR TYR A . n 
A 1 77  SER 77  77  77  SER SER A . n 
A 1 78  THR 78  78  78  THR THR A . n 
A 1 79  MET 79  79  79  MET MET A . n 
A 1 80  SER 80  80  80  SER SER A . n 
A 1 81  ILE 81  81  81  ILE ILE A . n 
A 1 82  THR 82  82  82  THR THR A . n 
A 1 83  ASP 83  83  83  ASP ASP A . n 
A 1 84  CYS 84  84  84  CYS CYS A . n 
A 1 85  ARG 85  85  85  ARG ARG A . n 
A 1 86  GLU 86  86  86  GLU GLU A . n 
A 1 87  THR 87  87  87  THR THR A . n 
A 1 88  GLY 88  88  88  GLY GLY A . n 
A 1 89  SER 89  89  89  SER SER A . n 
A 1 90  SER 90  90  90  SER SER A . n 
A 1 91  LYS 91  91  91  LYS LYS A . n 
A 1 92  TYR 92  92  92  TYR TYR A . n 
A 1 93  PRO 93  93  93  PRO PRO A . n 
A 1 94  ASN 94  94  94  ASN ASN A . n 
A 1 95  CYS 95  95  95  CYS CYS A . n 
A 1 96  ALA 96  96  96  ALA ALA A . n 
A 1 97  TYR 97  97  97  TYR TYR A . n 
A 1 98  LYS 98  98  98  LYS LYS A . n 
A 1 99  THR 99  99  99  THR THR A . n 
A 1 100 THR 100 100 100 THR THR A . n 
A 1 101 GLN 101 101 101 GLN GLN A . n 
A 1 102 ALA 102 102 102 ALA ALA A . n 
A 1 103 ASN 103 103 103 ASN ASN A . n 
A 1 104 LYS 104 104 104 LYS LYS A . n 
A 1 105 HIS 105 105 105 HIS HIS A . n 
A 1 106 ILE 106 106 106 ILE ILE A . n 
A 1 107 ILE 107 107 107 ILE ILE A . n 
A 1 108 VAL 108 108 108 VAL VAL A . n 
A 1 109 ALA 109 109 109 ALA ALA A . n 
A 1 110 CYS 110 110 110 CYS CYS A . n 
A 1 111 GLU 111 111 111 GLU GLU A . n 
A 1 112 GLY 112 112 112 GLY GLY A . n 
A 1 113 ASN 113 113 113 ASN ASN A . n 
A 1 114 PRO 114 114 114 PRO PRO A . n 
A 1 115 TYR 115 115 115 TYR TYR A . n 
A 1 116 VAL 116 116 116 VAL VAL A . n 
A 1 117 PRO 117 117 117 PRO PRO A . n 
A 1 118 VAL 118 118 118 VAL VAL A . n 
A 1 119 HIS 119 119 119 HIS HIS A . n 
A 1 120 PHE 120 120 120 PHE PHE A . n 
A 1 121 ASP 121 121 121 ASP ASP A . n 
A 1 122 ALA 122 122 122 ALA ALA A . n 
A 1 123 SER 123 123 123 SER SER A . n 
A 1 124 VAL 124 124 124 VAL VAL A . n 
# 
loop_
_pdbx_nonpoly_scheme.asym_id 
_pdbx_nonpoly_scheme.entity_id 
_pdbx_nonpoly_scheme.mon_id 
_pdbx_nonpoly_scheme.ndb_seq_num 
_pdbx_nonpoly_scheme.pdb_seq_num 
_pdbx_nonpoly_scheme.auth_seq_num 
_pdbx_nonpoly_scheme.pdb_mon_id 
_pdbx_nonpoly_scheme.auth_mon_id 
_pdbx_nonpoly_scheme.pdb_strand_id 
_pdbx_nonpoly_scheme.pdb_ins_code 
B 2 P5P 1   125 1   P5P P5P A . 
C 3 HOH 1   126 126 HOH HOH A . 
C 3 HOH 2   127 127 HOH HOH A . 
C 3 HOH 3   128 128 HOH HOH A . 
C 3 HOH 4   129 129 HOH HOH A . 
C 3 HOH 5   130 130 HOH HOH A . 
C 3 HOH 6   131 131 HOH HOH A . 
C 3 HOH 7   132 132 HOH HOH A . 
C 3 HOH 8   133 133 HOH HOH A . 
C 3 HOH 9   134 134 HOH HOH A . 
C 3 HOH 10  135 135 HOH HOH A . 
C 3 HOH 11  136 136 HOH HOH A . 
C 3 HOH 12  137 137 HOH HOH A . 
C 3 HOH 13  138 138 HOH HOH A . 
C 3 HOH 14  139 139 HOH HOH A . 
C 3 HOH 15  140 140 HOH HOH A . 
C 3 HOH 16  141 141 HOH HOH A . 
C 3 HOH 17  142 142 HOH HOH A . 
C 3 HOH 18  143 143 HOH HOH A . 
C 3 HOH 19  144 144 HOH HOH A . 
C 3 HOH 20  145 145 HOH HOH A . 
C 3 HOH 21  146 146 HOH HOH A . 
C 3 HOH 22  147 147 HOH HOH A . 
C 3 HOH 23  148 148 HOH HOH A . 
C 3 HOH 24  149 149 HOH HOH A . 
C 3 HOH 25  150 150 HOH HOH A . 
C 3 HOH 26  151 151 HOH HOH A . 
C 3 HOH 27  152 152 HOH HOH A . 
C 3 HOH 28  153 153 HOH HOH A . 
C 3 HOH 29  154 154 HOH HOH A . 
C 3 HOH 30  155 155 HOH HOH A . 
C 3 HOH 31  156 156 HOH HOH A . 
C 3 HOH 32  157 157 HOH HOH A . 
C 3 HOH 33  158 158 HOH HOH A . 
C 3 HOH 34  159 159 HOH HOH A . 
C 3 HOH 35  160 160 HOH HOH A . 
C 3 HOH 36  161 161 HOH HOH A . 
C 3 HOH 37  162 162 HOH HOH A . 
C 3 HOH 38  163 163 HOH HOH A . 
C 3 HOH 39  164 164 HOH HOH A . 
C 3 HOH 40  165 165 HOH HOH A . 
C 3 HOH 41  166 166 HOH HOH A . 
C 3 HOH 42  167 167 HOH HOH A . 
C 3 HOH 43  168 168 HOH HOH A . 
C 3 HOH 44  169 169 HOH HOH A . 
C 3 HOH 45  170 170 HOH HOH A . 
C 3 HOH 46  171 171 HOH HOH A . 
C 3 HOH 47  172 172 HOH HOH A . 
C 3 HOH 48  173 173 HOH HOH A . 
C 3 HOH 49  174 174 HOH HOH A . 
C 3 HOH 50  175 175 HOH HOH A . 
C 3 HOH 51  176 176 HOH HOH A . 
C 3 HOH 52  177 177 HOH HOH A . 
C 3 HOH 53  178 178 HOH HOH A . 
C 3 HOH 54  179 179 HOH HOH A . 
C 3 HOH 55  180 180 HOH HOH A . 
C 3 HOH 56  181 181 HOH HOH A . 
C 3 HOH 57  182 182 HOH HOH A . 
C 3 HOH 58  183 183 HOH HOH A . 
C 3 HOH 59  184 184 HOH HOH A . 
C 3 HOH 60  185 185 HOH HOH A . 
C 3 HOH 61  186 186 HOH HOH A . 
C 3 HOH 62  187 187 HOH HOH A . 
C 3 HOH 63  188 188 HOH HOH A . 
C 3 HOH 64  189 189 HOH HOH A . 
C 3 HOH 65  190 190 HOH HOH A . 
C 3 HOH 66  191 191 HOH HOH A . 
C 3 HOH 67  192 192 HOH HOH A . 
C 3 HOH 68  193 193 HOH HOH A . 
C 3 HOH 69  194 194 HOH HOH A . 
C 3 HOH 70  195 195 HOH HOH A . 
C 3 HOH 71  196 196 HOH HOH A . 
C 3 HOH 72  197 197 HOH HOH A . 
C 3 HOH 73  198 198 HOH HOH A . 
C 3 HOH 74  199 199 HOH HOH A . 
C 3 HOH 75  200 200 HOH HOH A . 
C 3 HOH 76  201 201 HOH HOH A . 
C 3 HOH 77  202 202 HOH HOH A . 
C 3 HOH 78  203 203 HOH HOH A . 
C 3 HOH 79  204 204 HOH HOH A . 
C 3 HOH 80  205 205 HOH HOH A . 
C 3 HOH 81  206 206 HOH HOH A . 
C 3 HOH 82  207 207 HOH HOH A . 
C 3 HOH 83  208 208 HOH HOH A . 
C 3 HOH 84  209 209 HOH HOH A . 
C 3 HOH 85  210 210 HOH HOH A . 
C 3 HOH 86  211 211 HOH HOH A . 
C 3 HOH 87  212 212 HOH HOH A . 
C 3 HOH 88  214 214 HOH HOH A . 
C 3 HOH 89  215 215 HOH HOH A . 
C 3 HOH 90  216 216 HOH HOH A . 
C 3 HOH 91  217 217 HOH HOH A . 
C 3 HOH 92  218 218 HOH HOH A . 
C 3 HOH 93  219 219 HOH HOH A . 
C 3 HOH 94  220 220 HOH HOH A . 
C 3 HOH 95  221 221 HOH HOH A . 
C 3 HOH 96  222 222 HOH HOH A . 
C 3 HOH 97  223 223 HOH HOH A . 
C 3 HOH 98  224 224 HOH HOH A . 
C 3 HOH 99  225 225 HOH HOH A . 
C 3 HOH 100 226 226 HOH HOH A . 
C 3 HOH 101 227 227 HOH HOH A . 
C 3 HOH 102 228 228 HOH HOH A . 
C 3 HOH 103 229 229 HOH HOH A . 
C 3 HOH 104 230 230 HOH HOH A . 
C 3 HOH 105 231 231 HOH HOH A . 
C 3 HOH 106 232 232 HOH HOH A . 
C 3 HOH 107 233 233 HOH HOH A . 
C 3 HOH 108 234 234 HOH HOH A . 
C 3 HOH 109 235 235 HOH HOH A . 
C 3 HOH 110 236 236 HOH HOH A . 
# 
loop_
_software.name 
_software.classification 
_software.version 
_software.citation_id 
_software.pdbx_ordinal 
X-PLOR 'model building' . ? 1 
X-PLOR refinement       . ? 2 
X-PLOR phasing          . ? 3 
# 
_cell.entry_id           1RBN 
_cell.length_a           75.730 
_cell.length_b           57.850 
_cell.length_c           53.260 
_cell.angle_alpha        90.00 
_cell.angle_beta         90.00 
_cell.angle_gamma        90.00 
_cell.Z_PDB              8 
_cell.pdbx_unique_axis   ? 
# 
_symmetry.entry_id                         1RBN 
_symmetry.space_group_name_H-M             'C 2 2 21' 
_symmetry.pdbx_full_space_group_name_H-M   ? 
_symmetry.cell_setting                     ? 
_symmetry.Int_Tables_number                20 
# 
_exptl.entry_id          1RBN 
_exptl.method            'X-RAY DIFFRACTION' 
_exptl.crystals_number   ? 
# 
_exptl_crystal.id                    1 
_exptl_crystal.density_meas          ? 
_exptl_crystal.density_Matthews      2.13 
_exptl_crystal.density_percent_sol   42.17 
_exptl_crystal.description           ? 
# 
_refine.entry_id                                 1RBN 
_refine.ls_number_reflns_obs                     6254 
_refine.ls_number_reflns_all                     ? 
_refine.pdbx_ls_sigma_I                          2. 
_refine.pdbx_ls_sigma_F                          ? 
_refine.pdbx_data_cutoff_high_absF               ? 
_refine.pdbx_data_cutoff_low_absF                ? 
_refine.pdbx_data_cutoff_high_rms_absF           ? 
_refine.ls_d_res_low                             8.0 
_refine.ls_d_res_high                            2.1 
_refine.ls_percent_reflns_obs                    ? 
_refine.ls_R_factor_obs                          0.166 
_refine.ls_R_factor_all                          ? 
_refine.ls_R_factor_R_work                       0.166 
_refine.ls_R_factor_R_free                       ? 
_refine.ls_R_factor_R_free_error                 ? 
_refine.ls_R_factor_R_free_error_details         ? 
_refine.ls_percent_reflns_R_free                 ? 
_refine.ls_number_reflns_R_free                  ? 
_refine.ls_number_parameters                     ? 
_refine.ls_number_restraints                     ? 
_refine.occupancy_min                            ? 
_refine.occupancy_max                            ? 
_refine.B_iso_mean                               ? 
_refine.aniso_B[1][1]                            ? 
_refine.aniso_B[2][2]                            ? 
_refine.aniso_B[3][3]                            ? 
_refine.aniso_B[1][2]                            ? 
_refine.aniso_B[1][3]                            ? 
_refine.aniso_B[2][3]                            ? 
_refine.solvent_model_details                    ? 
_refine.solvent_model_param_ksol                 ? 
_refine.solvent_model_param_bsol                 ? 
_refine.pdbx_ls_cross_valid_method               ? 
_refine.details                                  ? 
_refine.pdbx_starting_model                      ? 
_refine.pdbx_method_to_determine_struct          ? 
_refine.pdbx_isotropic_thermal_model             ? 
_refine.pdbx_stereochemistry_target_values       ? 
_refine.pdbx_stereochem_target_val_spec_case     ? 
_refine.pdbx_R_Free_selection_details            ? 
_refine.pdbx_overall_ESU_R                       ? 
_refine.pdbx_overall_ESU_R_Free                  ? 
_refine.overall_SU_ML                            ? 
_refine.overall_SU_B                             ? 
_refine.pdbx_refine_id                           'X-RAY DIFFRACTION' 
_refine.pdbx_diffrn_id                           1 
_refine.pdbx_TLS_residual_ADP_flag               ? 
_refine.correlation_coeff_Fo_to_Fc               ? 
_refine.correlation_coeff_Fo_to_Fc_free          ? 
_refine.pdbx_solvent_vdw_probe_radii             ? 
_refine.pdbx_solvent_ion_probe_radii             ? 
_refine.pdbx_solvent_shrinkage_radii             ? 
_refine.pdbx_overall_phase_error                 ? 
_refine.overall_SU_R_Cruickshank_DPI             ? 
_refine.pdbx_overall_SU_R_free_Cruickshank_DPI   ? 
_refine.pdbx_overall_SU_R_Blow_DPI               ? 
_refine.pdbx_overall_SU_R_free_Blow_DPI          ? 
# 
_refine_hist.pdbx_refine_id                   'X-RAY DIFFRACTION' 
_refine_hist.cycle_id                         LAST 
_refine_hist.pdbx_number_atoms_protein        957 
_refine_hist.pdbx_number_atoms_nucleic_acid   0 
_refine_hist.pdbx_number_atoms_ligand         22 
_refine_hist.number_atoms_solvent             110 
_refine_hist.number_atoms_total               1089 
_refine_hist.d_res_high                       2.1 
_refine_hist.d_res_low                        8.0 
# 
loop_
_refine_ls_restr.type 
_refine_ls_restr.dev_ideal 
_refine_ls_restr.dev_ideal_target 
_refine_ls_restr.weight 
_refine_ls_restr.number 
_refine_ls_restr.pdbx_refine_id 
_refine_ls_restr.pdbx_restraint_function 
x_bond_d                0.017 ? ? ? 'X-RAY DIFFRACTION' ? 
x_bond_d_na             ?     ? ? ? 'X-RAY DIFFRACTION' ? 
x_bond_d_prot           ?     ? ? ? 'X-RAY DIFFRACTION' ? 
x_angle_d               ?     ? ? ? 'X-RAY DIFFRACTION' ? 
x_angle_d_na            ?     ? ? ? 'X-RAY DIFFRACTION' ? 
x_angle_d_prot          ?     ? ? ? 'X-RAY DIFFRACTION' ? 
x_angle_deg             3.3   ? ? ? 'X-RAY DIFFRACTION' ? 
x_angle_deg_na          ?     ? ? ? 'X-RAY DIFFRACTION' ? 
x_angle_deg_prot        ?     ? ? ? 'X-RAY DIFFRACTION' ? 
x_dihedral_angle_d      ?     ? ? ? 'X-RAY DIFFRACTION' ? 
x_dihedral_angle_d_na   ?     ? ? ? 'X-RAY DIFFRACTION' ? 
x_dihedral_angle_d_prot ?     ? ? ? 'X-RAY DIFFRACTION' ? 
x_improper_angle_d      ?     ? ? ? 'X-RAY DIFFRACTION' ? 
x_improper_angle_d_na   ?     ? ? ? 'X-RAY DIFFRACTION' ? 
x_improper_angle_d_prot ?     ? ? ? 'X-RAY DIFFRACTION' ? 
x_mcbond_it             ?     ? ? ? 'X-RAY DIFFRACTION' ? 
x_mcangle_it            ?     ? ? ? 'X-RAY DIFFRACTION' ? 
x_scbond_it             ?     ? ? ? 'X-RAY DIFFRACTION' ? 
x_scangle_it            ?     ? ? ? 'X-RAY DIFFRACTION' ? 
# 
_struct.entry_id                  1RBN 
_struct.title                     'THE STRUCTURE OF RIBONUCLEASE A DERIVATIVE II AT 2.1 ANGSTROMS RESOLUTION' 
_struct.pdbx_model_details        ? 
_struct.pdbx_CASP_flag            ? 
_struct.pdbx_model_type_details   ? 
# 
_struct_keywords.entry_id        1RBN 
_struct_keywords.pdbx_keywords   'HYDROLASE(NUCLEIC ACID,RNA)' 
_struct_keywords.text            'HYDROLASE(NUCLEIC ACID, RNA)' 
# 
loop_
_struct_asym.id 
_struct_asym.pdbx_blank_PDB_chainid_flag 
_struct_asym.pdbx_modified 
_struct_asym.entity_id 
_struct_asym.details 
A N N 1 ? 
B N N 2 ? 
C N N 3 ? 
# 
_struct_ref.id                         1 
_struct_ref.db_name                    UNP 
_struct_ref.db_code                    RNAS1_BOVIN 
_struct_ref.entity_id                  1 
_struct_ref.pdbx_db_accession          P61823 
_struct_ref.pdbx_align_begin           1 
_struct_ref.pdbx_seq_one_letter_code   
;MALKSLVLLSLLVLVLLLVRVQPSLGKETAAAKFERQHMDSSTSAASSSNYCNQMMKSRNLTKDRCKPVNTFVHESLADV
QAVCSQKNVACKNGQTNCYQSYSTMSITDCRETGSSKYPNCAYKTTQANKHIIVACEGNPYVPVHFDASV
;
_struct_ref.pdbx_db_isoform            ? 
# 
_struct_ref_seq.align_id                      1 
_struct_ref_seq.ref_id                        1 
_struct_ref_seq.pdbx_PDB_id_code              1RBN 
_struct_ref_seq.pdbx_strand_id                A 
_struct_ref_seq.seq_align_beg                 1 
_struct_ref_seq.pdbx_seq_align_beg_ins_code   ? 
_struct_ref_seq.seq_align_end                 124 
_struct_ref_seq.pdbx_seq_align_end_ins_code   ? 
_struct_ref_seq.pdbx_db_accession             P61823 
_struct_ref_seq.db_align_beg                  27 
_struct_ref_seq.pdbx_db_align_beg_ins_code    ? 
_struct_ref_seq.db_align_end                  150 
_struct_ref_seq.pdbx_db_align_end_ins_code    ? 
_struct_ref_seq.pdbx_auth_seq_align_beg       1 
_struct_ref_seq.pdbx_auth_seq_align_end       124 
# 
_pdbx_struct_assembly.id                   1 
_pdbx_struct_assembly.details              author_defined_assembly 
_pdbx_struct_assembly.method_details       ? 
_pdbx_struct_assembly.oligomeric_details   monomeric 
_pdbx_struct_assembly.oligomeric_count     1 
# 
_pdbx_struct_assembly_gen.assembly_id       1 
_pdbx_struct_assembly_gen.oper_expression   1 
_pdbx_struct_assembly_gen.asym_id_list      A,B,C 
# 
_pdbx_struct_oper_list.id                   1 
_pdbx_struct_oper_list.type                 'identity operation' 
_pdbx_struct_oper_list.name                 1_555 
_pdbx_struct_oper_list.symmetry_operation   x,y,z 
_pdbx_struct_oper_list.matrix[1][1]         1.0000000000 
_pdbx_struct_oper_list.matrix[1][2]         0.0000000000 
_pdbx_struct_oper_list.matrix[1][3]         0.0000000000 
_pdbx_struct_oper_list.vector[1]            0.0000000000 
_pdbx_struct_oper_list.matrix[2][1]         0.0000000000 
_pdbx_struct_oper_list.matrix[2][2]         1.0000000000 
_pdbx_struct_oper_list.matrix[2][3]         0.0000000000 
_pdbx_struct_oper_list.vector[2]            0.0000000000 
_pdbx_struct_oper_list.matrix[3][1]         0.0000000000 
_pdbx_struct_oper_list.matrix[3][2]         0.0000000000 
_pdbx_struct_oper_list.matrix[3][3]         1.0000000000 
_pdbx_struct_oper_list.vector[3]            0.0000000000 
# 
_struct_biol.id   1 
# 
loop_
_struct_conf.conf_type_id 
_struct_conf.id 
_struct_conf.pdbx_PDB_helix_id 
_struct_conf.beg_label_comp_id 
_struct_conf.beg_label_asym_id 
_struct_conf.beg_label_seq_id 
_struct_conf.pdbx_beg_PDB_ins_code 
_struct_conf.end_label_comp_id 
_struct_conf.end_label_asym_id 
_struct_conf.end_label_seq_id 
_struct_conf.pdbx_end_PDB_ins_code 
_struct_conf.beg_auth_comp_id 
_struct_conf.beg_auth_asym_id 
_struct_conf.beg_auth_seq_id 
_struct_conf.end_auth_comp_id 
_struct_conf.end_auth_asym_id 
_struct_conf.end_auth_seq_id 
_struct_conf.pdbx_PDB_helix_class 
_struct_conf.details 
_struct_conf.pdbx_PDB_helix_length 
HELX_P HELX_P1 H1 THR A 3  ? MET A 13 ? THR A 3  MET A 13 1 ?                               11 
HELX_P HELX_P2 H2 ASN A 24 ? ASN A 34 ? ASN A 24 ASN A 34 1 'RESIDUE 34 IN 3/10 CONFIG'     11 
HELX_P HELX_P3 H3 SER A 50 ? GLN A 60 ? SER A 50 GLN A 60 1 'RESIDUES 56-60 IN 3/10 CONFIG' 11 
# 
_struct_conf_type.id          HELX_P 
_struct_conf_type.criteria    ? 
_struct_conf_type.reference   ? 
# 
loop_
_struct_conn.id 
_struct_conn.conn_type_id 
_struct_conn.pdbx_leaving_atom_flag 
_struct_conn.pdbx_PDB_id 
_struct_conn.ptnr1_label_asym_id 
_struct_conn.ptnr1_label_comp_id 
_struct_conn.ptnr1_label_seq_id 
_struct_conn.ptnr1_label_atom_id 
_struct_conn.pdbx_ptnr1_label_alt_id 
_struct_conn.pdbx_ptnr1_PDB_ins_code 
_struct_conn.pdbx_ptnr1_standard_comp_id 
_struct_conn.ptnr1_symmetry 
_struct_conn.ptnr2_label_asym_id 
_struct_conn.ptnr2_label_comp_id 
_struct_conn.ptnr2_label_seq_id 
_struct_conn.ptnr2_label_atom_id 
_struct_conn.pdbx_ptnr2_label_alt_id 
_struct_conn.pdbx_ptnr2_PDB_ins_code 
_struct_conn.ptnr1_auth_asym_id 
_struct_conn.ptnr1_auth_comp_id 
_struct_conn.ptnr1_auth_seq_id 
_struct_conn.ptnr2_auth_asym_id 
_struct_conn.ptnr2_auth_comp_id 
_struct_conn.ptnr2_auth_seq_id 
_struct_conn.ptnr2_symmetry 
_struct_conn.pdbx_ptnr3_label_atom_id 
_struct_conn.pdbx_ptnr3_label_seq_id 
_struct_conn.pdbx_ptnr3_label_comp_id 
_struct_conn.pdbx_ptnr3_label_asym_id 
_struct_conn.pdbx_ptnr3_label_alt_id 
_struct_conn.pdbx_ptnr3_PDB_ins_code 
_struct_conn.details 
_struct_conn.pdbx_dist_value 
_struct_conn.pdbx_value_order 
_struct_conn.pdbx_role 
disulf1 disulf ?   ? A CYS 26 SG ? ? ? 1_555 A CYS 84  SG ? ? A CYS 26 A CYS 84  1_555 ? ? ? ? ? ? ? 2.007 ? ? 
disulf2 disulf ?   ? A CYS 40 SG ? ? ? 1_555 A CYS 95  SG ? ? A CYS 40 A CYS 95  1_555 ? ? ? ? ? ? ? 2.016 ? ? 
disulf3 disulf ?   ? A CYS 58 SG ? ? ? 1_555 A CYS 110 SG ? ? A CYS 58 A CYS 110 1_555 ? ? ? ? ? ? ? 1.993 ? ? 
disulf4 disulf ?   ? A CYS 65 SG ? ? ? 1_555 A CYS 72  SG ? ? A CYS 65 A CYS 72  1_555 ? ? ? ? ? ? ? 2.015 ? ? 
covale1 covale one ? A LYS 1  N  ? ? ? 1_555 B P5P .   C6 ? ? A LYS 1  A P5P 125 1_555 ? ? ? ? ? ? ? 1.341 ? ? 
# 
loop_
_struct_conn_type.id 
_struct_conn_type.criteria 
_struct_conn_type.reference 
disulf ? ? 
covale ? ? 
# 
loop_
_pdbx_modification_feature.ordinal 
_pdbx_modification_feature.label_comp_id 
_pdbx_modification_feature.label_asym_id 
_pdbx_modification_feature.label_seq_id 
_pdbx_modification_feature.label_alt_id 
_pdbx_modification_feature.modified_residue_label_comp_id 
_pdbx_modification_feature.modified_residue_label_asym_id 
_pdbx_modification_feature.modified_residue_label_seq_id 
_pdbx_modification_feature.modified_residue_label_alt_id 
_pdbx_modification_feature.auth_comp_id 
_pdbx_modification_feature.auth_asym_id 
_pdbx_modification_feature.auth_seq_id 
_pdbx_modification_feature.PDB_ins_code 
_pdbx_modification_feature.symmetry 
_pdbx_modification_feature.modified_residue_auth_comp_id 
_pdbx_modification_feature.modified_residue_auth_asym_id 
_pdbx_modification_feature.modified_residue_auth_seq_id 
_pdbx_modification_feature.modified_residue_PDB_ins_code 
_pdbx_modification_feature.modified_residue_symmetry 
_pdbx_modification_feature.comp_id_linking_atom 
_pdbx_modification_feature.modified_residue_id_linking_atom 
_pdbx_modification_feature.modified_residue_id 
_pdbx_modification_feature.ref_pcm_id 
_pdbx_modification_feature.ref_comp_id 
_pdbx_modification_feature.type 
_pdbx_modification_feature.category 
1 P5P B .  ? LYS A 1   ? P5P A 125 ? 1_555 LYS A 1   ? 1_555 C6 N  LYS 1 P5P None 'Covalent chemical modification' 
2 CYS A 26 ? CYS A 84  ? CYS A 26  ? 1_555 CYS A 84  ? 1_555 SG SG .   . .   None 'Disulfide bridge'               
3 CYS A 40 ? CYS A 95  ? CYS A 40  ? 1_555 CYS A 95  ? 1_555 SG SG .   . .   None 'Disulfide bridge'               
4 CYS A 58 ? CYS A 110 ? CYS A 58  ? 1_555 CYS A 110 ? 1_555 SG SG .   . .   None 'Disulfide bridge'               
5 CYS A 65 ? CYS A 72  ? CYS A 65  ? 1_555 CYS A 72  ? 1_555 SG SG .   . .   None 'Disulfide bridge'               
# 
loop_
_struct_mon_prot_cis.pdbx_id 
_struct_mon_prot_cis.label_comp_id 
_struct_mon_prot_cis.label_seq_id 
_struct_mon_prot_cis.label_asym_id 
_struct_mon_prot_cis.label_alt_id 
_struct_mon_prot_cis.pdbx_PDB_ins_code 
_struct_mon_prot_cis.auth_comp_id 
_struct_mon_prot_cis.auth_seq_id 
_struct_mon_prot_cis.auth_asym_id 
_struct_mon_prot_cis.pdbx_label_comp_id_2 
_struct_mon_prot_cis.pdbx_label_seq_id_2 
_struct_mon_prot_cis.pdbx_label_asym_id_2 
_struct_mon_prot_cis.pdbx_PDB_ins_code_2 
_struct_mon_prot_cis.pdbx_auth_comp_id_2 
_struct_mon_prot_cis.pdbx_auth_seq_id_2 
_struct_mon_prot_cis.pdbx_auth_asym_id_2 
_struct_mon_prot_cis.pdbx_PDB_model_num 
_struct_mon_prot_cis.pdbx_omega_angle 
1 TYR 92  A . ? TYR 92  A PRO 93  A ? PRO 93  A 1 16.36  
2 ASN 113 A . ? ASN 113 A PRO 114 A ? PRO 114 A 1 -16.01 
# 
loop_
_struct_sheet.id 
_struct_sheet.type 
_struct_sheet.number_strands 
_struct_sheet.details 
S1A ? 3 ? 
S1B ? 3 ? 
S2A ? 4 ? 
S2B ? 4 ? 
# 
loop_
_struct_sheet_order.sheet_id 
_struct_sheet_order.range_id_1 
_struct_sheet_order.range_id_2 
_struct_sheet_order.offset 
_struct_sheet_order.sense 
S1A 1 2 ? anti-parallel 
S1A 2 3 ? anti-parallel 
S1B 1 2 ? anti-parallel 
S1B 2 3 ? anti-parallel 
S2A 1 2 ? anti-parallel 
S2A 2 3 ? anti-parallel 
S2A 3 4 ? anti-parallel 
S2B 1 2 ? anti-parallel 
S2B 2 3 ? anti-parallel 
S2B 3 4 ? anti-parallel 
# 
loop_
_struct_sheet_range.sheet_id 
_struct_sheet_range.id 
_struct_sheet_range.beg_label_comp_id 
_struct_sheet_range.beg_label_asym_id 
_struct_sheet_range.beg_label_seq_id 
_struct_sheet_range.pdbx_beg_PDB_ins_code 
_struct_sheet_range.end_label_comp_id 
_struct_sheet_range.end_label_asym_id 
_struct_sheet_range.end_label_seq_id 
_struct_sheet_range.pdbx_end_PDB_ins_code 
_struct_sheet_range.beg_auth_comp_id 
_struct_sheet_range.beg_auth_asym_id 
_struct_sheet_range.beg_auth_seq_id 
_struct_sheet_range.end_auth_comp_id 
_struct_sheet_range.end_auth_asym_id 
_struct_sheet_range.end_auth_seq_id 
S1A 1 LYS A 41  ? HIS A 48  ? LYS A 41  HIS A 48  
S1A 2 MET A 79  ? THR A 87  ? MET A 79  THR A 87  
S1A 3 ASN A 94  ? LYS A 104 ? ASN A 94  LYS A 104 
S1B 1 LYS A 41  ? HIS A 48  ? LYS A 41  HIS A 48  
S1B 2 SER A 90  ? LYS A 91  ? SER A 90  LYS A 91  
S1B 3 ASN A 94  ? LYS A 104 ? ASN A 94  LYS A 104 
S2A 1 LYS A 61  ? ALA A 64  ? LYS A 61  ALA A 64  
S2A 2 ASN A 71  ? SER A 75  ? ASN A 71  SER A 75  
S2A 3 HIS A 105 ? ASN A 113 ? HIS A 105 ASN A 113 
S2A 4 PRO A 114 ? HIS A 119 ? PRO A 114 HIS A 119 
S2B 1 LYS A 61  ? ALA A 64  ? LYS A 61  ALA A 64  
S2B 2 ASN A 71  ? SER A 75  ? ASN A 71  SER A 75  
S2B 3 HIS A 105 ? ASN A 113 ? HIS A 105 ASN A 113 
S2B 4 ASP A 121 ? VAL A 124 ? ASP A 121 VAL A 124 
# 
loop_
_pdbx_struct_sheet_hbond.sheet_id 
_pdbx_struct_sheet_hbond.range_id_1 
_pdbx_struct_sheet_hbond.range_id_2 
_pdbx_struct_sheet_hbond.range_1_label_atom_id 
_pdbx_struct_sheet_hbond.range_1_label_comp_id 
_pdbx_struct_sheet_hbond.range_1_label_asym_id 
_pdbx_struct_sheet_hbond.range_1_label_seq_id 
_pdbx_struct_sheet_hbond.range_1_PDB_ins_code 
_pdbx_struct_sheet_hbond.range_1_auth_atom_id 
_pdbx_struct_sheet_hbond.range_1_auth_comp_id 
_pdbx_struct_sheet_hbond.range_1_auth_asym_id 
_pdbx_struct_sheet_hbond.range_1_auth_seq_id 
_pdbx_struct_sheet_hbond.range_2_label_atom_id 
_pdbx_struct_sheet_hbond.range_2_label_comp_id 
_pdbx_struct_sheet_hbond.range_2_label_asym_id 
_pdbx_struct_sheet_hbond.range_2_label_seq_id 
_pdbx_struct_sheet_hbond.range_2_PDB_ins_code 
_pdbx_struct_sheet_hbond.range_2_auth_atom_id 
_pdbx_struct_sheet_hbond.range_2_auth_comp_id 
_pdbx_struct_sheet_hbond.range_2_auth_asym_id 
_pdbx_struct_sheet_hbond.range_2_auth_seq_id 
S1A 1 2 O PRO A 42  ? O PRO A 42  N GLU A 86  ? N GLU A 86  
S1A 2 3 N MET A 79  ? N MET A 79  O LYS A 104 ? O LYS A 104 
S1B 2 3 N LYS A 91  ? N LYS A 91  O ASN A 94  ? O ASN A 94  
S2A 1 2 N VAL A 63  ? N VAL A 63  O CYS A 72  ? O CYS A 72  
S2A 2 3 N TYR A 73  ? N TYR A 73  O VAL A 108 ? O VAL A 108 
S2A 3 4 N GLU A 111 ? N GLU A 111 O VAL A 116 ? O VAL A 116 
S2B 1 2 N VAL A 63  ? N VAL A 63  O CYS A 72  ? O CYS A 72  
S2B 2 3 N TYR A 73  ? N TYR A 73  O VAL A 108 ? O VAL A 108 
S2B 3 4 O HIS A 105 ? O HIS A 105 N VAL A 124 ? N VAL A 124 
# 
loop_
_struct_site.id 
_struct_site.pdbx_evidence_code 
_struct_site.pdbx_auth_asym_id 
_struct_site.pdbx_auth_comp_id 
_struct_site.pdbx_auth_seq_id 
_struct_site.pdbx_auth_ins_code 
_struct_site.pdbx_num_residues 
_struct_site.details 
ACT Author   ? ?   ?   ? 9 'ACTIVE SITE OF THE ENZYME'          
AC1 Software A P5P 125 ? 9 'BINDING SITE FOR RESIDUE P5P A 125' 
# 
loop_
_struct_site_gen.id 
_struct_site_gen.site_id 
_struct_site_gen.pdbx_num_res 
_struct_site_gen.label_comp_id 
_struct_site_gen.label_asym_id 
_struct_site_gen.label_seq_id 
_struct_site_gen.pdbx_auth_ins_code 
_struct_site_gen.auth_comp_id 
_struct_site_gen.auth_asym_id 
_struct_site_gen.auth_seq_id 
_struct_site_gen.label_atom_id 
_struct_site_gen.label_alt_id 
_struct_site_gen.symmetry 
_struct_site_gen.details 
1  ACT 9 HIS A 12  ? HIS A 12  . ? 1_555 ? 
2  ACT 9 LYS A 41  ? LYS A 41  . ? 1_555 ? 
3  ACT 9 VAL A 43  ? VAL A 43  . ? 1_555 ? 
4  ACT 9 ASN A 44  ? ASN A 44  . ? 1_555 ? 
5  ACT 9 THR A 45  ? THR A 45  . ? 1_555 ? 
6  ACT 9 HIS A 119 ? HIS A 119 . ? 1_555 ? 
7  ACT 9 PHE A 120 ? PHE A 120 . ? 1_555 ? 
8  ACT 9 ASP A 121 ? ASP A 121 . ? 1_555 ? 
9  ACT 9 SER A 123 ? SER A 123 . ? 1_555 ? 
10 AC1 9 LYS A 1   ? LYS A 1   . ? 1_555 ? 
11 AC1 9 GLU A 2   ? GLU A 2   . ? 1_555 ? 
12 AC1 9 THR A 3   ? THR A 3   . ? 1_555 ? 
13 AC1 9 ALA A 4   ? ALA A 4   . ? 1_555 ? 
14 AC1 9 TYR A 76  ? TYR A 76  . ? 7_544 ? 
15 AC1 9 SER A 77  ? SER A 77  . ? 7_544 ? 
16 AC1 9 HOH C .   ? HOH A 198 . ? 1_555 ? 
17 AC1 9 HOH C .   ? HOH A 207 . ? 1_555 ? 
18 AC1 9 HOH C .   ? HOH A 212 . ? 1_555 ? 
# 
_pdbx_entry_details.entry_id                   1RBN 
_pdbx_entry_details.compound_details           ? 
_pdbx_entry_details.source_details             ? 
_pdbx_entry_details.nonpolymer_details         ? 
_pdbx_entry_details.sequence_details           ? 
_pdbx_entry_details.has_ligand_of_interest     ? 
_pdbx_entry_details.has_protein_modification   Y 
# 
loop_
_pdbx_validate_rmsd_bond.id 
_pdbx_validate_rmsd_bond.PDB_model_num 
_pdbx_validate_rmsd_bond.auth_atom_id_1 
_pdbx_validate_rmsd_bond.auth_asym_id_1 
_pdbx_validate_rmsd_bond.auth_comp_id_1 
_pdbx_validate_rmsd_bond.auth_seq_id_1 
_pdbx_validate_rmsd_bond.PDB_ins_code_1 
_pdbx_validate_rmsd_bond.label_alt_id_1 
_pdbx_validate_rmsd_bond.auth_atom_id_2 
_pdbx_validate_rmsd_bond.auth_asym_id_2 
_pdbx_validate_rmsd_bond.auth_comp_id_2 
_pdbx_validate_rmsd_bond.auth_seq_id_2 
_pdbx_validate_rmsd_bond.PDB_ins_code_2 
_pdbx_validate_rmsd_bond.label_alt_id_2 
_pdbx_validate_rmsd_bond.bond_value 
_pdbx_validate_rmsd_bond.bond_target_value 
_pdbx_validate_rmsd_bond.bond_deviation 
_pdbx_validate_rmsd_bond.bond_standard_deviation 
_pdbx_validate_rmsd_bond.linker_flag 
1 1 NE2 A HIS 12  ? ? CD2 A HIS 12  ? ? 1.302 1.373 -0.071 0.011 N 
2 1 NE2 A HIS 48  ? ? CD2 A HIS 48  ? ? 1.298 1.373 -0.075 0.011 N 
3 1 NE2 A HIS 119 ? A CD2 A HIS 119 ? A 1.304 1.373 -0.069 0.011 N 
4 1 NE2 A HIS 119 ? B CD2 A HIS 119 ? B 1.302 1.373 -0.071 0.011 N 
# 
loop_
_pdbx_validate_rmsd_angle.id 
_pdbx_validate_rmsd_angle.PDB_model_num 
_pdbx_validate_rmsd_angle.auth_atom_id_1 
_pdbx_validate_rmsd_angle.auth_asym_id_1 
_pdbx_validate_rmsd_angle.auth_comp_id_1 
_pdbx_validate_rmsd_angle.auth_seq_id_1 
_pdbx_validate_rmsd_angle.PDB_ins_code_1 
_pdbx_validate_rmsd_angle.label_alt_id_1 
_pdbx_validate_rmsd_angle.auth_atom_id_2 
_pdbx_validate_rmsd_angle.auth_asym_id_2 
_pdbx_validate_rmsd_angle.auth_comp_id_2 
_pdbx_validate_rmsd_angle.auth_seq_id_2 
_pdbx_validate_rmsd_angle.PDB_ins_code_2 
_pdbx_validate_rmsd_angle.label_alt_id_2 
_pdbx_validate_rmsd_angle.auth_atom_id_3 
_pdbx_validate_rmsd_angle.auth_asym_id_3 
_pdbx_validate_rmsd_angle.auth_comp_id_3 
_pdbx_validate_rmsd_angle.auth_seq_id_3 
_pdbx_validate_rmsd_angle.PDB_ins_code_3 
_pdbx_validate_rmsd_angle.label_alt_id_3 
_pdbx_validate_rmsd_angle.angle_value 
_pdbx_validate_rmsd_angle.angle_target_value 
_pdbx_validate_rmsd_angle.angle_deviation 
_pdbx_validate_rmsd_angle.angle_standard_deviation 
_pdbx_validate_rmsd_angle.linker_flag 
1  1 CB  A ARG 39  ? ? CG A ARG 39  ? ? CD  A ARG 39  ? ? 94.75  111.60 -16.85 2.60 N 
2  1 NE  A ARG 39  ? ? CZ A ARG 39  ? ? NH2 A ARG 39  ? ? 116.55 120.30 -3.75  0.50 N 
3  1 CA  A CYS 40  ? ? CB A CYS 40  ? ? SG  A CYS 40  ? ? 122.77 114.20 8.57   1.10 N 
4  1 CG1 A VAL 43  ? ? CB A VAL 43  ? ? CG2 A VAL 43  ? ? 100.57 110.90 -10.33 1.60 N 
5  1 NE  A ARG 85  ? ? CZ A ARG 85  ? ? NH1 A ARG 85  ? ? 123.52 120.30 3.22   0.50 N 
6  1 CB  A HIS 119 ? A CA A HIS 119 ? ? C   A HIS 119 ? ? 92.48  110.40 -17.92 2.00 N 
7  1 CB  A HIS 119 ? B CA A HIS 119 ? ? C   A HIS 119 ? ? 128.72 110.40 18.32  2.00 N 
8  1 N   A HIS 119 ? ? CA A HIS 119 ? ? CB  A HIS 119 ? A 123.49 110.60 12.89  1.80 N 
9  1 N   A HIS 119 ? ? CA A HIS 119 ? ? CB  A HIS 119 ? B 97.05  110.60 -13.55 1.80 N 
10 1 CA  A HIS 119 ? ? CB A HIS 119 ? A CG  A HIS 119 ? A 129.98 113.60 16.38  1.70 N 
11 1 CB  A HIS 119 ? A CG A HIS 119 ? A CD2 A HIS 119 ? A 119.97 129.70 -9.73  1.60 N 
# 
loop_
_pdbx_validate_torsion.id 
_pdbx_validate_torsion.PDB_model_num 
_pdbx_validate_torsion.auth_comp_id 
_pdbx_validate_torsion.auth_asym_id 
_pdbx_validate_torsion.auth_seq_id 
_pdbx_validate_torsion.PDB_ins_code 
_pdbx_validate_torsion.label_alt_id 
_pdbx_validate_torsion.phi 
_pdbx_validate_torsion.psi 
1 1 HIS A 48 ? ? -104.57 68.28   
2 1 GLN A 60 ? ? -108.80 -128.04 
3 1 ASN A 71 ? ? -99.34  35.36   
# 
loop_
_chem_comp_atom.comp_id 
_chem_comp_atom.atom_id 
_chem_comp_atom.type_symbol 
_chem_comp_atom.pdbx_aromatic_flag 
_chem_comp_atom.pdbx_stereo_config 
_chem_comp_atom.pdbx_ordinal 
ALA N      N N N 1   
ALA CA     C N S 2   
ALA C      C N N 3   
ALA O      O N N 4   
ALA CB     C N N 5   
ALA OXT    O N N 6   
ALA H      H N N 7   
ALA H2     H N N 8   
ALA HA     H N N 9   
ALA HB1    H N N 10  
ALA HB2    H N N 11  
ALA HB3    H N N 12  
ALA HXT    H N N 13  
ARG N      N N N 14  
ARG CA     C N S 15  
ARG C      C N N 16  
ARG O      O N N 17  
ARG CB     C N N 18  
ARG CG     C N N 19  
ARG CD     C N N 20  
ARG NE     N N N 21  
ARG CZ     C N N 22  
ARG NH1    N N N 23  
ARG NH2    N N N 24  
ARG OXT    O N N 25  
ARG H      H N N 26  
ARG H2     H N N 27  
ARG HA     H N N 28  
ARG HB2    H N N 29  
ARG HB3    H N N 30  
ARG HG2    H N N 31  
ARG HG3    H N N 32  
ARG HD2    H N N 33  
ARG HD3    H N N 34  
ARG HE     H N N 35  
ARG HH11   H N N 36  
ARG HH12   H N N 37  
ARG HH21   H N N 38  
ARG HH22   H N N 39  
ARG HXT    H N N 40  
ASN N      N N N 41  
ASN CA     C N S 42  
ASN C      C N N 43  
ASN O      O N N 44  
ASN CB     C N N 45  
ASN CG     C N N 46  
ASN OD1    O N N 47  
ASN ND2    N N N 48  
ASN OXT    O N N 49  
ASN H      H N N 50  
ASN H2     H N N 51  
ASN HA     H N N 52  
ASN HB2    H N N 53  
ASN HB3    H N N 54  
ASN HD21   H N N 55  
ASN HD22   H N N 56  
ASN HXT    H N N 57  
ASP N      N N N 58  
ASP CA     C N S 59  
ASP C      C N N 60  
ASP O      O N N 61  
ASP CB     C N N 62  
ASP CG     C N N 63  
ASP OD1    O N N 64  
ASP OD2    O N N 65  
ASP OXT    O N N 66  
ASP H      H N N 67  
ASP H2     H N N 68  
ASP HA     H N N 69  
ASP HB2    H N N 70  
ASP HB3    H N N 71  
ASP HD2    H N N 72  
ASP HXT    H N N 73  
CYS N      N N N 74  
CYS CA     C N R 75  
CYS C      C N N 76  
CYS O      O N N 77  
CYS CB     C N N 78  
CYS SG     S N N 79  
CYS OXT    O N N 80  
CYS H      H N N 81  
CYS H2     H N N 82  
CYS HA     H N N 83  
CYS HB2    H N N 84  
CYS HB3    H N N 85  
CYS HG     H N N 86  
CYS HXT    H N N 87  
GLN N      N N N 88  
GLN CA     C N S 89  
GLN C      C N N 90  
GLN O      O N N 91  
GLN CB     C N N 92  
GLN CG     C N N 93  
GLN CD     C N N 94  
GLN OE1    O N N 95  
GLN NE2    N N N 96  
GLN OXT    O N N 97  
GLN H      H N N 98  
GLN H2     H N N 99  
GLN HA     H N N 100 
GLN HB2    H N N 101 
GLN HB3    H N N 102 
GLN HG2    H N N 103 
GLN HG3    H N N 104 
GLN HE21   H N N 105 
GLN HE22   H N N 106 
GLN HXT    H N N 107 
GLU N      N N N 108 
GLU CA     C N S 109 
GLU C      C N N 110 
GLU O      O N N 111 
GLU CB     C N N 112 
GLU CG     C N N 113 
GLU CD     C N N 114 
GLU OE1    O N N 115 
GLU OE2    O N N 116 
GLU OXT    O N N 117 
GLU H      H N N 118 
GLU H2     H N N 119 
GLU HA     H N N 120 
GLU HB2    H N N 121 
GLU HB3    H N N 122 
GLU HG2    H N N 123 
GLU HG3    H N N 124 
GLU HE2    H N N 125 
GLU HXT    H N N 126 
GLY N      N N N 127 
GLY CA     C N N 128 
GLY C      C N N 129 
GLY O      O N N 130 
GLY OXT    O N N 131 
GLY H      H N N 132 
GLY H2     H N N 133 
GLY HA2    H N N 134 
GLY HA3    H N N 135 
GLY HXT    H N N 136 
HIS N      N N N 137 
HIS CA     C N S 138 
HIS C      C N N 139 
HIS O      O N N 140 
HIS CB     C N N 141 
HIS CG     C Y N 142 
HIS ND1    N Y N 143 
HIS CD2    C Y N 144 
HIS CE1    C Y N 145 
HIS NE2    N Y N 146 
HIS OXT    O N N 147 
HIS H      H N N 148 
HIS H2     H N N 149 
HIS HA     H N N 150 
HIS HB2    H N N 151 
HIS HB3    H N N 152 
HIS HD1    H N N 153 
HIS HD2    H N N 154 
HIS HE1    H N N 155 
HIS HE2    H N N 156 
HIS HXT    H N N 157 
HOH O      O N N 158 
HOH H1     H N N 159 
HOH H2     H N N 160 
ILE N      N N N 161 
ILE CA     C N S 162 
ILE C      C N N 163 
ILE O      O N N 164 
ILE CB     C N S 165 
ILE CG1    C N N 166 
ILE CG2    C N N 167 
ILE CD1    C N N 168 
ILE OXT    O N N 169 
ILE H      H N N 170 
ILE H2     H N N 171 
ILE HA     H N N 172 
ILE HB     H N N 173 
ILE HG12   H N N 174 
ILE HG13   H N N 175 
ILE HG21   H N N 176 
ILE HG22   H N N 177 
ILE HG23   H N N 178 
ILE HD11   H N N 179 
ILE HD12   H N N 180 
ILE HD13   H N N 181 
ILE HXT    H N N 182 
LEU N      N N N 183 
LEU CA     C N S 184 
LEU C      C N N 185 
LEU O      O N N 186 
LEU CB     C N N 187 
LEU CG     C N N 188 
LEU CD1    C N N 189 
LEU CD2    C N N 190 
LEU OXT    O N N 191 
LEU H      H N N 192 
LEU H2     H N N 193 
LEU HA     H N N 194 
LEU HB2    H N N 195 
LEU HB3    H N N 196 
LEU HG     H N N 197 
LEU HD11   H N N 198 
LEU HD12   H N N 199 
LEU HD13   H N N 200 
LEU HD21   H N N 201 
LEU HD22   H N N 202 
LEU HD23   H N N 203 
LEU HXT    H N N 204 
LYS N      N N N 205 
LYS CA     C N S 206 
LYS C      C N N 207 
LYS O      O N N 208 
LYS CB     C N N 209 
LYS CG     C N N 210 
LYS CD     C N N 211 
LYS CE     C N N 212 
LYS NZ     N N N 213 
LYS OXT    O N N 214 
LYS H      H N N 215 
LYS H2     H N N 216 
LYS HA     H N N 217 
LYS HB2    H N N 218 
LYS HB3    H N N 219 
LYS HG2    H N N 220 
LYS HG3    H N N 221 
LYS HD2    H N N 222 
LYS HD3    H N N 223 
LYS HE2    H N N 224 
LYS HE3    H N N 225 
LYS HZ1    H N N 226 
LYS HZ2    H N N 227 
LYS HZ3    H N N 228 
LYS HXT    H N N 229 
MET N      N N N 230 
MET CA     C N S 231 
MET C      C N N 232 
MET O      O N N 233 
MET CB     C N N 234 
MET CG     C N N 235 
MET SD     S N N 236 
MET CE     C N N 237 
MET OXT    O N N 238 
MET H      H N N 239 
MET H2     H N N 240 
MET HA     H N N 241 
MET HB2    H N N 242 
MET HB3    H N N 243 
MET HG2    H N N 244 
MET HG3    H N N 245 
MET HE1    H N N 246 
MET HE2    H N N 247 
MET HE3    H N N 248 
MET HXT    H N N 249 
P5P N1     N Y N 250 
P5P C2     C Y N 251 
P5P N3     N Y N 252 
P5P C4     C Y N 253 
P5P C5     C Y N 254 
P5P C6     C Y N 255 
P5P N7     N Y N 256 
P5P C8     C Y N 257 
P5P N9     N Y N 258 
P5P "C1'"  C N R 259 
P5P "C2'"  C N R 260 
P5P "O2'"  O N N 261 
P5P "C3'"  C N S 262 
P5P "O3'"  O N N 263 
P5P "C4'"  C N R 264 
P5P "O4'"  O N N 265 
P5P "C5'"  C N N 266 
P5P "O5'"  O N N 267 
P5P P      P N N 268 
P5P OP1    O N N 269 
P5P OP2    O N N 270 
P5P OP3    O N N 271 
P5P H2     H N N 272 
P5P H6     H N N 273 
P5P H8     H N N 274 
P5P "H1'"  H N N 275 
P5P "H2'"  H N N 276 
P5P "HO2'" H N N 277 
P5P "H3'"  H N N 278 
P5P "HO3'" H N N 279 
P5P "H4'"  H N N 280 
P5P "H5'1" H N N 281 
P5P "H5'2" H N N 282 
P5P HOP2   H N N 283 
P5P HOP3   H N N 284 
PHE N      N N N 285 
PHE CA     C N S 286 
PHE C      C N N 287 
PHE O      O N N 288 
PHE CB     C N N 289 
PHE CG     C Y N 290 
PHE CD1    C Y N 291 
PHE CD2    C Y N 292 
PHE CE1    C Y N 293 
PHE CE2    C Y N 294 
PHE CZ     C Y N 295 
PHE OXT    O N N 296 
PHE H      H N N 297 
PHE H2     H N N 298 
PHE HA     H N N 299 
PHE HB2    H N N 300 
PHE HB3    H N N 301 
PHE HD1    H N N 302 
PHE HD2    H N N 303 
PHE HE1    H N N 304 
PHE HE2    H N N 305 
PHE HZ     H N N 306 
PHE HXT    H N N 307 
PRO N      N N N 308 
PRO CA     C N S 309 
PRO C      C N N 310 
PRO O      O N N 311 
PRO CB     C N N 312 
PRO CG     C N N 313 
PRO CD     C N N 314 
PRO OXT    O N N 315 
PRO H      H N N 316 
PRO HA     H N N 317 
PRO HB2    H N N 318 
PRO HB3    H N N 319 
PRO HG2    H N N 320 
PRO HG3    H N N 321 
PRO HD2    H N N 322 
PRO HD3    H N N 323 
PRO HXT    H N N 324 
SER N      N N N 325 
SER CA     C N S 326 
SER C      C N N 327 
SER O      O N N 328 
SER CB     C N N 329 
SER OG     O N N 330 
SER OXT    O N N 331 
SER H      H N N 332 
SER H2     H N N 333 
SER HA     H N N 334 
SER HB2    H N N 335 
SER HB3    H N N 336 
SER HG     H N N 337 
SER HXT    H N N 338 
THR N      N N N 339 
THR CA     C N S 340 
THR C      C N N 341 
THR O      O N N 342 
THR CB     C N R 343 
THR OG1    O N N 344 
THR CG2    C N N 345 
THR OXT    O N N 346 
THR H      H N N 347 
THR H2     H N N 348 
THR HA     H N N 349 
THR HB     H N N 350 
THR HG1    H N N 351 
THR HG21   H N N 352 
THR HG22   H N N 353 
THR HG23   H N N 354 
THR HXT    H N N 355 
TYR N      N N N 356 
TYR CA     C N S 357 
TYR C      C N N 358 
TYR O      O N N 359 
TYR CB     C N N 360 
TYR CG     C Y N 361 
TYR CD1    C Y N 362 
TYR CD2    C Y N 363 
TYR CE1    C Y N 364 
TYR CE2    C Y N 365 
TYR CZ     C Y N 366 
TYR OH     O N N 367 
TYR OXT    O N N 368 
TYR H      H N N 369 
TYR H2     H N N 370 
TYR HA     H N N 371 
TYR HB2    H N N 372 
TYR HB3    H N N 373 
TYR HD1    H N N 374 
TYR HD2    H N N 375 
TYR HE1    H N N 376 
TYR HE2    H N N 377 
TYR HH     H N N 378 
TYR HXT    H N N 379 
VAL N      N N N 380 
VAL CA     C N S 381 
VAL C      C N N 382 
VAL O      O N N 383 
VAL CB     C N N 384 
VAL CG1    C N N 385 
VAL CG2    C N N 386 
VAL OXT    O N N 387 
VAL H      H N N 388 
VAL H2     H N N 389 
VAL HA     H N N 390 
VAL HB     H N N 391 
VAL HG11   H N N 392 
VAL HG12   H N N 393 
VAL HG13   H N N 394 
VAL HG21   H N N 395 
VAL HG22   H N N 396 
VAL HG23   H N N 397 
VAL HXT    H N N 398 
# 
loop_
_chem_comp_bond.comp_id 
_chem_comp_bond.atom_id_1 
_chem_comp_bond.atom_id_2 
_chem_comp_bond.value_order 
_chem_comp_bond.pdbx_aromatic_flag 
_chem_comp_bond.pdbx_stereo_config 
_chem_comp_bond.pdbx_ordinal 
ALA N     CA     sing N N 1   
ALA N     H      sing N N 2   
ALA N     H2     sing N N 3   
ALA CA    C      sing N N 4   
ALA CA    CB     sing N N 5   
ALA CA    HA     sing N N 6   
ALA C     O      doub N N 7   
ALA C     OXT    sing N N 8   
ALA CB    HB1    sing N N 9   
ALA CB    HB2    sing N N 10  
ALA CB    HB3    sing N N 11  
ALA OXT   HXT    sing N N 12  
ARG N     CA     sing N N 13  
ARG N     H      sing N N 14  
ARG N     H2     sing N N 15  
ARG CA    C      sing N N 16  
ARG CA    CB     sing N N 17  
ARG CA    HA     sing N N 18  
ARG C     O      doub N N 19  
ARG C     OXT    sing N N 20  
ARG CB    CG     sing N N 21  
ARG CB    HB2    sing N N 22  
ARG CB    HB3    sing N N 23  
ARG CG    CD     sing N N 24  
ARG CG    HG2    sing N N 25  
ARG CG    HG3    sing N N 26  
ARG CD    NE     sing N N 27  
ARG CD    HD2    sing N N 28  
ARG CD    HD3    sing N N 29  
ARG NE    CZ     sing N N 30  
ARG NE    HE     sing N N 31  
ARG CZ    NH1    sing N N 32  
ARG CZ    NH2    doub N N 33  
ARG NH1   HH11   sing N N 34  
ARG NH1   HH12   sing N N 35  
ARG NH2   HH21   sing N N 36  
ARG NH2   HH22   sing N N 37  
ARG OXT   HXT    sing N N 38  
ASN N     CA     sing N N 39  
ASN N     H      sing N N 40  
ASN N     H2     sing N N 41  
ASN CA    C      sing N N 42  
ASN CA    CB     sing N N 43  
ASN CA    HA     sing N N 44  
ASN C     O      doub N N 45  
ASN C     OXT    sing N N 46  
ASN CB    CG     sing N N 47  
ASN CB    HB2    sing N N 48  
ASN CB    HB3    sing N N 49  
ASN CG    OD1    doub N N 50  
ASN CG    ND2    sing N N 51  
ASN ND2   HD21   sing N N 52  
ASN ND2   HD22   sing N N 53  
ASN OXT   HXT    sing N N 54  
ASP N     CA     sing N N 55  
ASP N     H      sing N N 56  
ASP N     H2     sing N N 57  
ASP CA    C      sing N N 58  
ASP CA    CB     sing N N 59  
ASP CA    HA     sing N N 60  
ASP C     O      doub N N 61  
ASP C     OXT    sing N N 62  
ASP CB    CG     sing N N 63  
ASP CB    HB2    sing N N 64  
ASP CB    HB3    sing N N 65  
ASP CG    OD1    doub N N 66  
ASP CG    OD2    sing N N 67  
ASP OD2   HD2    sing N N 68  
ASP OXT   HXT    sing N N 69  
CYS N     CA     sing N N 70  
CYS N     H      sing N N 71  
CYS N     H2     sing N N 72  
CYS CA    C      sing N N 73  
CYS CA    CB     sing N N 74  
CYS CA    HA     sing N N 75  
CYS C     O      doub N N 76  
CYS C     OXT    sing N N 77  
CYS CB    SG     sing N N 78  
CYS CB    HB2    sing N N 79  
CYS CB    HB3    sing N N 80  
CYS SG    HG     sing N N 81  
CYS OXT   HXT    sing N N 82  
GLN N     CA     sing N N 83  
GLN N     H      sing N N 84  
GLN N     H2     sing N N 85  
GLN CA    C      sing N N 86  
GLN CA    CB     sing N N 87  
GLN CA    HA     sing N N 88  
GLN C     O      doub N N 89  
GLN C     OXT    sing N N 90  
GLN CB    CG     sing N N 91  
GLN CB    HB2    sing N N 92  
GLN CB    HB3    sing N N 93  
GLN CG    CD     sing N N 94  
GLN CG    HG2    sing N N 95  
GLN CG    HG3    sing N N 96  
GLN CD    OE1    doub N N 97  
GLN CD    NE2    sing N N 98  
GLN NE2   HE21   sing N N 99  
GLN NE2   HE22   sing N N 100 
GLN OXT   HXT    sing N N 101 
GLU N     CA     sing N N 102 
GLU N     H      sing N N 103 
GLU N     H2     sing N N 104 
GLU CA    C      sing N N 105 
GLU CA    CB     sing N N 106 
GLU CA    HA     sing N N 107 
GLU C     O      doub N N 108 
GLU C     OXT    sing N N 109 
GLU CB    CG     sing N N 110 
GLU CB    HB2    sing N N 111 
GLU CB    HB3    sing N N 112 
GLU CG    CD     sing N N 113 
GLU CG    HG2    sing N N 114 
GLU CG    HG3    sing N N 115 
GLU CD    OE1    doub N N 116 
GLU CD    OE2    sing N N 117 
GLU OE2   HE2    sing N N 118 
GLU OXT   HXT    sing N N 119 
GLY N     CA     sing N N 120 
GLY N     H      sing N N 121 
GLY N     H2     sing N N 122 
GLY CA    C      sing N N 123 
GLY CA    HA2    sing N N 124 
GLY CA    HA3    sing N N 125 
GLY C     O      doub N N 126 
GLY C     OXT    sing N N 127 
GLY OXT   HXT    sing N N 128 
HIS N     CA     sing N N 129 
HIS N     H      sing N N 130 
HIS N     H2     sing N N 131 
HIS CA    C      sing N N 132 
HIS CA    CB     sing N N 133 
HIS CA    HA     sing N N 134 
HIS C     O      doub N N 135 
HIS C     OXT    sing N N 136 
HIS CB    CG     sing N N 137 
HIS CB    HB2    sing N N 138 
HIS CB    HB3    sing N N 139 
HIS CG    ND1    sing Y N 140 
HIS CG    CD2    doub Y N 141 
HIS ND1   CE1    doub Y N 142 
HIS ND1   HD1    sing N N 143 
HIS CD2   NE2    sing Y N 144 
HIS CD2   HD2    sing N N 145 
HIS CE1   NE2    sing Y N 146 
HIS CE1   HE1    sing N N 147 
HIS NE2   HE2    sing N N 148 
HIS OXT   HXT    sing N N 149 
HOH O     H1     sing N N 150 
HOH O     H2     sing N N 151 
ILE N     CA     sing N N 152 
ILE N     H      sing N N 153 
ILE N     H2     sing N N 154 
ILE CA    C      sing N N 155 
ILE CA    CB     sing N N 156 
ILE CA    HA     sing N N 157 
ILE C     O      doub N N 158 
ILE C     OXT    sing N N 159 
ILE CB    CG1    sing N N 160 
ILE CB    CG2    sing N N 161 
ILE CB    HB     sing N N 162 
ILE CG1   CD1    sing N N 163 
ILE CG1   HG12   sing N N 164 
ILE CG1   HG13   sing N N 165 
ILE CG2   HG21   sing N N 166 
ILE CG2   HG22   sing N N 167 
ILE CG2   HG23   sing N N 168 
ILE CD1   HD11   sing N N 169 
ILE CD1   HD12   sing N N 170 
ILE CD1   HD13   sing N N 171 
ILE OXT   HXT    sing N N 172 
LEU N     CA     sing N N 173 
LEU N     H      sing N N 174 
LEU N     H2     sing N N 175 
LEU CA    C      sing N N 176 
LEU CA    CB     sing N N 177 
LEU CA    HA     sing N N 178 
LEU C     O      doub N N 179 
LEU C     OXT    sing N N 180 
LEU CB    CG     sing N N 181 
LEU CB    HB2    sing N N 182 
LEU CB    HB3    sing N N 183 
LEU CG    CD1    sing N N 184 
LEU CG    CD2    sing N N 185 
LEU CG    HG     sing N N 186 
LEU CD1   HD11   sing N N 187 
LEU CD1   HD12   sing N N 188 
LEU CD1   HD13   sing N N 189 
LEU CD2   HD21   sing N N 190 
LEU CD2   HD22   sing N N 191 
LEU CD2   HD23   sing N N 192 
LEU OXT   HXT    sing N N 193 
LYS N     CA     sing N N 194 
LYS N     H      sing N N 195 
LYS N     H2     sing N N 196 
LYS CA    C      sing N N 197 
LYS CA    CB     sing N N 198 
LYS CA    HA     sing N N 199 
LYS C     O      doub N N 200 
LYS C     OXT    sing N N 201 
LYS CB    CG     sing N N 202 
LYS CB    HB2    sing N N 203 
LYS CB    HB3    sing N N 204 
LYS CG    CD     sing N N 205 
LYS CG    HG2    sing N N 206 
LYS CG    HG3    sing N N 207 
LYS CD    CE     sing N N 208 
LYS CD    HD2    sing N N 209 
LYS CD    HD3    sing N N 210 
LYS CE    NZ     sing N N 211 
LYS CE    HE2    sing N N 212 
LYS CE    HE3    sing N N 213 
LYS NZ    HZ1    sing N N 214 
LYS NZ    HZ2    sing N N 215 
LYS NZ    HZ3    sing N N 216 
LYS OXT   HXT    sing N N 217 
MET N     CA     sing N N 218 
MET N     H      sing N N 219 
MET N     H2     sing N N 220 
MET CA    C      sing N N 221 
MET CA    CB     sing N N 222 
MET CA    HA     sing N N 223 
MET C     O      doub N N 224 
MET C     OXT    sing N N 225 
MET CB    CG     sing N N 226 
MET CB    HB2    sing N N 227 
MET CB    HB3    sing N N 228 
MET CG    SD     sing N N 229 
MET CG    HG2    sing N N 230 
MET CG    HG3    sing N N 231 
MET SD    CE     sing N N 232 
MET CE    HE1    sing N N 233 
MET CE    HE2    sing N N 234 
MET CE    HE3    sing N N 235 
MET OXT   HXT    sing N N 236 
P5P N1    C2     sing Y N 237 
P5P N1    C6     doub Y N 238 
P5P C2    N3     doub Y N 239 
P5P C2    H2     sing N N 240 
P5P N3    C4     sing Y N 241 
P5P C4    C5     doub Y N 242 
P5P C4    N9     sing Y N 243 
P5P C5    C6     sing Y N 244 
P5P C5    N7     sing Y N 245 
P5P C6    H6     sing N N 246 
P5P N7    C8     doub Y N 247 
P5P C8    N9     sing Y N 248 
P5P C8    H8     sing N N 249 
P5P N9    "C1'"  sing N N 250 
P5P "C1'" "C2'"  sing N N 251 
P5P "C1'" "O4'"  sing N N 252 
P5P "C1'" "H1'"  sing N N 253 
P5P "C2'" "O2'"  sing N N 254 
P5P "C2'" "C3'"  sing N N 255 
P5P "C2'" "H2'"  sing N N 256 
P5P "O2'" "HO2'" sing N N 257 
P5P "C3'" "O3'"  sing N N 258 
P5P "C3'" "C4'"  sing N N 259 
P5P "C3'" "H3'"  sing N N 260 
P5P "O3'" "HO3'" sing N N 261 
P5P "C4'" "O4'"  sing N N 262 
P5P "C4'" "C5'"  sing N N 263 
P5P "C4'" "H4'"  sing N N 264 
P5P "C5'" "O5'"  sing N N 265 
P5P "C5'" "H5'1" sing N N 266 
P5P "C5'" "H5'2" sing N N 267 
P5P "O5'" P      sing N N 268 
P5P P     OP1    doub N N 269 
P5P P     OP2    sing N N 270 
P5P P     OP3    sing N N 271 
P5P OP2   HOP2   sing N N 272 
P5P OP3   HOP3   sing N N 273 
PHE N     CA     sing N N 274 
PHE N     H      sing N N 275 
PHE N     H2     sing N N 276 
PHE CA    C      sing N N 277 
PHE CA    CB     sing N N 278 
PHE CA    HA     sing N N 279 
PHE C     O      doub N N 280 
PHE C     OXT    sing N N 281 
PHE CB    CG     sing N N 282 
PHE CB    HB2    sing N N 283 
PHE CB    HB3    sing N N 284 
PHE CG    CD1    doub Y N 285 
PHE CG    CD2    sing Y N 286 
PHE CD1   CE1    sing Y N 287 
PHE CD1   HD1    sing N N 288 
PHE CD2   CE2    doub Y N 289 
PHE CD2   HD2    sing N N 290 
PHE CE1   CZ     doub Y N 291 
PHE CE1   HE1    sing N N 292 
PHE CE2   CZ     sing Y N 293 
PHE CE2   HE2    sing N N 294 
PHE CZ    HZ     sing N N 295 
PHE OXT   HXT    sing N N 296 
PRO N     CA     sing N N 297 
PRO N     CD     sing N N 298 
PRO N     H      sing N N 299 
PRO CA    C      sing N N 300 
PRO CA    CB     sing N N 301 
PRO CA    HA     sing N N 302 
PRO C     O      doub N N 303 
PRO C     OXT    sing N N 304 
PRO CB    CG     sing N N 305 
PRO CB    HB2    sing N N 306 
PRO CB    HB3    sing N N 307 
PRO CG    CD     sing N N 308 
PRO CG    HG2    sing N N 309 
PRO CG    HG3    sing N N 310 
PRO CD    HD2    sing N N 311 
PRO CD    HD3    sing N N 312 
PRO OXT   HXT    sing N N 313 
SER N     CA     sing N N 314 
SER N     H      sing N N 315 
SER N     H2     sing N N 316 
SER CA    C      sing N N 317 
SER CA    CB     sing N N 318 
SER CA    HA     sing N N 319 
SER C     O      doub N N 320 
SER C     OXT    sing N N 321 
SER CB    OG     sing N N 322 
SER CB    HB2    sing N N 323 
SER CB    HB3    sing N N 324 
SER OG    HG     sing N N 325 
SER OXT   HXT    sing N N 326 
THR N     CA     sing N N 327 
THR N     H      sing N N 328 
THR N     H2     sing N N 329 
THR CA    C      sing N N 330 
THR CA    CB     sing N N 331 
THR CA    HA     sing N N 332 
THR C     O      doub N N 333 
THR C     OXT    sing N N 334 
THR CB    OG1    sing N N 335 
THR CB    CG2    sing N N 336 
THR CB    HB     sing N N 337 
THR OG1   HG1    sing N N 338 
THR CG2   HG21   sing N N 339 
THR CG2   HG22   sing N N 340 
THR CG2   HG23   sing N N 341 
THR OXT   HXT    sing N N 342 
TYR N     CA     sing N N 343 
TYR N     H      sing N N 344 
TYR N     H2     sing N N 345 
TYR CA    C      sing N N 346 
TYR CA    CB     sing N N 347 
TYR CA    HA     sing N N 348 
TYR C     O      doub N N 349 
TYR C     OXT    sing N N 350 
TYR CB    CG     sing N N 351 
TYR CB    HB2    sing N N 352 
TYR CB    HB3    sing N N 353 
TYR CG    CD1    doub Y N 354 
TYR CG    CD2    sing Y N 355 
TYR CD1   CE1    sing Y N 356 
TYR CD1   HD1    sing N N 357 
TYR CD2   CE2    doub Y N 358 
TYR CD2   HD2    sing N N 359 
TYR CE1   CZ     doub Y N 360 
TYR CE1   HE1    sing N N 361 
TYR CE2   CZ     sing Y N 362 
TYR CE2   HE2    sing N N 363 
TYR CZ    OH     sing N N 364 
TYR OH    HH     sing N N 365 
TYR OXT   HXT    sing N N 366 
VAL N     CA     sing N N 367 
VAL N     H      sing N N 368 
VAL N     H2     sing N N 369 
VAL CA    C      sing N N 370 
VAL CA    CB     sing N N 371 
VAL CA    HA     sing N N 372 
VAL C     O      doub N N 373 
VAL C     OXT    sing N N 374 
VAL CB    CG1    sing N N 375 
VAL CB    CG2    sing N N 376 
VAL CB    HB     sing N N 377 
VAL CG1   HG11   sing N N 378 
VAL CG1   HG12   sing N N 379 
VAL CG1   HG13   sing N N 380 
VAL CG2   HG21   sing N N 381 
VAL CG2   HG22   sing N N 382 
VAL CG2   HG23   sing N N 383 
VAL OXT   HXT    sing N N 384 
# 
_atom_sites.entry_id                    1RBN 
_atom_sites.fract_transf_matrix[1][1]   0.00360829 
_atom_sites.fract_transf_matrix[1][2]   -0.01207447 
_atom_sites.fract_transf_matrix[1][3]   0.00394454 
_atom_sites.fract_transf_matrix[2][1]   0.00692981 
_atom_sites.fract_transf_matrix[2][2]   -0.00300834 
_atom_sites.fract_transf_matrix[2][3]   -0.01554778 
_atom_sites.fract_transf_matrix[3][1]   0.01641821 
_atom_sites.fract_transf_matrix[3][2]   0.00686313 
_atom_sites.fract_transf_matrix[3][3]   0.00598982 
_atom_sites.fract_transf_vector[1]      0.376308 
_atom_sites.fract_transf_vector[2]      0.755998 
_atom_sites.fract_transf_vector[3]      -0.133611 
# 
loop_
_atom_sites_footnote.id 
_atom_sites_footnote.text 
1 'CIS PROLINE - PRO      93' 
2 'CIS PROLINE - PRO     114' 
# 
loop_
_atom_type.symbol 
C 
N 
O 
P 
S 
# 
loop_
_atom_site.group_PDB 
_atom_site.id 
_atom_site.type_symbol 
_atom_site.label_atom_id 
_atom_site.label_alt_id 
_atom_site.label_comp_id 
_atom_site.label_asym_id 
_atom_site.label_entity_id 
_atom_site.label_seq_id 
_atom_site.pdbx_PDB_ins_code 
_atom_site.Cartn_x 
_atom_site.Cartn_y 
_atom_site.Cartn_z 
_atom_site.occupancy 
_atom_site.B_iso_or_equiv 
_atom_site.pdbx_formal_charge 
_atom_site.auth_seq_id 
_atom_site.auth_comp_id 
_atom_site.auth_asym_id 
_atom_site.auth_atom_id 
_atom_site.pdbx_PDB_model_num 
ATOM   1    N N     . LYS A 1 1   ? -6.972  15.300  12.828  1.00 43.18 ? 1   LYS A N     1 
ATOM   2    C CA    . LYS A 1 1   ? -5.584  15.369  12.464  1.00 41.02 ? 1   LYS A CA    1 
ATOM   3    C C     . LYS A 1 1   ? -5.419  14.748  11.070  1.00 39.78 ? 1   LYS A C     1 
ATOM   4    O O     . LYS A 1 1   ? -5.587  15.506  10.105  1.00 41.16 ? 1   LYS A O     1 
ATOM   5    C CB    . LYS A 1 1   ? -4.712  14.643  13.535  1.00 43.79 ? 1   LYS A CB    1 
ATOM   6    C CG    . LYS A 1 1   ? -5.151  14.764  15.011  1.00 43.74 ? 1   LYS A CG    1 
ATOM   7    C CD    . LYS A 1 1   ? -4.323  15.627  15.950  1.00 44.23 ? 1   LYS A CD    1 
ATOM   8    C CE    . LYS A 1 1   ? -3.827  16.916  15.322  1.00 44.51 ? 1   LYS A CE    1 
ATOM   9    N NZ    . LYS A 1 1   ? -4.896  17.755  14.844  1.00 45.57 ? 1   LYS A NZ    1 
ATOM   10   N N     . GLU A 1 2   ? -5.116  13.462  10.853  1.00 37.17 ? 2   GLU A N     1 
ATOM   11   C CA    . GLU A 1 2   ? -4.906  12.888  9.511   1.00 33.08 ? 2   GLU A CA    1 
ATOM   12   C C     . GLU A 1 2   ? -6.142  12.094  9.162   1.00 29.54 ? 2   GLU A C     1 
ATOM   13   O O     . GLU A 1 2   ? -6.628  11.298  9.973   1.00 30.81 ? 2   GLU A O     1 
ATOM   14   C CB    . GLU A 1 2   ? -3.653  12.000  9.558   1.00 34.11 ? 2   GLU A CB    1 
ATOM   15   C CG    . GLU A 1 2   ? -3.202  11.252  8.322   1.00 32.31 ? 2   GLU A CG    1 
ATOM   16   C CD    . GLU A 1 2   ? -1.951  10.409  8.539   1.00 30.87 ? 2   GLU A CD    1 
ATOM   17   O OE1   . GLU A 1 2   ? -1.892  9.642   9.497   1.00 28.64 ? 2   GLU A OE1   1 
ATOM   18   O OE2   . GLU A 1 2   ? -1.038  10.504  7.718   1.00 32.76 ? 2   GLU A OE2   1 
ATOM   19   N N     . THR A 1 3   ? -6.692  12.415  8.013   1.00 27.73 ? 3   THR A N     1 
ATOM   20   C CA    . THR A 1 3   ? -7.875  11.750  7.552   1.00 28.35 ? 3   THR A CA    1 
ATOM   21   C C     . THR A 1 3   ? -7.510  10.375  7.030   1.00 28.88 ? 3   THR A C     1 
ATOM   22   O O     . THR A 1 3   ? -6.332  10.145  6.705   1.00 30.12 ? 3   THR A O     1 
ATOM   23   C CB    . THR A 1 3   ? -8.482  12.558  6.466   1.00 29.67 ? 3   THR A CB    1 
ATOM   24   O OG1   . THR A 1 3   ? -7.479  12.776  5.481   1.00 32.46 ? 3   THR A OG1   1 
ATOM   25   C CG2   . THR A 1 3   ? -8.998  13.863  6.982   1.00 32.03 ? 3   THR A CG2   1 
ATOM   26   N N     . ALA A 1 4   ? -8.488  9.484   6.819   1.00 27.37 ? 4   ALA A N     1 
ATOM   27   C CA    . ALA A 1 4   ? -8.180  8.144   6.365   1.00 25.31 ? 4   ALA A CA    1 
ATOM   28   C C     . ALA A 1 4   ? -7.565  8.248   4.970   1.00 25.80 ? 4   ALA A C     1 
ATOM   29   O O     . ALA A 1 4   ? -6.614  7.530   4.662   1.00 25.73 ? 4   ALA A O     1 
ATOM   30   C CB    . ALA A 1 4   ? -9.468  7.317   6.321   1.00 25.88 ? 4   ALA A CB    1 
ATOM   31   N N     . ALA A 1 5   ? -8.033  9.142   4.098   1.00 24.51 ? 5   ALA A N     1 
ATOM   32   C CA    . ALA A 1 5   ? -7.469  9.284   2.788   1.00 23.31 ? 5   ALA A CA    1 
ATOM   33   C C     . ALA A 1 5   ? -5.996  9.671   2.881   1.00 23.69 ? 5   ALA A C     1 
ATOM   34   O O     . ALA A 1 5   ? -5.201  9.084   2.121   1.00 25.46 ? 5   ALA A O     1 
ATOM   35   C CB    . ALA A 1 5   ? -8.180  10.356  1.977   1.00 21.53 ? 5   ALA A CB    1 
ATOM   36   N N     . ALA A 1 6   ? -5.565  10.568  3.778   1.00 20.50 ? 6   ALA A N     1 
ATOM   37   C CA    . ALA A 1 6   ? -4.155  10.970  3.812   1.00 20.61 ? 6   ALA A CA    1 
ATOM   38   C C     . ALA A 1 6   ? -3.273  9.917   4.459   1.00 18.35 ? 6   ALA A C     1 
ATOM   39   O O     . ALA A 1 6   ? -2.151  9.700   4.000   1.00 19.51 ? 6   ALA A O     1 
ATOM   40   C CB    . ALA A 1 6   ? -3.908  12.265  4.583   1.00 22.31 ? 6   ALA A CB    1 
ATOM   41   N N     . LYS A 1 7   ? -3.768  9.186   5.445   1.00 16.71 ? 7   LYS A N     1 
ATOM   42   C CA    . LYS A 1 7   ? -3.036  8.047   5.956   1.00 20.57 ? 7   LYS A CA    1 
ATOM   43   C C     . LYS A 1 7   ? -2.825  6.977   4.841   1.00 21.60 ? 7   LYS A C     1 
ATOM   44   O O     . LYS A 1 7   ? -1.739  6.370   4.744   1.00 20.58 ? 7   LYS A O     1 
ATOM   45   C CB    . LYS A 1 7   ? -3.832  7.500   7.132   1.00 20.81 ? 7   LYS A CB    1 
ATOM   46   C CG    . LYS A 1 7   ? -3.061  6.420   7.847   1.00 26.65 ? 7   LYS A CG    1 
ATOM   47   C CD    . LYS A 1 7   ? -3.852  5.790   8.994   1.00 30.54 ? 7   LYS A CD    1 
ATOM   48   C CE    . LYS A 1 7   ? -2.997  4.614   9.488   1.00 35.14 ? 7   LYS A CE    1 
ATOM   49   N NZ    . LYS A 1 7   ? -3.528  3.913   10.658  1.00 38.88 ? 7   LYS A NZ    1 
ATOM   50   N N     . PHE A 1 8   ? -3.828  6.723   3.959   1.00 18.26 ? 8   PHE A N     1 
ATOM   51   C CA    . PHE A 1 8   ? -3.658  5.786   2.861   1.00 16.07 ? 8   PHE A CA    1 
ATOM   52   C C     . PHE A 1 8   ? -2.470  6.304   2.035   1.00 15.58 ? 8   PHE A C     1 
ATOM   53   O O     . PHE A 1 8   ? -1.469  5.613   1.765   1.00 17.79 ? 8   PHE A O     1 
ATOM   54   C CB    . PHE A 1 8   ? -4.926  5.752   2.002   1.00 11.88 ? 8   PHE A CB    1 
ATOM   55   C CG    . PHE A 1 8   ? -4.780  4.790   0.865   1.00 9.30  ? 8   PHE A CG    1 
ATOM   56   C CD1   . PHE A 1 8   ? -4.942  3.434   1.087   1.00 9.65  ? 8   PHE A CD1   1 
ATOM   57   C CD2   . PHE A 1 8   ? -4.433  5.277   -0.358  1.00 10.42 ? 8   PHE A CD2   1 
ATOM   58   C CE1   . PHE A 1 8   ? -4.774  2.537   0.058   1.00 8.76  ? 8   PHE A CE1   1 
ATOM   59   C CE2   . PHE A 1 8   ? -4.266  4.366   -1.384  1.00 11.84 ? 8   PHE A CE2   1 
ATOM   60   C CZ    . PHE A 1 8   ? -4.420  2.997   -1.185  1.00 9.86  ? 8   PHE A CZ    1 
ATOM   61   N N     . GLU A 1 9   ? -2.514  7.557   1.626   1.00 16.73 ? 9   GLU A N     1 
ATOM   62   C CA    . GLU A 1 9   ? -1.413  8.056   0.824   1.00 17.59 ? 9   GLU A CA    1 
ATOM   63   C C     . GLU A 1 9   ? -0.078  7.893   1.521   1.00 17.08 ? 9   GLU A C     1 
ATOM   64   O O     . GLU A 1 9   ? 0.895   7.541   0.873   1.00 18.08 ? 9   GLU A O     1 
ATOM   65   C CB    . GLU A 1 9   ? -1.588  9.502   0.518   1.00 19.31 ? 9   GLU A CB    1 
ATOM   66   C CG    . GLU A 1 9   ? -2.807  9.845   -0.304  1.00 28.58 ? 9   GLU A CG    1 
ATOM   67   C CD    . GLU A 1 9   ? -3.149  11.342  -0.338  1.00 35.21 ? 9   GLU A CD    1 
ATOM   68   O OE1   . GLU A 1 9   ? -2.478  12.162  0.308   1.00 41.17 ? 9   GLU A OE1   1 
ATOM   69   O OE2   . GLU A 1 9   ? -4.115  11.701  -1.017  1.00 37.96 ? 9   GLU A OE2   1 
ATOM   70   N N     . ARG A 1 10  ? 0.054   8.176   2.811   1.00 19.59 ? 10  ARG A N     1 
ATOM   71   C CA    . ARG A 1 10  ? 1.354   8.081   3.468   1.00 18.05 ? 10  ARG A CA    1 
ATOM   72   C C     . ARG A 1 10  ? 1.766   6.644   3.603   1.00 17.34 ? 10  ARG A C     1 
ATOM   73   O O     . ARG A 1 10  ? 2.960   6.397   3.532   1.00 14.72 ? 10  ARG A O     1 
ATOM   74   C CB    . ARG A 1 10  ? 1.328   8.717   4.868   1.00 19.80 ? 10  ARG A CB    1 
ATOM   75   C CG    . ARG A 1 10  ? 2.617   8.477   5.723   1.00 20.42 ? 10  ARG A CG    1 
ATOM   76   C CD    . ARG A 1 10  ? 2.574   9.033   7.163   1.00 20.82 ? 10  ARG A CD    1 
ATOM   77   N NE    . ARG A 1 10  ? 1.385   8.646   7.895   1.00 20.69 ? 10  ARG A NE    1 
ATOM   78   C CZ    . ARG A 1 10  ? 1.316   7.584   8.687   1.00 22.73 ? 10  ARG A CZ    1 
ATOM   79   N NH1   . ARG A 1 10  ? 2.359   6.780   8.885   1.00 21.50 ? 10  ARG A NH1   1 
ATOM   80   N NH2   . ARG A 1 10  ? 0.128   7.290   9.246   1.00 27.48 ? 10  ARG A NH2   1 
ATOM   81   N N     . GLN A 1 11  ? 0.862   5.676   3.831   1.00 16.14 ? 11  GLN A N     1 
ATOM   82   C CA    . GLN A 1 11  ? 1.345   4.328   4.013   1.00 14.78 ? 11  GLN A CA    1 
ATOM   83   C C     . GLN A 1 11  ? 1.450   3.554   2.739   1.00 16.26 ? 11  GLN A C     1 
ATOM   84   O O     . GLN A 1 11  ? 2.167   2.547   2.755   1.00 19.23 ? 11  GLN A O     1 
ATOM   85   C CB    . GLN A 1 11  ? 0.470   3.550   4.874   1.00 18.89 ? 11  GLN A CB    1 
ATOM   86   C CG    . GLN A 1 11  ? 0.201   4.183   6.207   1.00 24.01 ? 11  GLN A CG    1 
ATOM   87   C CD    . GLN A 1 11  ? -0.668  3.304   7.091   1.00 27.06 ? 11  GLN A CD    1 
ATOM   88   O OE1   . GLN A 1 11  ? -1.821  2.939   6.801   1.00 28.08 ? 11  GLN A OE1   1 
ATOM   89   N NE2   . GLN A 1 11  ? -0.095  2.957   8.225   1.00 30.62 ? 11  GLN A NE2   1 
ATOM   90   N N     . HIS A 1 12  ? 0.801   3.956   1.628   1.00 16.69 ? 12  HIS A N     1 
ATOM   91   C CA    . HIS A 1 12  ? 0.733   3.096   0.439   1.00 17.28 ? 12  HIS A CA    1 
ATOM   92   C C     . HIS A 1 12  ? 1.061   3.687   -0.904  1.00 19.14 ? 12  HIS A C     1 
ATOM   93   O O     . HIS A 1 12  ? 1.102   2.948   -1.905  1.00 18.53 ? 12  HIS A O     1 
ATOM   94   C CB    . HIS A 1 12  ? -0.671  2.454   0.275   1.00 13.64 ? 12  HIS A CB    1 
ATOM   95   C CG    . HIS A 1 12  ? -0.998  1.535   1.451   1.00 10.73 ? 12  HIS A CG    1 
ATOM   96   N ND1   . HIS A 1 12  ? -0.398  0.413   1.806   1.00 9.20  ? 12  HIS A ND1   1 
ATOM   97   C CD2   . HIS A 1 12  ? -1.970  1.776   2.386   1.00 9.53  ? 12  HIS A CD2   1 
ATOM   98   C CE1   . HIS A 1 12  ? -0.963  -0.030  2.914   1.00 9.00  ? 12  HIS A CE1   1 
ATOM   99   N NE2   . HIS A 1 12  ? -1.905  0.799   3.244   1.00 7.74  ? 12  HIS A NE2   1 
ATOM   100  N N     . MET A 1 13  ? 1.305   4.990   -0.980  1.00 19.05 ? 13  MET A N     1 
ATOM   101  C CA    . MET A 1 13  ? 1.443   5.562   -2.293  1.00 18.53 ? 13  MET A CA    1 
ATOM   102  C C     . MET A 1 13  ? 2.853   5.929   -2.510  1.00 18.73 ? 13  MET A C     1 
ATOM   103  O O     . MET A 1 13  ? 3.406   6.566   -1.622  1.00 19.27 ? 13  MET A O     1 
ATOM   104  C CB    . MET A 1 13  ? 0.611   6.827   -2.457  1.00 19.78 ? 13  MET A CB    1 
ATOM   105  C CG    . MET A 1 13  ? -0.893  6.593   -2.655  1.00 19.81 ? 13  MET A CG    1 
ATOM   106  S SD    . MET A 1 13  ? -1.226  5.436   -4.008  1.00 21.94 ? 13  MET A SD    1 
ATOM   107  C CE    . MET A 1 13  ? -0.693  6.392   -5.409  1.00 20.46 ? 13  MET A CE    1 
ATOM   108  N N     . ASP A 1 14  ? 3.461   5.516   -3.606  1.00 19.15 ? 14  ASP A N     1 
ATOM   109  C CA    . ASP A 1 14  ? 4.770   6.067   -3.878  1.00 20.51 ? 14  ASP A CA    1 
ATOM   110  C C     . ASP A 1 14  ? 4.835   6.415   -5.346  1.00 20.36 ? 14  ASP A C     1 
ATOM   111  O O     . ASP A 1 14  ? 5.275   5.664   -6.232  1.00 20.45 ? 14  ASP A O     1 
ATOM   112  C CB    . ASP A 1 14  ? 5.887   5.075   -3.486  1.00 19.87 ? 14  ASP A CB    1 
ATOM   113  C CG    . ASP A 1 14  ? 7.269   5.607   -3.868  1.00 23.13 ? 14  ASP A CG    1 
ATOM   114  O OD1   . ASP A 1 14  ? 7.470   6.806   -4.043  1.00 21.47 ? 14  ASP A OD1   1 
ATOM   115  O OD2   . ASP A 1 14  ? 8.169   4.799   -4.021  1.00 24.44 ? 14  ASP A OD2   1 
ATOM   116  N N     . SER A 1 15  ? 4.387   7.642   -5.546  1.00 21.29 ? 15  SER A N     1 
ATOM   117  C CA    . SER A 1 15  ? 4.299   8.151   -6.880  1.00 24.30 ? 15  SER A CA    1 
ATOM   118  C C     . SER A 1 15  ? 5.641   8.572   -7.407  1.00 23.89 ? 15  SER A C     1 
ATOM   119  O O     . SER A 1 15  ? 5.786   8.680   -8.623  1.00 26.35 ? 15  SER A O     1 
ATOM   120  C CB    . SER A 1 15  ? 3.337   9.325   -6.922  1.00 26.37 ? 15  SER A CB    1 
ATOM   121  O OG    . SER A 1 15  ? 2.073   8.834   -6.503  1.00 32.51 ? 15  SER A OG    1 
ATOM   122  N N     . SER A 1 16  ? 6.642   8.786   -6.558  1.00 24.57 ? 16  SER A N     1 
ATOM   123  C CA    . SER A 1 16  ? 7.937   9.255   -7.040  1.00 25.75 ? 16  SER A CA    1 
ATOM   124  C C     . SER A 1 16  ? 8.767   8.243   -7.814  1.00 22.85 ? 16  SER A C     1 
ATOM   125  O O     . SER A 1 16  ? 9.629   8.630   -8.600  1.00 24.44 ? 16  SER A O     1 
ATOM   126  C CB    . SER A 1 16  ? 8.764   9.791   -5.857  1.00 25.11 ? 16  SER A CB    1 
ATOM   127  O OG    . SER A 1 16  ? 8.519   9.192   -4.576  1.00 36.67 ? 16  SER A OG    1 
ATOM   128  N N     . THR A 1 17  ? 8.599   6.956   -7.604  1.00 19.06 ? 17  THR A N     1 
ATOM   129  C CA    . THR A 1 17  ? 9.375   6.035   -8.361  1.00 19.41 ? 17  THR A CA    1 
ATOM   130  C C     . THR A 1 17  ? 8.415   5.096   -9.042  1.00 17.44 ? 17  THR A C     1 
ATOM   131  O O     . THR A 1 17  ? 7.340   4.829   -8.528  1.00 17.68 ? 17  THR A O     1 
ATOM   132  C CB    . THR A 1 17  ? 10.344  5.267   -7.436  1.00 19.64 ? 17  THR A CB    1 
ATOM   133  O OG1   . THR A 1 17  ? 9.572   4.596   -6.458  1.00 18.56 ? 17  THR A OG1   1 
ATOM   134  C CG2   . THR A 1 17  ? 11.363  6.179   -6.787  1.00 20.83 ? 17  THR A CG2   1 
ATOM   135  N N     . SER A 1 18  ? 8.822   4.474   -10.126 1.00 19.17 ? 18  SER A N     1 
ATOM   136  C CA    . SER A 1 18  ? 7.956   3.522   -10.795 1.00 18.61 ? 18  SER A CA    1 
ATOM   137  C C     . SER A 1 18  ? 8.157   2.094   -10.320 1.00 17.09 ? 18  SER A C     1 
ATOM   138  O O     . SER A 1 18  ? 7.382   1.185   -10.625 1.00 16.92 ? 18  SER A O     1 
ATOM   139  C CB    . SER A 1 18  ? 8.189   3.650   -12.321 1.00 19.84 ? 18  SER A CB    1 
ATOM   140  O OG    . SER A 1 18  ? 9.544   3.735   -12.737 1.00 19.23 ? 18  SER A OG    1 
ATOM   141  N N     . ALA A 1 19  ? 9.220   1.885   -9.559  1.00 13.61 ? 19  ALA A N     1 
ATOM   142  C CA    . ALA A 1 19  ? 9.533   0.587   -9.001  1.00 13.03 ? 19  ALA A CA    1 
ATOM   143  C C     . ALA A 1 19  ? 10.626  0.841   -7.968  1.00 13.59 ? 19  ALA A C     1 
ATOM   144  O O     . ALA A 1 19  ? 11.162  1.946   -7.891  1.00 14.96 ? 19  ALA A O     1 
ATOM   145  C CB    . ALA A 1 19  ? 10.029  -0.313  -10.089 1.00 11.84 ? 19  ALA A CB    1 
ATOM   146  N N     . ALA A 1 20  ? 10.862  -0.112  -7.090  1.00 15.22 ? 20  ALA A N     1 
ATOM   147  C CA    . ALA A 1 20  ? 11.911  -0.080  -6.108  1.00 14.21 ? 20  ALA A CA    1 
ATOM   148  C C     . ALA A 1 20  ? 13.218  -0.191  -6.895  1.00 16.94 ? 20  ALA A C     1 
ATOM   149  O O     . ALA A 1 20  ? 13.335  -1.076  -7.758  1.00 15.68 ? 20  ALA A O     1 
ATOM   150  C CB    . ALA A 1 20  ? 11.759  -1.289  -5.235  1.00 14.98 ? 20  ALA A CB    1 
ATOM   151  N N     . SER A 1 21  ? 14.224  0.666   -6.691  1.00 16.94 ? 21  SER A N     1 
ATOM   152  C CA    . SER A 1 21  ? 15.463  0.535   -7.448  1.00 20.73 ? 21  SER A CA    1 
ATOM   153  C C     . SER A 1 21  ? 16.490  -0.411  -6.843  1.00 19.54 ? 21  SER A C     1 
ATOM   154  O O     . SER A 1 21  ? 17.472  -0.765  -7.490  1.00 18.21 ? 21  SER A O     1 
ATOM   155  C CB    . SER A 1 21  ? 16.067  1.916   -7.635  1.00 22.76 ? 21  SER A CB    1 
ATOM   156  O OG    . SER A 1 21  ? 15.957  2.604   -6.392  1.00 28.88 ? 21  SER A OG    1 
ATOM   157  N N     . SER A 1 22  ? 16.287  -0.842  -5.602  1.00 20.42 ? 22  SER A N     1 
ATOM   158  C CA    . SER A 1 22  ? 17.191  -1.770  -4.936  1.00 22.35 ? 22  SER A CA    1 
ATOM   159  C C     . SER A 1 22  ? 16.408  -2.515  -3.843  1.00 22.21 ? 22  SER A C     1 
ATOM   160  O O     . SER A 1 22  ? 15.355  -2.045  -3.367  1.00 20.79 ? 22  SER A O     1 
ATOM   161  C CB    . SER A 1 22  ? 18.364  -1.011  -4.286  1.00 22.99 ? 22  SER A CB    1 
ATOM   162  O OG    . SER A 1 22  ? 18.137  -0.187  -3.124  1.00 27.40 ? 22  SER A OG    1 
ATOM   163  N N     . SER A 1 23  ? 17.013  -3.612  -3.382  1.00 21.42 ? 23  SER A N     1 
ATOM   164  C CA    . SER A 1 23  ? 16.474  -4.463  -2.329  1.00 24.29 ? 23  SER A CA    1 
ATOM   165  C C     . SER A 1 23  ? 16.408  -3.694  -1.010  1.00 22.41 ? 23  SER A C     1 
ATOM   166  O O     . SER A 1 23  ? 15.791  -4.128  -0.031  1.00 26.59 ? 23  SER A O     1 
ATOM   167  C CB    . SER A 1 23  ? 17.393  -5.673  -2.231  1.00 26.19 ? 23  SER A CB    1 
ATOM   168  O OG    . SER A 1 23  ? 18.637  -5.208  -1.688  1.00 32.94 ? 23  SER A OG    1 
ATOM   169  N N     . ASN A 1 24  ? 17.089  -2.555  -0.922  1.00 23.84 ? 24  ASN A N     1 
ATOM   170  C CA    . ASN A 1 24  ? 17.046  -1.738  0.253   1.00 22.16 ? 24  ASN A CA    1 
ATOM   171  C C     . ASN A 1 24  ? 15.864  -0.832  0.296   1.00 20.17 ? 24  ASN A C     1 
ATOM   172  O O     . ASN A 1 24  ? 15.602  -0.271  1.346   1.00 20.22 ? 24  ASN A O     1 
ATOM   173  C CB    . ASN A 1 24  ? 18.273  -0.911  0.347   1.00 29.86 ? 24  ASN A CB    1 
ATOM   174  C CG    . ASN A 1 24  ? 18.920  -1.490  1.588   1.00 38.39 ? 24  ASN A CG    1 
ATOM   175  O OD1   . ASN A 1 24  ? 18.597  -1.150  2.741   1.00 40.46 ? 24  ASN A OD1   1 
ATOM   176  N ND2   . ASN A 1 24  ? 19.803  -2.468  1.355   1.00 40.57 ? 24  ASN A ND2   1 
ATOM   177  N N     . TYR A 1 25  ? 15.107  -0.687  -0.772  1.00 18.26 ? 25  TYR A N     1 
ATOM   178  C CA    . TYR A 1 25  ? 13.909  0.132   -0.813  1.00 17.75 ? 25  TYR A CA    1 
ATOM   179  C C     . TYR A 1 25  ? 12.995  0.010   0.409   1.00 16.68 ? 25  TYR A C     1 
ATOM   180  O O     . TYR A 1 25  ? 12.609  1.031   0.995   1.00 18.67 ? 25  TYR A O     1 
ATOM   181  C CB    . TYR A 1 25  ? 13.136  -0.240  -2.065  1.00 16.72 ? 25  TYR A CB    1 
ATOM   182  C CG    . TYR A 1 25  ? 11.858  0.552   -2.246  1.00 17.16 ? 25  TYR A CG    1 
ATOM   183  C CD1   . TYR A 1 25  ? 11.854  1.787   -2.884  1.00 19.49 ? 25  TYR A CD1   1 
ATOM   184  C CD2   . TYR A 1 25  ? 10.691  0.030   -1.716  1.00 18.31 ? 25  TYR A CD2   1 
ATOM   185  C CE1   . TYR A 1 25  ? 10.663  2.488   -2.986  1.00 18.77 ? 25  TYR A CE1   1 
ATOM   186  C CE2   . TYR A 1 25  ? 9.512   0.703   -1.818  1.00 15.32 ? 25  TYR A CE2   1 
ATOM   187  C CZ    . TYR A 1 25  ? 9.515   1.926   -2.438  1.00 19.22 ? 25  TYR A CZ    1 
ATOM   188  O OH    . TYR A 1 25  ? 8.304   2.585   -2.524  1.00 19.94 ? 25  TYR A OH    1 
ATOM   189  N N     . CYS A 1 26  ? 12.584  -1.179  0.880   1.00 17.01 ? 26  CYS A N     1 
ATOM   190  C CA    . CYS A 1 26  ? 11.659  -1.309  2.017   1.00 13.53 ? 26  CYS A CA    1 
ATOM   191  C C     . CYS A 1 26  ? 12.230  -0.853  3.320   1.00 14.09 ? 26  CYS A C     1 
ATOM   192  O O     . CYS A 1 26  ? 11.547  -0.159  4.082   1.00 14.94 ? 26  CYS A O     1 
ATOM   193  C CB    . CYS A 1 26  ? 11.167  -2.781  2.170   1.00 13.69 ? 26  CYS A CB    1 
ATOM   194  S SG    . CYS A 1 26  ? 9.972   -3.259  0.850   1.00 15.08 ? 26  CYS A SG    1 
ATOM   195  N N     . ASN A 1 27  ? 13.488  -1.092  3.598   1.00 16.58 ? 27  ASN A N     1 
ATOM   196  C CA    . ASN A 1 27  ? 14.017  -0.621  4.881   1.00 19.49 ? 27  ASN A CA    1 
ATOM   197  C C     . ASN A 1 27  ? 14.048  0.909   4.903   1.00 20.18 ? 27  ASN A C     1 
ATOM   198  O O     . ASN A 1 27  ? 13.760  1.580   5.894   1.00 21.17 ? 27  ASN A O     1 
ATOM   199  C CB    . ASN A 1 27  ? 15.408  -1.124  5.094   1.00 22.38 ? 27  ASN A CB    1 
ATOM   200  C CG    . ASN A 1 27  ? 15.514  -2.633  5.212   1.00 23.79 ? 27  ASN A CG    1 
ATOM   201  O OD1   . ASN A 1 27  ? 14.713  -3.350  5.822   1.00 25.80 ? 27  ASN A OD1   1 
ATOM   202  N ND2   . ASN A 1 27  ? 16.587  -3.158  4.633   1.00 25.48 ? 27  ASN A ND2   1 
ATOM   203  N N     . GLN A 1 28  ? 14.364  1.538   3.777   1.00 20.04 ? 28  GLN A N     1 
ATOM   204  C CA    . GLN A 1 28  ? 14.341  2.984   3.704   1.00 20.30 ? 28  GLN A CA    1 
ATOM   205  C C     . GLN A 1 28  ? 12.936  3.557   3.720   1.00 20.17 ? 28  GLN A C     1 
ATOM   206  O O     . GLN A 1 28  ? 12.685  4.539   4.405   1.00 20.62 ? 28  GLN A O     1 
ATOM   207  C CB    . GLN A 1 28  ? 14.984  3.510   2.439   1.00 20.19 ? 28  GLN A CB    1 
ATOM   208  C CG    . GLN A 1 28  ? 16.439  3.141   2.183   1.00 26.85 ? 28  GLN A CG    1 
ATOM   209  C CD    . GLN A 1 28  ? 16.781  3.103   0.669   1.00 32.03 ? 28  GLN A CD    1 
ATOM   210  O OE1   . GLN A 1 28  ? 16.002  3.430   -0.240  1.00 32.42 ? 28  GLN A OE1   1 
ATOM   211  N NE2   . GLN A 1 28  ? 17.949  2.644   0.265   1.00 37.45 ? 28  GLN A NE2   1 
ATOM   212  N N     . MET A 1 29  ? 11.975  3.083   2.930   1.00 18.59 ? 29  MET A N     1 
ATOM   213  C CA    . MET A 1 29  ? 10.668  3.675   2.897   1.00 17.71 ? 29  MET A CA    1 
ATOM   214  C C     . MET A 1 29  ? 9.835   3.343   4.125   1.00 17.34 ? 29  MET A C     1 
ATOM   215  O O     . MET A 1 29  ? 9.049   4.206   4.524   1.00 15.52 ? 29  MET A O     1 
ATOM   216  C CB    . MET A 1 29  ? 9.915   3.220   1.619   1.00 18.93 ? 29  MET A CB    1 
ATOM   217  C CG    . MET A 1 29  ? 10.424  3.909   0.390   1.00 20.79 ? 29  MET A CG    1 
ATOM   218  S SD    . MET A 1 29  ? 9.958   5.627   0.243   1.00 22.31 ? 29  MET A SD    1 
ATOM   219  C CE    . MET A 1 29  ? 8.228   5.378   0.170   1.00 25.02 ? 29  MET A CE    1 
ATOM   220  N N     . MET A 1 30  ? 9.925   2.164   4.759   1.00 16.81 ? 30  MET A N     1 
ATOM   221  C CA    . MET A 1 30  ? 9.074   1.911   5.919   1.00 17.68 ? 30  MET A CA    1 
ATOM   222  C C     . MET A 1 30  ? 9.373   2.930   7.037   1.00 20.57 ? 30  MET A C     1 
ATOM   223  O O     . MET A 1 30  ? 8.495   3.460   7.761   1.00 20.91 ? 30  MET A O     1 
ATOM   224  C CB    . MET A 1 30  ? 9.323   0.492   6.437   1.00 18.66 ? 30  MET A CB    1 
ATOM   225  C CG    . MET A 1 30  ? 8.886   -0.650  5.488   1.00 17.74 ? 30  MET A CG    1 
ATOM   226  S SD    . MET A 1 30  ? 7.108   -0.592  5.200   1.00 16.43 ? 30  MET A SD    1 
ATOM   227  C CE    . MET A 1 30  ? 6.503   -1.311  6.705   1.00 11.31 ? 30  MET A CE    1 
ATOM   228  N N     . LYS A 1 31  ? 10.670  3.196   7.209   1.00 21.34 ? 31  LYS A N     1 
ATOM   229  C CA    . LYS A 1 31  ? 11.153  4.162   8.179   1.00 21.75 ? 31  LYS A CA    1 
ATOM   230  C C     . LYS A 1 31  ? 10.757  5.557   7.725   1.00 19.39 ? 31  LYS A C     1 
ATOM   231  O O     . LYS A 1 31  ? 10.136  6.256   8.500   1.00 19.66 ? 31  LYS A O     1 
ATOM   232  C CB    . LYS A 1 31  ? 12.629  3.996   8.275   1.00 25.43 ? 31  LYS A CB    1 
ATOM   233  C CG    . LYS A 1 31  ? 13.196  4.958   9.285   1.00 34.50 ? 31  LYS A CG    1 
ATOM   234  C CD    . LYS A 1 31  ? 14.703  4.788   9.286   1.00 39.96 ? 31  LYS A CD    1 
ATOM   235  C CE    . LYS A 1 31  ? 15.288  5.629   10.414  1.00 44.03 ? 31  LYS A CE    1 
ATOM   236  N NZ    . LYS A 1 31  ? 15.072  7.041   10.146  1.00 48.81 ? 31  LYS A NZ    1 
ATOM   237  N N     . SER A 1 32  ? 10.955  6.010   6.492   1.00 20.73 ? 32  SER A N     1 
ATOM   238  C CA    . SER A 1 32  ? 10.558  7.370   6.094   1.00 23.20 ? 32  SER A CA    1 
ATOM   239  C C     . SER A 1 32  ? 9.085   7.690   6.189   1.00 23.65 ? 32  SER A C     1 
ATOM   240  O O     . SER A 1 32  ? 8.708   8.866   6.153   1.00 24.16 ? 32  SER A O     1 
ATOM   241  C CB    . SER A 1 32  ? 10.918  7.705   4.646   1.00 23.45 ? 32  SER A CB    1 
ATOM   242  O OG    . SER A 1 32  ? 12.300  7.473   4.411   1.00 32.53 ? 32  SER A OG    1 
ATOM   243  N N     . ARG A 1 33  ? 8.219   6.679   6.176   1.00 22.37 ? 33  ARG A N     1 
ATOM   244  C CA    . ARG A 1 33  ? 6.816   6.990   6.226   1.00 22.34 ? 33  ARG A CA    1 
ATOM   245  C C     . ARG A 1 33  ? 6.303   6.698   7.625   1.00 25.84 ? 33  ARG A C     1 
ATOM   246  O O     . ARG A 1 33  ? 5.085   6.643   7.836   1.00 26.65 ? 33  ARG A O     1 
ATOM   247  C CB    . ARG A 1 33  ? 6.133   6.145   5.152   1.00 21.97 ? 33  ARG A CB    1 
ATOM   248  C CG    . ARG A 1 33  ? 6.604   6.531   3.744   1.00 22.57 ? 33  ARG A CG    1 
ATOM   249  C CD    . ARG A 1 33  ? 6.132   7.958   3.417   1.00 21.29 ? 33  ARG A CD    1 
ATOM   250  N NE    . ARG A 1 33  ? 6.292   8.236   1.992   1.00 23.86 ? 33  ARG A NE    1 
ATOM   251  C CZ    . ARG A 1 33  ? 5.386   7.927   1.040   1.00 26.58 ? 33  ARG A CZ    1 
ATOM   252  N NH1   . ARG A 1 33  ? 4.232   7.334   1.329   1.00 28.02 ? 33  ARG A NH1   1 
ATOM   253  N NH2   . ARG A 1 33  ? 5.652   8.159   -0.264  1.00 28.69 ? 33  ARG A NH2   1 
ATOM   254  N N     . ASN A 1 34  ? 7.217   6.425   8.594   1.00 27.80 ? 34  ASN A N     1 
ATOM   255  C CA    . ASN A 1 34  ? 6.903   6.190   10.013  1.00 28.35 ? 34  ASN A CA    1 
ATOM   256  C C     . ASN A 1 34  ? 6.225   4.895   10.368  1.00 29.07 ? 34  ASN A C     1 
ATOM   257  O O     . ASN A 1 34  ? 5.499   4.782   11.389  1.00 29.81 ? 34  ASN A O     1 
ATOM   258  C CB    . ASN A 1 34  ? 6.001   7.270   10.634  1.00 30.12 ? 34  ASN A CB    1 
ATOM   259  C CG    . ASN A 1 34  ? 6.768   8.533   10.759  1.00 34.86 ? 34  ASN A CG    1 
ATOM   260  O OD1   . ASN A 1 34  ? 6.574   9.462   9.972   1.00 39.12 ? 34  ASN A OD1   1 
ATOM   261  N ND2   . ASN A 1 34  ? 7.728   8.546   11.668  1.00 35.11 ? 34  ASN A ND2   1 
ATOM   262  N N     . LEU A 1 35  ? 6.505   3.860   9.569   1.00 28.84 ? 35  LEU A N     1 
ATOM   263  C CA    . LEU A 1 35  ? 5.852   2.587   9.823   1.00 25.99 ? 35  LEU A CA    1 
ATOM   264  C C     . LEU A 1 35  ? 6.710   1.717   10.745  1.00 27.62 ? 35  LEU A C     1 
ATOM   265  O O     . LEU A 1 35  ? 6.450   0.523   10.985  1.00 27.27 ? 35  LEU A O     1 
ATOM   266  C CB    . LEU A 1 35  ? 5.565   1.977   8.434   1.00 21.58 ? 35  LEU A CB    1 
ATOM   267  C CG    . LEU A 1 35  ? 4.642   2.826   7.551   1.00 20.32 ? 35  LEU A CG    1 
ATOM   268  C CD1   . LEU A 1 35  ? 4.275   2.126   6.253   1.00 17.63 ? 35  LEU A CD1   1 
ATOM   269  C CD2   . LEU A 1 35  ? 3.353   3.065   8.311   1.00 19.23 ? 35  LEU A CD2   1 
ATOM   270  N N     . THR A 1 36  ? 7.761   2.337   11.318  1.00 28.76 ? 36  THR A N     1 
ATOM   271  C CA    . THR A 1 36  ? 8.636   1.646   12.260  1.00 30.89 ? 36  THR A CA    1 
ATOM   272  C C     . THR A 1 36  ? 8.702   2.345   13.607  1.00 32.38 ? 36  THR A C     1 
ATOM   273  O O     . THR A 1 36  ? 9.615   2.100   14.391  1.00 32.75 ? 36  THR A O     1 
ATOM   274  C CB    . THR A 1 36  ? 10.047  1.550   11.674  1.00 32.14 ? 36  THR A CB    1 
ATOM   275  O OG1   . THR A 1 36  ? 10.423  2.848   11.250  1.00 33.22 ? 36  THR A OG1   1 
ATOM   276  C CG2   . THR A 1 36  ? 10.113  0.597   10.501  1.00 33.24 ? 36  THR A CG2   1 
ATOM   277  N N     . LYS A 1 37  ? 7.711   3.161   13.940  1.00 34.94 ? 37  LYS A N     1 
ATOM   278  C CA    . LYS A 1 37  ? 7.810   4.018   15.096  1.00 38.51 ? 37  LYS A CA    1 
ATOM   279  C C     . LYS A 1 37  ? 7.615   3.396   16.465  1.00 38.79 ? 37  LYS A C     1 
ATOM   280  O O     . LYS A 1 37  ? 8.448   3.641   17.331  1.00 40.77 ? 37  LYS A O     1 
ATOM   281  C CB    . LYS A 1 37  ? 6.837   5.161   14.962  1.00 42.55 ? 37  LYS A CB    1 
ATOM   282  C CG    . LYS A 1 37  ? 7.532   6.438   15.366  1.00 48.54 ? 37  LYS A CG    1 
ATOM   283  C CD    . LYS A 1 37  ? 6.458   7.440   15.754  1.00 56.57 ? 37  LYS A CD    1 
ATOM   284  C CE    . LYS A 1 37  ? 7.093   8.791   16.104  1.00 61.08 ? 37  LYS A CE    1 
ATOM   285  N NZ    . LYS A 1 37  ? 8.086   8.670   17.167  1.00 63.07 ? 37  LYS A NZ    1 
ATOM   286  N N     . ASP A 1 38  ? 6.538   2.673   16.760  1.00 38.33 ? 38  ASP A N     1 
ATOM   287  C CA    . ASP A 1 38  ? 6.388   2.073   18.090  1.00 35.81 ? 38  ASP A CA    1 
ATOM   288  C C     . ASP A 1 38  ? 6.425   0.566   18.071  1.00 33.22 ? 38  ASP A C     1 
ATOM   289  O O     . ASP A 1 38  ? 6.441   -0.147  19.088  1.00 30.27 ? 38  ASP A O     1 
ATOM   290  C CB    . ASP A 1 38  ? 5.099   2.597   18.695  1.00 39.40 ? 38  ASP A CB    1 
ATOM   291  C CG    . ASP A 1 38  ? 5.285   4.085   19.025  1.00 43.72 ? 38  ASP A CG    1 
ATOM   292  O OD1   . ASP A 1 38  ? 6.251   4.441   19.722  1.00 46.38 ? 38  ASP A OD1   1 
ATOM   293  O OD2   . ASP A 1 38  ? 4.483   4.895   18.554  1.00 45.56 ? 38  ASP A OD2   1 
ATOM   294  N N     . ARG A 1 39  ? 6.509   0.153   16.795  1.00 31.82 ? 39  ARG A N     1 
ATOM   295  C CA    . ARG A 1 39  ? 6.723   -1.215  16.415  1.00 29.92 ? 39  ARG A CA    1 
ATOM   296  C C     . ARG A 1 39  ? 7.068   -1.224  14.946  1.00 25.40 ? 39  ARG A C     1 
ATOM   297  O O     . ARG A 1 39  ? 6.955   -0.223  14.237  1.00 23.61 ? 39  ARG A O     1 
ATOM   298  C CB    . ARG A 1 39  ? 5.473   -2.032  16.694  1.00 31.53 ? 39  ARG A CB    1 
ATOM   299  C CG    . ARG A 1 39  ? 4.288   -1.710  15.881  1.00 35.14 ? 39  ARG A CG    1 
ATOM   300  C CD    . ARG A 1 39  ? 3.819   -3.124  15.781  1.00 42.91 ? 39  ARG A CD    1 
ATOM   301  N NE    . ARG A 1 39  ? 2.704   -3.238  14.864  1.00 48.78 ? 39  ARG A NE    1 
ATOM   302  C CZ    . ARG A 1 39  ? 2.307   -4.415  14.392  1.00 48.70 ? 39  ARG A CZ    1 
ATOM   303  N NH1   . ARG A 1 39  ? 2.914   -5.565  14.726  1.00 49.84 ? 39  ARG A NH1   1 
ATOM   304  N NH2   . ARG A 1 39  ? 1.269   -4.403  13.569  1.00 49.01 ? 39  ARG A NH2   1 
ATOM   305  N N     . CYS A 1 40  ? 7.466   -2.388  14.519  1.00 24.85 ? 40  CYS A N     1 
ATOM   306  C CA    . CYS A 1 40  ? 7.769   -2.611  13.128  1.00 23.57 ? 40  CYS A CA    1 
ATOM   307  C C     . CYS A 1 40  ? 6.446   -3.046  12.510  1.00 21.57 ? 40  CYS A C     1 
ATOM   308  O O     . CYS A 1 40  ? 5.905   -4.080  12.900  1.00 21.27 ? 40  CYS A O     1 
ATOM   309  C CB    . CYS A 1 40  ? 8.772   -3.738  12.964  1.00 23.66 ? 40  CYS A CB    1 
ATOM   310  S SG    . CYS A 1 40  ? 10.377  -3.764  13.827  1.00 25.05 ? 40  CYS A SG    1 
ATOM   311  N N     . LYS A 1 41  ? 5.830   -2.290  11.617  1.00 19.89 ? 41  LYS A N     1 
ATOM   312  C CA    . LYS A 1 41  ? 4.636   -2.739  10.933  1.00 19.06 ? 41  LYS A CA    1 
ATOM   313  C C     . LYS A 1 41  ? 5.023   -3.993  10.148  1.00 16.96 ? 41  LYS A C     1 
ATOM   314  O O     . LYS A 1 41  ? 5.976   -3.925  9.377   1.00 18.76 ? 41  LYS A O     1 
ATOM   315  C CB    . LYS A 1 41  ? 4.178   -1.613  10.037  1.00 18.69 ? 41  LYS A CB    1 
ATOM   316  C CG    . LYS A 1 41  ? 2.939   -1.996  9.283   1.00 20.12 ? 41  LYS A CG    1 
ATOM   317  C CD    . LYS A 1 41  ? 2.300   -0.796  8.658   1.00 20.49 ? 41  LYS A CD    1 
ATOM   318  C CE    . LYS A 1 41  ? 1.083   -1.396  8.000   1.00 20.98 ? 41  LYS A CE    1 
ATOM   319  N NZ    . LYS A 1 41  ? 0.431   -0.358  7.235   1.00 30.63 ? 41  LYS A NZ    1 
ATOM   320  N N     . PRO A 1 42  ? 4.414   -5.177  10.297  1.00 15.61 ? 42  PRO A N     1 
ATOM   321  C CA    . PRO A 1 42  ? 4.913   -6.417  9.717   1.00 15.03 ? 42  PRO A CA    1 
ATOM   322  C C     . PRO A 1 42  ? 4.916   -6.506  8.164   1.00 14.97 ? 42  PRO A C     1 
ATOM   323  O O     . PRO A 1 42  ? 5.867   -7.041  7.576   1.00 12.77 ? 42  PRO A O     1 
ATOM   324  C CB    . PRO A 1 42  ? 4.053   -7.487  10.380  1.00 14.12 ? 42  PRO A CB    1 
ATOM   325  C CG    . PRO A 1 42  ? 3.480   -6.849  11.593  1.00 14.54 ? 42  PRO A CG    1 
ATOM   326  C CD    . PRO A 1 42  ? 3.231   -5.427  11.112  1.00 14.14 ? 42  PRO A CD    1 
ATOM   327  N N     . VAL A 1 43  ? 3.897   -5.998  7.478   1.00 12.83 ? 43  VAL A N     1 
ATOM   328  C CA    . VAL A 1 43  ? 3.831   -6.126  6.049   1.00 16.42 ? 43  VAL A CA    1 
ATOM   329  C C     . VAL A 1 43  ? 3.184   -4.848  5.538   1.00 16.22 ? 43  VAL A C     1 
ATOM   330  O O     . VAL A 1 43  ? 2.245   -4.344  6.159   1.00 14.91 ? 43  VAL A O     1 
ATOM   331  C CB    . VAL A 1 43  ? 2.976   -7.414  5.558   1.00 19.58 ? 43  VAL A CB    1 
ATOM   332  C CG1   . VAL A 1 43  ? 3.398   -8.724  6.174   1.00 15.59 ? 43  VAL A CG1   1 
ATOM   333  C CG2   . VAL A 1 43  ? 1.581   -7.313  6.061   1.00 22.68 ? 43  VAL A CG2   1 
ATOM   334  N N     . ASN A 1 44  ? 3.652   -4.301  4.410   1.00 15.39 ? 44  ASN A N     1 
ATOM   335  C CA    . ASN A 1 44  ? 3.089   -3.087  3.859   1.00 14.57 ? 44  ASN A CA    1 
ATOM   336  C C     . ASN A 1 44  ? 3.322   -3.071  2.372   1.00 14.73 ? 44  ASN A C     1 
ATOM   337  O O     . ASN A 1 44  ? 4.380   -3.515  1.956   1.00 16.43 ? 44  ASN A O     1 
ATOM   338  C CB    . ASN A 1 44  ? 3.748   -1.833  4.424   1.00 15.27 ? 44  ASN A CB    1 
ATOM   339  C CG    . ASN A 1 44  ? 2.971   -0.585  4.037   1.00 15.20 ? 44  ASN A CG    1 
ATOM   340  O OD1   . ASN A 1 44  ? 1.788   -0.457  4.355   1.00 16.91 ? 44  ASN A OD1   1 
ATOM   341  N ND2   . ASN A 1 44  ? 3.527   0.397   3.335   1.00 14.55 ? 44  ASN A ND2   1 
ATOM   342  N N     . THR A 1 45  ? 2.388   -2.634  1.553   1.00 11.95 ? 45  THR A N     1 
ATOM   343  C CA    . THR A 1 45  ? 2.576   -2.501  0.119   1.00 11.15 ? 45  THR A CA    1 
ATOM   344  C C     . THR A 1 45  ? 2.566   -1.040  -0.320  1.00 10.40 ? 45  THR A C     1 
ATOM   345  O O     . THR A 1 45  ? 1.673   -0.289  0.119   1.00 12.44 ? 45  THR A O     1 
ATOM   346  C CB    . THR A 1 45  ? 1.454   -3.237  -0.638  1.00 11.90 ? 45  THR A CB    1 
ATOM   347  O OG1   . THR A 1 45  ? 1.487   -4.562  -0.121  1.00 14.39 ? 45  THR A OG1   1 
ATOM   348  C CG2   . THR A 1 45  ? 1.569   -3.146  -2.166  1.00 7.69  ? 45  THR A CG2   1 
ATOM   349  N N     . PHE A 1 46  ? 3.477   -0.653  -1.228  1.00 10.50 ? 46  PHE A N     1 
ATOM   350  C CA    . PHE A 1 46  ? 3.513   0.654   -1.850  1.00 10.67 ? 46  PHE A CA    1 
ATOM   351  C C     . PHE A 1 46  ? 3.182   0.473   -3.331  1.00 13.40 ? 46  PHE A C     1 
ATOM   352  O O     . PHE A 1 46  ? 3.710   -0.399  -4.021  1.00 17.09 ? 46  PHE A O     1 
ATOM   353  C CB    . PHE A 1 46  ? 4.875   1.286   -1.817  1.00 12.74 ? 46  PHE A CB    1 
ATOM   354  C CG    . PHE A 1 46  ? 5.381   1.514   -0.428  1.00 9.93  ? 46  PHE A CG    1 
ATOM   355  C CD1   . PHE A 1 46  ? 4.977   2.651   0.267   1.00 12.60 ? 46  PHE A CD1   1 
ATOM   356  C CD2   . PHE A 1 46  ? 6.215   0.585   0.159   1.00 13.62 ? 46  PHE A CD2   1 
ATOM   357  C CE1   . PHE A 1 46  ? 5.419   2.870   1.585   1.00 13.06 ? 46  PHE A CE1   1 
ATOM   358  C CE2   . PHE A 1 46  ? 6.654   0.813   1.485   1.00 14.96 ? 46  PHE A CE2   1 
ATOM   359  C CZ    . PHE A 1 46  ? 6.264   1.950   2.202   1.00 11.60 ? 46  PHE A CZ    1 
ATOM   360  N N     . VAL A 1 47  ? 2.329   1.334   -3.847  1.00 13.17 ? 47  VAL A N     1 
ATOM   361  C CA    . VAL A 1 47  ? 1.896   1.372   -5.213  1.00 13.30 ? 47  VAL A CA    1 
ATOM   362  C C     . VAL A 1 47  ? 2.656   2.518   -5.889  1.00 11.46 ? 47  VAL A C     1 
ATOM   363  O O     . VAL A 1 47  ? 2.700   3.651   -5.405  1.00 15.00 ? 47  VAL A O     1 
ATOM   364  C CB    . VAL A 1 47  ? 0.342   1.607   -5.218  1.00 12.43 ? 47  VAL A CB    1 
ATOM   365  C CG1   . VAL A 1 47  ? -0.216  1.507   -6.642  1.00 13.95 ? 47  VAL A CG1   1 
ATOM   366  C CG2   . VAL A 1 47  ? -0.312  0.584   -4.306  1.00 16.06 ? 47  VAL A CG2   1 
ATOM   367  N N     . HIS A 1 48  ? 3.262   2.241   -7.025  1.00 13.12 ? 48  HIS A N     1 
ATOM   368  C CA    . HIS A 1 48  ? 4.081   3.195   -7.764  1.00 15.73 ? 48  HIS A CA    1 
ATOM   369  C C     . HIS A 1 48  ? 3.254   3.647   -8.941  1.00 18.14 ? 48  HIS A C     1 
ATOM   370  O O     . HIS A 1 48  ? 3.554   3.244   -10.074 1.00 20.71 ? 48  HIS A O     1 
ATOM   371  C CB    . HIS A 1 48  ? 5.373   2.539   -8.319  1.00 12.89 ? 48  HIS A CB    1 
ATOM   372  C CG    . HIS A 1 48  ? 6.325   2.049   -7.264  1.00 13.59 ? 48  HIS A CG    1 
ATOM   373  N ND1   . HIS A 1 48  ? 7.172   2.778   -6.545  1.00 14.79 ? 48  HIS A ND1   1 
ATOM   374  C CD2   . HIS A 1 48  ? 6.394   0.744   -6.815  1.00 12.22 ? 48  HIS A CD2   1 
ATOM   375  C CE1   . HIS A 1 48  ? 7.739   1.979   -5.666  1.00 12.87 ? 48  HIS A CE1   1 
ATOM   376  N NE2   . HIS A 1 48  ? 7.255   0.771   -5.844  1.00 14.01 ? 48  HIS A NE2   1 
ATOM   377  N N     . GLU A 1 49  ? 2.176   4.392   -8.708  1.00 19.24 ? 49  GLU A N     1 
ATOM   378  C CA    . GLU A 1 49  ? 1.301   4.882   -9.778  1.00 20.12 ? 49  GLU A CA    1 
ATOM   379  C C     . GLU A 1 49  ? 0.861   6.260   -9.283  1.00 20.57 ? 49  GLU A C     1 
ATOM   380  O O     . GLU A 1 49  ? 1.117   6.652   -8.131  1.00 20.05 ? 49  GLU A O     1 
ATOM   381  C CB    . GLU A 1 49  ? 0.045   3.987   -9.972  1.00 22.22 ? 49  GLU A CB    1 
ATOM   382  C CG    . GLU A 1 49  ? 0.357   2.502   -10.242 1.00 23.24 ? 49  GLU A CG    1 
ATOM   383  C CD    . GLU A 1 49  ? 0.883   2.139   -11.619 1.00 25.41 ? 49  GLU A CD    1 
ATOM   384  O OE1   . GLU A 1 49  ? 0.778   2.955   -12.536 1.00 29.59 ? 49  GLU A OE1   1 
ATOM   385  O OE2   . GLU A 1 49  ? 1.375   1.033   -11.786 1.00 23.49 ? 49  GLU A OE2   1 
ATOM   386  N N     . SER A 1 50  ? 0.251   7.048   -10.154 1.00 22.68 ? 50  SER A N     1 
ATOM   387  C CA    . SER A 1 50  ? -0.164  8.393   -9.812  1.00 23.73 ? 50  SER A CA    1 
ATOM   388  C C     . SER A 1 50  ? -1.438  8.299   -8.988  1.00 24.96 ? 50  SER A C     1 
ATOM   389  O O     . SER A 1 50  ? -2.290  7.419   -9.195  1.00 23.97 ? 50  SER A O     1 
ATOM   390  C CB    . SER A 1 50  ? -0.387  9.160   -11.120 1.00 24.44 ? 50  SER A CB    1 
ATOM   391  O OG    . SER A 1 50  ? -1.371  8.471   -11.863 1.00 27.31 ? 50  SER A OG    1 
ATOM   392  N N     . LEU A 1 51  ? -1.559  9.258   -8.072  1.00 25.61 ? 51  LEU A N     1 
ATOM   393  C CA    . LEU A 1 51  ? -2.661  9.311   -7.153  1.00 26.38 ? 51  LEU A CA    1 
ATOM   394  C C     . LEU A 1 51  ? -3.961  9.184   -7.935  1.00 25.59 ? 51  LEU A C     1 
ATOM   395  O O     . LEU A 1 51  ? -4.781  8.322   -7.638  1.00 26.25 ? 51  LEU A O     1 
ATOM   396  C CB    . LEU A 1 51  ? -2.562  10.623  -6.361  1.00 23.47 ? 51  LEU A CB    1 
ATOM   397  C CG    . LEU A 1 51  ? -3.549  10.756  -5.221  1.00 28.32 ? 51  LEU A CG    1 
ATOM   398  C CD1   . LEU A 1 51  ? -3.462  9.555   -4.297  1.00 27.65 ? 51  LEU A CD1   1 
ATOM   399  C CD2   . LEU A 1 51  ? -3.215  11.984  -4.404  1.00 29.79 ? 51  LEU A CD2   1 
ATOM   400  N N     . ALA A 1 52  ? -4.116  9.972   -8.983  1.00 26.19 ? 52  ALA A N     1 
ATOM   401  C CA    . ALA A 1 52  ? -5.307  9.923   -9.843  1.00 28.18 ? 52  ALA A CA    1 
ATOM   402  C C     . ALA A 1 52  ? -5.662  8.505   -10.339 1.00 25.61 ? 52  ALA A C     1 
ATOM   403  O O     . ALA A 1 52  ? -6.812  8.053   -10.259 1.00 26.60 ? 52  ALA A O     1 
ATOM   404  C CB    . ALA A 1 52  ? -5.112  10.828  -11.097 1.00 25.94 ? 52  ALA A CB    1 
ATOM   405  N N     . ASP A 1 53  ? -4.674  7.745   -10.795 1.00 24.00 ? 53  ASP A N     1 
ATOM   406  C CA    . ASP A 1 53  ? -4.921  6.429   -11.300 1.00 20.95 ? 53  ASP A CA    1 
ATOM   407  C C     . ASP A 1 53  ? -5.242  5.508   -10.180 1.00 19.39 ? 53  ASP A C     1 
ATOM   408  O O     . ASP A 1 53  ? -5.899  4.527   -10.464 1.00 15.83 ? 53  ASP A O     1 
ATOM   409  C CB    . ASP A 1 53  ? -3.712  5.858   -12.017 1.00 29.33 ? 53  ASP A CB    1 
ATOM   410  C CG    . ASP A 1 53  ? -3.558  6.159   -13.532 1.00 32.59 ? 53  ASP A CG    1 
ATOM   411  O OD1   . ASP A 1 53  ? -4.537  6.575   -14.185 1.00 37.11 ? 53  ASP A OD1   1 
ATOM   412  O OD2   . ASP A 1 53  ? -2.455  5.936   -14.055 1.00 32.88 ? 53  ASP A OD2   1 
ATOM   413  N N     . VAL A 1 54  ? -4.732  5.691   -8.956  1.00 18.81 ? 54  VAL A N     1 
ATOM   414  C CA    . VAL A 1 54  ? -5.146  4.807   -7.878  1.00 18.68 ? 54  VAL A CA    1 
ATOM   415  C C     . VAL A 1 54  ? -6.536  5.232   -7.358  1.00 20.52 ? 54  VAL A C     1 
ATOM   416  O O     . VAL A 1 54  ? -7.363  4.384   -6.985  1.00 19.25 ? 54  VAL A O     1 
ATOM   417  C CB    . VAL A 1 54  ? -4.071  4.852   -6.806  1.00 18.20 ? 54  VAL A CB    1 
ATOM   418  C CG1   . VAL A 1 54  ? -4.525  4.049   -5.586  1.00 16.94 ? 54  VAL A CG1   1 
ATOM   419  C CG2   . VAL A 1 54  ? -2.837  4.069   -7.284  1.00 16.42 ? 54  VAL A CG2   1 
ATOM   420  N N     . GLN A 1 55  ? -6.851  6.545   -7.377  1.00 19.87 ? 55  GLN A N     1 
ATOM   421  C CA    . GLN A 1 55  ? -8.173  7.034   -7.047  1.00 23.12 ? 55  GLN A CA    1 
ATOM   422  C C     . GLN A 1 55  ? -9.221  6.501   -7.989  1.00 21.26 ? 55  GLN A C     1 
ATOM   423  O O     . GLN A 1 55  ? -10.313 6.141   -7.565  1.00 23.45 ? 55  GLN A O     1 
ATOM   424  C CB    . GLN A 1 55  ? -8.224  8.530   -7.118  1.00 26.44 ? 55  GLN A CB    1 
ATOM   425  C CG    . GLN A 1 55  ? -7.417  9.069   -5.932  1.00 29.58 ? 55  GLN A CG    1 
ATOM   426  C CD    . GLN A 1 55  ? -7.371  10.594  -5.864  1.00 32.47 ? 55  GLN A CD    1 
ATOM   427  O OE1   . GLN A 1 55  ? -7.314  11.292  -6.888  1.00 36.84 ? 55  GLN A OE1   1 
ATOM   428  N NE2   . GLN A 1 55  ? -7.383  11.153  -4.662  1.00 30.61 ? 55  GLN A NE2   1 
ATOM   429  N N     . ALA A 1 56  ? -8.935  6.435   -9.268  1.00 20.33 ? 56  ALA A N     1 
ATOM   430  C CA    . ALA A 1 56  ? -9.865  5.810   -10.197 1.00 21.62 ? 56  ALA A CA    1 
ATOM   431  C C     . ALA A 1 56  ? -10.214 4.337   -9.948  1.00 21.68 ? 56  ALA A C     1 
ATOM   432  O O     . ALA A 1 56  ? -11.213 3.827   -10.533 1.00 21.95 ? 56  ALA A O     1 
ATOM   433  C CB    . ALA A 1 56  ? -9.366  5.883   -11.667 1.00 19.00 ? 56  ALA A CB    1 
ATOM   434  N N     . VAL A 1 57  ? -9.455  3.608   -9.110  1.00 17.98 ? 57  VAL A N     1 
ATOM   435  C CA    . VAL A 1 57  ? -9.824  2.215   -8.938  1.00 17.22 ? 57  VAL A CA    1 
ATOM   436  C C     . VAL A 1 57  ? -11.171 2.068   -8.171  1.00 17.85 ? 57  VAL A C     1 
ATOM   437  O O     . VAL A 1 57  ? -11.899 1.062   -8.251  1.00 15.11 ? 57  VAL A O     1 
ATOM   438  C CB    . VAL A 1 57  ? -8.629  1.558   -8.272  1.00 14.02 ? 57  VAL A CB    1 
ATOM   439  C CG1   . VAL A 1 57  ? -8.900  0.102   -7.883  1.00 15.92 ? 57  VAL A CG1   1 
ATOM   440  C CG2   . VAL A 1 57  ? -7.539  1.515   -9.270  1.00 10.08 ? 57  VAL A CG2   1 
ATOM   441  N N     . CYS A 1 58  ? -11.572 3.134   -7.473  1.00 18.94 ? 58  CYS A N     1 
ATOM   442  C CA    . CYS A 1 58  ? -12.811 3.187   -6.707  1.00 18.92 ? 58  CYS A CA    1 
ATOM   443  C C     . CYS A 1 58  ? -14.057 3.147   -7.568  1.00 21.46 ? 58  CYS A C     1 
ATOM   444  O O     . CYS A 1 58  ? -15.176 3.063   -7.040  1.00 20.07 ? 58  CYS A O     1 
ATOM   445  C CB    . CYS A 1 58  ? -12.854 4.450   -5.857  1.00 19.36 ? 58  CYS A CB    1 
ATOM   446  S SG    . CYS A 1 58  ? -11.671 4.419   -4.473  1.00 17.52 ? 58  CYS A SG    1 
ATOM   447  N N     . SER A 1 59  ? -13.923 3.258   -8.883  1.00 21.39 ? 59  SER A N     1 
ATOM   448  C CA    . SER A 1 59  ? -15.072 2.999   -9.702  1.00 22.21 ? 59  SER A CA    1 
ATOM   449  C C     . SER A 1 59  ? -14.789 1.810   -10.621 1.00 20.22 ? 59  SER A C     1 
ATOM   450  O O     . SER A 1 59  ? -15.288 1.763   -11.737 1.00 20.01 ? 59  SER A O     1 
ATOM   451  C CB    . SER A 1 59  ? -15.391 4.291   -10.460 1.00 21.97 ? 59  SER A CB    1 
ATOM   452  O OG    . SER A 1 59  ? -14.314 4.604   -11.301 1.00 24.76 ? 59  SER A OG    1 
ATOM   453  N N     . GLN A 1 60  ? -13.977 0.822   -10.274 1.00 20.57 ? 60  GLN A N     1 
ATOM   454  C CA    . GLN A 1 60  ? -13.734 -0.306  -11.162 1.00 21.01 ? 60  GLN A CA    1 
ATOM   455  C C     . GLN A 1 60  ? -14.398 -1.555  -10.626 1.00 22.10 ? 60  GLN A C     1 
ATOM   456  O O     . GLN A 1 60  ? -15.553 -1.452  -10.238 1.00 23.71 ? 60  GLN A O     1 
ATOM   457  C CB    . GLN A 1 60  ? -12.243 -0.524  -11.327 1.00 19.47 ? 60  GLN A CB    1 
ATOM   458  C CG    . GLN A 1 60  ? -11.698 0.690   -12.017 1.00 17.35 ? 60  GLN A CG    1 
ATOM   459  C CD    . GLN A 1 60  ? -10.223 0.589   -12.324 1.00 18.04 ? 60  GLN A CD    1 
ATOM   460  O OE1   . GLN A 1 60  ? -9.544  -0.454  -12.286 1.00 18.48 ? 60  GLN A OE1   1 
ATOM   461  N NE2   . GLN A 1 60  ? -9.714  1.759   -12.661 1.00 21.51 ? 60  GLN A NE2   1 
ATOM   462  N N     . LYS A 1 61  ? -13.785 -2.720  -10.447 1.00 24.76 ? 61  LYS A N     1 
ATOM   463  C CA    . LYS A 1 61  ? -14.564 -3.934  -10.166 1.00 24.39 ? 61  LYS A CA    1 
ATOM   464  C C     . LYS A 1 61  ? -14.854 -4.003  -8.688  1.00 23.36 ? 61  LYS A C     1 
ATOM   465  O O     . LYS A 1 61  ? -13.944 -4.049  -7.849  1.00 22.71 ? 61  LYS A O     1 
ATOM   466  C CB    . LYS A 1 61  ? -13.751 -5.153  -10.650 1.00 28.52 ? 61  LYS A CB    1 
ATOM   467  C CG    . LYS A 1 61  ? -14.401 -6.530  -10.503 1.00 34.37 ? 61  LYS A CG    1 
ATOM   468  C CD    . LYS A 1 61  ? -13.339 -7.638  -10.702 1.00 41.43 ? 61  LYS A CD    1 
ATOM   469  C CE    . LYS A 1 61  ? -13.049 -8.019  -12.175 1.00 45.97 ? 61  LYS A CE    1 
ATOM   470  N NZ    . LYS A 1 61  ? -11.802 -8.765  -12.337 1.00 47.80 ? 61  LYS A NZ    1 
ATOM   471  N N     . ASN A 1 62  ? -16.124 -3.983  -8.337  1.00 21.52 ? 62  ASN A N     1 
ATOM   472  C CA    . ASN A 1 62  ? -16.491 -3.990  -6.935  1.00 19.77 ? 62  ASN A CA    1 
ATOM   473  C C     . ASN A 1 62  ? -16.391 -5.413  -6.421  1.00 19.44 ? 62  ASN A C     1 
ATOM   474  O O     . ASN A 1 62  ? -16.944 -6.342  -7.001  1.00 20.18 ? 62  ASN A O     1 
ATOM   475  C CB    . ASN A 1 62  ? -17.872 -3.459  -6.815  1.00 22.14 ? 62  ASN A CB    1 
ATOM   476  C CG    . ASN A 1 62  ? -18.454 -3.410  -5.411  1.00 26.25 ? 62  ASN A CG    1 
ATOM   477  O OD1   . ASN A 1 62  ? -19.596 -3.866  -5.215  1.00 27.65 ? 62  ASN A OD1   1 
ATOM   478  N ND2   . ASN A 1 62  ? -17.784 -2.826  -4.417  1.00 23.30 ? 62  ASN A ND2   1 
ATOM   479  N N     . VAL A 1 63  ? -15.635 -5.632  -5.366  1.00 18.78 ? 63  VAL A N     1 
ATOM   480  C CA    . VAL A 1 63  ? -15.486 -6.938  -4.750  1.00 17.19 ? 63  VAL A CA    1 
ATOM   481  C C     . VAL A 1 63  ? -15.706 -6.804  -3.230  1.00 17.76 ? 63  VAL A C     1 
ATOM   482  O O     . VAL A 1 63  ? -15.810 -5.717  -2.613  1.00 19.76 ? 63  VAL A O     1 
ATOM   483  C CB    . VAL A 1 63  ? -14.086 -7.503  -5.017  1.00 17.30 ? 63  VAL A CB    1 
ATOM   484  C CG1   . VAL A 1 63  ? -13.808 -7.663  -6.509  1.00 15.76 ? 63  VAL A CG1   1 
ATOM   485  C CG2   . VAL A 1 63  ? -13.058 -6.527  -4.467  1.00 17.43 ? 63  VAL A CG2   1 
ATOM   486  N N     . ALA A 1 64  ? -15.824 -7.940  -2.577  1.00 16.48 ? 64  ALA A N     1 
ATOM   487  C CA    . ALA A 1 64  ? -15.880 -7.901  -1.141  1.00 17.25 ? 64  ALA A CA    1 
ATOM   488  C C     . ALA A 1 64  ? -14.483 -7.687  -0.566  1.00 17.64 ? 64  ALA A C     1 
ATOM   489  O O     . ALA A 1 64  ? -13.475 -8.174  -1.082  1.00 18.07 ? 64  ALA A O     1 
ATOM   490  C CB    . ALA A 1 64  ? -16.422 -9.218  -0.585  1.00 15.70 ? 64  ALA A CB    1 
ATOM   491  N N     . CYS A 1 65  ? -14.437 -6.976  0.554   1.00 18.82 ? 65  CYS A N     1 
ATOM   492  C CA    . CYS A 1 65  ? -13.221 -6.774  1.296   1.00 18.39 ? 65  CYS A CA    1 
ATOM   493  C C     . CYS A 1 65  ? -12.930 -7.974  2.176   1.00 19.09 ? 65  CYS A C     1 
ATOM   494  O O     . CYS A 1 65  ? -13.814 -8.675  2.653   1.00 19.07 ? 65  CYS A O     1 
ATOM   495  C CB    . CYS A 1 65  ? -13.307 -5.604  2.229   1.00 17.19 ? 65  CYS A CB    1 
ATOM   496  S SG    . CYS A 1 65  ? -13.686 -4.038  1.443   1.00 17.59 ? 65  CYS A SG    1 
ATOM   497  N N     . LYS A 1 66  ? -11.667 -8.136  2.549   1.00 21.14 ? 66  LYS A N     1 
ATOM   498  C CA    . LYS A 1 66  ? -11.275 -9.219  3.435   1.00 23.35 ? 66  LYS A CA    1 
ATOM   499  C C     . LYS A 1 66  ? -12.098 -9.203  4.712   1.00 23.60 ? 66  LYS A C     1 
ATOM   500  O O     . LYS A 1 66  ? -12.330 -10.261 5.290   1.00 23.84 ? 66  LYS A O     1 
ATOM   501  C CB    . LYS A 1 66  ? -9.758  -9.130  3.783   1.00 25.38 ? 66  LYS A CB    1 
ATOM   502  C CG    . LYS A 1 66  ? -8.798  -9.599  2.672   1.00 30.98 ? 66  LYS A CG    1 
ATOM   503  C CD    . LYS A 1 66  ? -7.340  -9.607  3.151   1.00 39.85 ? 66  LYS A CD    1 
ATOM   504  C CE    . LYS A 1 66  ? -6.321  -9.799  2.009   1.00 45.18 ? 66  LYS A CE    1 
ATOM   505  N NZ    . LYS A 1 66  ? -4.982  -9.304  2.351   1.00 45.99 ? 66  LYS A NZ    1 
ATOM   506  N N     . ASN A 1 67  ? -12.578 -8.028  5.129   1.00 23.98 ? 67  ASN A N     1 
ATOM   507  C CA    . ASN A 1 67  ? -13.395 -7.926  6.339   1.00 25.02 ? 67  ASN A CA    1 
ATOM   508  C C     . ASN A 1 67  ? -14.880 -8.169  6.115   1.00 26.37 ? 67  ASN A C     1 
ATOM   509  O O     . ASN A 1 67  ? -15.682 -8.081  7.069   1.00 24.01 ? 67  ASN A O     1 
ATOM   510  C CB    . ASN A 1 67  ? -13.290 -6.540  7.019   1.00 23.98 ? 67  ASN A CB    1 
ATOM   511  C CG    . ASN A 1 67  ? -13.940 -5.367  6.287   1.00 22.60 ? 67  ASN A CG    1 
ATOM   512  O OD1   . ASN A 1 67  ? -14.444 -5.487  5.181   1.00 23.66 ? 67  ASN A OD1   1 
ATOM   513  N ND2   . ASN A 1 67  ? -13.890 -4.161  6.817   1.00 22.36 ? 67  ASN A ND2   1 
ATOM   514  N N     . GLY A 1 68  ? -15.244 -8.457  4.862   1.00 25.36 ? 68  GLY A N     1 
ATOM   515  C CA    . GLY A 1 68  ? -16.623 -8.779  4.570   1.00 26.13 ? 68  GLY A CA    1 
ATOM   516  C C     . GLY A 1 68  ? -17.437 -7.566  4.201   1.00 26.20 ? 68  GLY A C     1 
ATOM   517  O O     . GLY A 1 68  ? -18.578 -7.804  3.876   1.00 25.83 ? 68  GLY A O     1 
ATOM   518  N N     . GLN A 1 69  ? -16.996 -6.304  4.288   1.00 26.75 ? 69  GLN A N     1 
ATOM   519  C CA    . GLN A 1 69  ? -17.777 -5.200  3.718   1.00 27.05 ? 69  GLN A CA    1 
ATOM   520  C C     . GLN A 1 69  ? -17.614 -5.268  2.207   1.00 24.63 ? 69  GLN A C     1 
ATOM   521  O O     . GLN A 1 69  ? -16.721 -5.965  1.721   1.00 23.26 ? 69  GLN A O     1 
ATOM   522  C CB    . GLN A 1 69  ? -17.281 -3.868  4.114   1.00 29.39 ? 69  GLN A CB    1 
ATOM   523  C CG    . GLN A 1 69  ? -17.569 -3.501  5.513   1.00 37.23 ? 69  GLN A CG    1 
ATOM   524  C CD    . GLN A 1 69  ? -16.905 -2.171  5.812   1.00 45.09 ? 69  GLN A CD    1 
ATOM   525  O OE1   . GLN A 1 69  ? -16.464 -1.959  6.945   1.00 50.57 ? 69  GLN A OE1   1 
ATOM   526  N NE2   . GLN A 1 69  ? -16.703 -1.221  4.886   1.00 48.37 ? 69  GLN A NE2   1 
ATOM   527  N N     . THR A 1 70  ? -18.425 -4.544  1.452   1.00 24.55 ? 70  THR A N     1 
ATOM   528  C CA    . THR A 1 70  ? -18.397 -4.633  0.010   1.00 25.02 ? 70  THR A CA    1 
ATOM   529  C C     . THR A 1 70  ? -18.013 -3.327  -0.671  1.00 24.08 ? 70  THR A C     1 
ATOM   530  O O     . THR A 1 70  ? -18.329 -3.095  -1.851  1.00 23.55 ? 70  THR A O     1 
ATOM   531  C CB    . THR A 1 70  ? -19.824 -5.194  -0.425  1.00 29.07 ? 70  THR A CB    1 
ATOM   532  O OG1   . THR A 1 70  ? -20.796 -4.471  0.323   1.00 30.25 ? 70  THR A OG1   1 
ATOM   533  C CG2   . THR A 1 70  ? -20.024 -6.702  -0.157  1.00 30.82 ? 70  THR A CG2   1 
ATOM   534  N N     . ASN A 1 71  ? -17.243 -2.451  0.017   1.00 21.59 ? 71  ASN A N     1 
ATOM   535  C CA    . ASN A 1 71  ? -16.821 -1.193  -0.613  1.00 19.04 ? 71  ASN A CA    1 
ATOM   536  C C     . ASN A 1 71  ? -15.398 -1.305  -1.140  1.00 19.35 ? 71  ASN A C     1 
ATOM   537  O O     . ASN A 1 71  ? -14.626 -0.315  -1.101  1.00 18.93 ? 71  ASN A O     1 
ATOM   538  C CB    . ASN A 1 71  ? -16.914 -0.038  0.410   1.00 20.87 ? 71  ASN A CB    1 
ATOM   539  C CG    . ASN A 1 71  ? -16.097 -0.187  1.698   1.00 24.67 ? 71  ASN A CG    1 
ATOM   540  O OD1   . ASN A 1 71  ? -16.045 -1.278  2.297   1.00 26.57 ? 71  ASN A OD1   1 
ATOM   541  N ND2   . ASN A 1 71  ? -15.428 0.852   2.206   1.00 22.70 ? 71  ASN A ND2   1 
ATOM   542  N N     . CYS A 1 72  ? -15.063 -2.510  -1.632  1.00 15.13 ? 72  CYS A N     1 
ATOM   543  C CA    . CYS A 1 72  ? -13.739 -2.775  -2.131  1.00 15.25 ? 72  CYS A CA    1 
ATOM   544  C C     . CYS A 1 72  ? -13.837 -2.890  -3.631  1.00 16.95 ? 72  CYS A C     1 
ATOM   545  O O     . CYS A 1 72  ? -14.891 -3.245  -4.207  1.00 14.81 ? 72  CYS A O     1 
ATOM   546  C CB    . CYS A 1 72  ? -13.159 -4.070  -1.576  1.00 14.63 ? 72  CYS A CB    1 
ATOM   547  S SG    . CYS A 1 72  ? -12.290 -3.829  0.005   1.00 17.45 ? 72  CYS A SG    1 
ATOM   548  N N     . TYR A 1 73  ? -12.728 -2.466  -4.246  1.00 16.39 ? 73  TYR A N     1 
ATOM   549  C CA    . TYR A 1 73  ? -12.616 -2.391  -5.684  1.00 15.92 ? 73  TYR A CA    1 
ATOM   550  C C     . TYR A 1 73  ? -11.247 -2.839  -6.144  1.00 15.76 ? 73  TYR A C     1 
ATOM   551  O O     . TYR A 1 73  ? -10.200 -2.546  -5.554  1.00 14.98 ? 73  TYR A O     1 
ATOM   552  C CB    . TYR A 1 73  ? -12.845 -0.966  -6.156  1.00 18.51 ? 73  TYR A CB    1 
ATOM   553  C CG    . TYR A 1 73  ? -14.185 -0.370  -5.749  1.00 17.78 ? 73  TYR A CG    1 
ATOM   554  C CD1   . TYR A 1 73  ? -14.356 0.087   -4.456  1.00 19.05 ? 73  TYR A CD1   1 
ATOM   555  C CD2   . TYR A 1 73  ? -15.236 -0.358  -6.656  1.00 18.74 ? 73  TYR A CD2   1 
ATOM   556  C CE1   . TYR A 1 73  ? -15.579 0.556   -4.052  1.00 21.59 ? 73  TYR A CE1   1 
ATOM   557  C CE2   . TYR A 1 73  ? -16.464 0.122   -6.251  1.00 18.23 ? 73  TYR A CE2   1 
ATOM   558  C CZ    . TYR A 1 73  ? -16.620 0.554   -4.952  1.00 21.46 ? 73  TYR A CZ    1 
ATOM   559  O OH    . TYR A 1 73  ? -17.852 0.988   -4.516  1.00 24.93 ? 73  TYR A OH    1 
ATOM   560  N N     . GLN A 1 74  ? -11.362 -3.632  -7.204  1.00 17.49 ? 74  GLN A N     1 
ATOM   561  C CA    . GLN A 1 74  ? -10.269 -4.288  -7.867  1.00 18.49 ? 74  GLN A CA    1 
ATOM   562  C C     . GLN A 1 74  ? -9.931  -3.572  -9.192  1.00 19.26 ? 74  GLN A C     1 
ATOM   563  O O     . GLN A 1 74  ? -10.817 -3.258  -10.007 1.00 18.96 ? 74  GLN A O     1 
ATOM   564  C CB    . GLN A 1 74  ? -10.678 -5.733  -8.078  1.00 17.45 ? 74  GLN A CB    1 
ATOM   565  C CG    . GLN A 1 74  ? -9.434  -6.485  -8.526  1.00 24.01 ? 74  GLN A CG    1 
ATOM   566  C CD    . GLN A 1 74  ? -9.561  -7.991  -8.606  1.00 26.78 ? 74  GLN A CD    1 
ATOM   567  O OE1   . GLN A 1 74  ? -10.246 -8.652  -7.815  1.00 33.11 ? 74  GLN A OE1   1 
ATOM   568  N NE2   . GLN A 1 74  ? -8.945  -8.582  -9.597  1.00 24.97 ? 74  GLN A NE2   1 
ATOM   569  N N     . SER A 1 75  ? -8.617  -3.317  -9.389  1.00 19.72 ? 75  SER A N     1 
ATOM   570  C CA    . SER A 1 75  ? -8.129  -2.604  -10.557 1.00 19.26 ? 75  SER A CA    1 
ATOM   571  C C     . SER A 1 75  ? -8.263  -3.517  -11.762 1.00 19.43 ? 75  SER A C     1 
ATOM   572  O O     . SER A 1 75  ? -7.930  -4.709  -11.718 1.00 18.03 ? 75  SER A O     1 
ATOM   573  C CB    . SER A 1 75  ? -6.664  -2.209  -10.345 1.00 16.74 ? 75  SER A CB    1 
ATOM   574  O OG    . SER A 1 75  ? -5.688  -3.265  -10.353 1.00 16.91 ? 75  SER A OG    1 
ATOM   575  N N     . TYR A 1 76  ? -8.738  -2.998  -12.876 1.00 22.08 ? 76  TYR A N     1 
ATOM   576  C CA    . TYR A 1 76  ? -8.803  -3.812  -14.087 1.00 23.48 ? 76  TYR A CA    1 
ATOM   577  C C     . TYR A 1 76  ? -7.423  -4.212  -14.557 1.00 24.04 ? 76  TYR A C     1 
ATOM   578  O O     . TYR A 1 76  ? -7.239  -5.362  -14.952 1.00 25.10 ? 76  TYR A O     1 
ATOM   579  C CB    . TYR A 1 76  ? -9.464  -3.065  -15.233 1.00 25.63 ? 76  TYR A CB    1 
ATOM   580  C CG    . TYR A 1 76  ? -10.931 -2.874  -14.972 1.00 26.26 ? 76  TYR A CG    1 
ATOM   581  C CD1   . TYR A 1 76  ? -11.678 -3.995  -14.685 1.00 29.04 ? 76  TYR A CD1   1 
ATOM   582  C CD2   . TYR A 1 76  ? -11.472 -1.613  -15.010 1.00 24.53 ? 76  TYR A CD2   1 
ATOM   583  C CE1   . TYR A 1 76  ? -13.021 -3.841  -14.432 1.00 32.93 ? 76  TYR A CE1   1 
ATOM   584  C CE2   . TYR A 1 76  ? -12.805 -1.455  -14.763 1.00 27.68 ? 76  TYR A CE2   1 
ATOM   585  C CZ    . TYR A 1 76  ? -13.570 -2.576  -14.485 1.00 30.28 ? 76  TYR A CZ    1 
ATOM   586  O OH    . TYR A 1 76  ? -14.937 -2.496  -14.309 1.00 33.37 ? 76  TYR A OH    1 
ATOM   587  N N     . SER A 1 77  ? -6.485  -3.249  -14.541 1.00 24.08 ? 77  SER A N     1 
ATOM   588  C CA    . SER A 1 77  ? -5.089  -3.464  -14.912 1.00 22.21 ? 77  SER A CA    1 
ATOM   589  C C     . SER A 1 77  ? -4.165  -3.817  -13.762 1.00 17.93 ? 77  SER A C     1 
ATOM   590  O O     . SER A 1 77  ? -4.522  -3.673  -12.598 1.00 15.32 ? 77  SER A O     1 
ATOM   591  C CB    . SER A 1 77  ? -4.607  -2.189  -15.610 1.00 26.74 ? 77  SER A CB    1 
ATOM   592  O OG    . SER A 1 77  ? -5.258  -2.147  -16.890 1.00 33.02 ? 77  SER A OG    1 
ATOM   593  N N     . THR A 1 78  ? -3.021  -4.389  -14.092 1.00 18.53 ? 78  THR A N     1 
ATOM   594  C CA    . THR A 1 78  ? -1.988  -4.626  -13.104 1.00 18.91 ? 78  THR A CA    1 
ATOM   595  C C     . THR A 1 78  ? -1.313  -3.279  -12.882 1.00 19.86 ? 78  THR A C     1 
ATOM   596  O O     . THR A 1 78  ? -1.318  -2.392  -13.753 1.00 21.26 ? 78  THR A O     1 
ATOM   597  C CB    . THR A 1 78  ? -0.952  -5.610  -13.605 1.00 17.66 ? 78  THR A CB    1 
ATOM   598  O OG1   . THR A 1 78  ? -0.494  -5.055  -14.823 1.00 20.80 ? 78  THR A OG1   1 
ATOM   599  C CG2   . THR A 1 78  ? -1.474  -7.014  -13.805 1.00 19.76 ? 78  THR A CG2   1 
ATOM   600  N N     . MET A 1 79  ? -0.716  -3.108  -11.707 1.00 20.37 ? 79  MET A N     1 
ATOM   601  C CA    . MET A 1 79  ? 0.003   -1.882  -11.335 1.00 19.46 ? 79  MET A CA    1 
ATOM   602  C C     . MET A 1 79  ? 1.378   -2.296  -10.780 1.00 17.30 ? 79  MET A C     1 
ATOM   603  O O     . MET A 1 79  ? 1.548   -3.462  -10.409 1.00 15.58 ? 79  MET A O     1 
ATOM   604  C CB    . MET A 1 79  ? -0.784  -1.116  -10.257 1.00 18.59 ? 79  MET A CB    1 
ATOM   605  C CG    . MET A 1 79  ? -2.164  -0.705  -10.729 1.00 19.20 ? 79  MET A CG    1 
ATOM   606  S SD    . MET A 1 79  ? -2.978  0.559   -9.765  1.00 23.18 ? 79  MET A SD    1 
ATOM   607  C CE    . MET A 1 79  ? -3.891  1.164   -11.134 1.00 23.37 ? 79  MET A CE    1 
ATOM   608  N N     . SER A 1 80  ? 2.391   -1.422  -10.803 1.00 15.60 ? 80  SER A N     1 
ATOM   609  C CA    . SER A 1 80  ? 3.705   -1.690  -10.196 1.00 16.05 ? 80  SER A CA    1 
ATOM   610  C C     . SER A 1 80  ? 3.529   -1.574  -8.667  1.00 11.58 ? 80  SER A C     1 
ATOM   611  O O     . SER A 1 80  ? 3.108   -0.534  -8.139  1.00 10.36 ? 80  SER A O     1 
ATOM   612  C CB    . SER A 1 80  ? 4.734   -0.642  -10.754 1.00 16.01 ? 80  SER A CB    1 
ATOM   613  O OG    . SER A 1 80  ? 6.032   -0.689  -10.193 1.00 17.09 ? 80  SER A OG    1 
ATOM   614  N N     . ILE A 1 81  ? 3.778   -2.603  -7.898  1.00 9.46  ? 81  ILE A N     1 
ATOM   615  C CA    . ILE A 1 81  ? 3.616   -2.492  -6.466  1.00 10.99 ? 81  ILE A CA    1 
ATOM   616  C C     . ILE A 1 81  ? 4.913   -2.931  -5.813  1.00 12.21 ? 81  ILE A C     1 
ATOM   617  O O     . ILE A 1 81  ? 5.650   -3.703  -6.468  1.00 13.20 ? 81  ILE A O     1 
ATOM   618  C CB    . ILE A 1 81  ? 2.464   -3.397  -5.977  1.00 11.57 ? 81  ILE A CB    1 
ATOM   619  C CG1   . ILE A 1 81  ? 2.608   -4.867  -6.390  1.00 13.62 ? 81  ILE A CG1   1 
ATOM   620  C CG2   . ILE A 1 81  ? 1.197   -2.748  -6.511  1.00 8.98  ? 81  ILE A CG2   1 
ATOM   621  C CD1   . ILE A 1 81  ? 3.299   -5.696  -5.290  1.00 14.93 ? 81  ILE A CD1   1 
ATOM   622  N N     . THR A 1 82  ? 5.271   -2.448  -4.608  1.00 10.70 ? 82  THR A N     1 
ATOM   623  C CA    . THR A 1 82  ? 6.412   -3.070  -3.960  1.00 13.03 ? 82  THR A CA    1 
ATOM   624  C C     . THR A 1 82  ? 5.886   -3.615  -2.677  1.00 13.78 ? 82  THR A C     1 
ATOM   625  O O     . THR A 1 82  ? 5.312   -2.882  -1.882  1.00 14.29 ? 82  THR A O     1 
ATOM   626  C CB    . THR A 1 82  ? 7.617   -2.141  -3.602  1.00 12.01 ? 82  THR A CB    1 
ATOM   627  O OG1   . THR A 1 82  ? 8.153   -1.571  -4.812  1.00 10.90 ? 82  THR A OG1   1 
ATOM   628  C CG2   . THR A 1 82  ? 8.763   -2.959  -2.950  1.00 6.86  ? 82  THR A CG2   1 
ATOM   629  N N     . ASP A 1 83  ? 6.158   -4.892  -2.516  1.00 17.26 ? 83  ASP A N     1 
ATOM   630  C CA    . ASP A 1 83  ? 5.790   -5.643  -1.340  1.00 19.59 ? 83  ASP A CA    1 
ATOM   631  C C     . ASP A 1 83  ? 6.895   -5.634  -0.308  1.00 17.98 ? 83  ASP A C     1 
ATOM   632  O O     . ASP A 1 83  ? 8.021   -6.012  -0.648  1.00 14.54 ? 83  ASP A O     1 
ATOM   633  C CB    . ASP A 1 83  ? 5.544   -7.059  -1.708  1.00 24.73 ? 83  ASP A CB    1 
ATOM   634  C CG    . ASP A 1 83  ? 4.543   -7.605  -0.741  1.00 31.66 ? 83  ASP A CG    1 
ATOM   635  O OD1   . ASP A 1 83  ? 3.368   -7.420  -1.069  1.00 36.76 ? 83  ASP A OD1   1 
ATOM   636  O OD2   . ASP A 1 83  ? 4.934   -8.162  0.302   1.00 33.24 ? 83  ASP A OD2   1 
ATOM   637  N N     . CYS A 1 84  ? 6.543   -5.255  0.917   1.00 15.71 ? 84  CYS A N     1 
ATOM   638  C CA    . CYS A 1 84  ? 7.497   -5.194  2.009   1.00 17.67 ? 84  CYS A CA    1 
ATOM   639  C C     . CYS A 1 84  ? 7.107   -6.169  3.115   1.00 16.74 ? 84  CYS A C     1 
ATOM   640  O O     . CYS A 1 84  ? 6.011   -6.080  3.656   1.00 18.23 ? 84  CYS A O     1 
ATOM   641  C CB    . CYS A 1 84  ? 7.577   -3.727  2.580   1.00 14.98 ? 84  CYS A CB    1 
ATOM   642  S SG    . CYS A 1 84  ? 8.236   -2.456  1.457   1.00 15.01 ? 84  CYS A SG    1 
ATOM   643  N N     . ARG A 1 85  ? 7.943   -7.121  3.491   1.00 16.84 ? 85  ARG A N     1 
ATOM   644  C CA    . ARG A 1 85  ? 7.655   -8.002  4.610   1.00 15.51 ? 85  ARG A CA    1 
ATOM   645  C C     . ARG A 1 85  ? 8.884   -8.130  5.519   1.00 17.16 ? 85  ARG A C     1 
ATOM   646  O O     . ARG A 1 85  ? 10.041  -8.332  5.101   1.00 12.86 ? 85  ARG A O     1 
ATOM   647  C CB    . ARG A 1 85  ? 7.261   -9.400  4.135   1.00 15.72 ? 85  ARG A CB    1 
ATOM   648  C CG    . ARG A 1 85  ? 6.782   -10.312 5.287   1.00 16.22 ? 85  ARG A CG    1 
ATOM   649  C CD    . ARG A 1 85  ? 6.108   -11.615 4.847   1.00 16.01 ? 85  ARG A CD    1 
ATOM   650  N NE    . ARG A 1 85  ? 4.807   -11.313 4.265   1.00 19.60 ? 85  ARG A NE    1 
ATOM   651  C CZ    . ARG A 1 85  ? 3.623   -11.586 4.819   1.00 19.35 ? 85  ARG A CZ    1 
ATOM   652  N NH1   . ARG A 1 85  ? 3.483   -12.173 6.018   1.00 20.70 ? 85  ARG A NH1   1 
ATOM   653  N NH2   . ARG A 1 85  ? 2.539   -11.322 4.110   1.00 17.11 ? 85  ARG A NH2   1 
ATOM   654  N N     . GLU A 1 86  ? 8.564   -7.934  6.788   1.00 18.88 ? 86  GLU A N     1 
ATOM   655  C CA    . GLU A 1 86  ? 9.537   -8.018  7.871   1.00 22.57 ? 86  GLU A CA    1 
ATOM   656  C C     . GLU A 1 86  ? 10.251  -9.354  7.876   1.00 22.96 ? 86  GLU A C     1 
ATOM   657  O O     . GLU A 1 86  ? 9.568   -10.363 7.719   1.00 23.70 ? 86  GLU A O     1 
ATOM   658  C CB    . GLU A 1 86  ? 8.781   -7.803  9.180   1.00 23.23 ? 86  GLU A CB    1 
ATOM   659  C CG    . GLU A 1 86  ? 9.632   -7.546  10.413  1.00 27.76 ? 86  GLU A CG    1 
ATOM   660  C CD    . GLU A 1 86  ? 8.892   -7.240  11.737  1.00 28.32 ? 86  GLU A CD    1 
ATOM   661  O OE1   . GLU A 1 86  ? 7.657   -7.371  11.816  1.00 26.93 ? 86  GLU A OE1   1 
ATOM   662  O OE2   . GLU A 1 86  ? 9.570   -6.866  12.703  1.00 26.00 ? 86  GLU A OE2   1 
ATOM   663  N N     . THR A 1 87  ? 11.574  -9.447  8.031   1.00 22.51 ? 87  THR A N     1 
ATOM   664  C CA    . THR A 1 87  ? 12.278  -10.717 8.098   1.00 21.53 ? 87  THR A CA    1 
ATOM   665  C C     . THR A 1 87  ? 11.997  -11.427 9.432   1.00 23.36 ? 87  THR A C     1 
ATOM   666  O O     . THR A 1 87  ? 11.550  -10.846 10.446  1.00 22.32 ? 87  THR A O     1 
ATOM   667  C CB    . THR A 1 87  ? 13.829  -10.509 7.936   1.00 20.73 ? 87  THR A CB    1 
ATOM   668  O OG1   . THR A 1 87  ? 14.251  -9.706  9.022   1.00 25.90 ? 87  THR A OG1   1 
ATOM   669  C CG2   . THR A 1 87  ? 14.248  -9.737  6.669   1.00 23.03 ? 87  THR A CG2   1 
ATOM   670  N N     . GLY A 1 88  ? 12.282  -12.735 9.434   1.00 24.88 ? 88  GLY A N     1 
ATOM   671  C CA    . GLY A 1 88  ? 12.064  -13.557 10.614  1.00 28.05 ? 88  GLY A CA    1 
ATOM   672  C C     . GLY A 1 88  ? 13.009  -13.169 11.717  1.00 29.17 ? 88  GLY A C     1 
ATOM   673  O O     . GLY A 1 88  ? 12.659  -13.303 12.868  1.00 31.40 ? 88  GLY A O     1 
ATOM   674  N N     . SER A 1 89  ? 14.228  -12.736 11.426  1.00 32.70 ? 89  SER A N     1 
ATOM   675  C CA    . SER A 1 89  ? 15.206  -12.277 12.410  1.00 34.99 ? 89  SER A CA    1 
ATOM   676  C C     . SER A 1 89  ? 15.031  -10.811 12.801  1.00 35.09 ? 89  SER A C     1 
ATOM   677  O O     . SER A 1 89  ? 15.904  -10.278 13.475  1.00 35.37 ? 89  SER A O     1 
ATOM   678  C CB    . SER A 1 89  ? 16.639  -12.519 11.831  1.00 38.11 ? 89  SER A CB    1 
ATOM   679  O OG    . SER A 1 89  ? 16.807  -12.302 10.407  1.00 43.18 ? 89  SER A OG    1 
ATOM   680  N N     . SER A 1 90  ? 13.940  -10.108 12.430  1.00 34.79 ? 90  SER A N     1 
ATOM   681  C CA    . SER A 1 90  ? 13.765  -8.700  12.751  1.00 31.11 ? 90  SER A CA    1 
ATOM   682  C C     . SER A 1 90  ? 13.088  -8.483  14.101  1.00 33.85 ? 90  SER A C     1 
ATOM   683  O O     . SER A 1 90  ? 12.139  -9.185  14.493  1.00 34.23 ? 90  SER A O     1 
ATOM   684  C CB    . SER A 1 90  ? 12.973  -8.082  11.640  1.00 24.53 ? 90  SER A CB    1 
ATOM   685  O OG    . SER A 1 90  ? 12.546  -6.751  11.911  1.00 24.18 ? 90  SER A OG    1 
ATOM   686  N N     . LYS A 1 91  ? 13.629  -7.507  14.854  1.00 36.22 ? 91  LYS A N     1 
ATOM   687  C CA    . LYS A 1 91  ? 13.109  -7.126  16.159  1.00 37.88 ? 91  LYS A CA    1 
ATOM   688  C C     . LYS A 1 91  ? 13.261  -5.631  16.383  1.00 36.99 ? 91  LYS A C     1 
ATOM   689  O O     . LYS A 1 91  ? 14.343  -5.000  16.343  1.00 37.73 ? 91  LYS A O     1 
ATOM   690  C CB    . LYS A 1 91  ? 13.825  -7.847  17.319  1.00 39.78 ? 91  LYS A CB    1 
ATOM   691  C CG    . LYS A 1 91  ? 15.339  -7.623  17.484  1.00 46.94 ? 91  LYS A CG    1 
ATOM   692  C CD    . LYS A 1 91  ? 15.726  -7.278  18.958  1.00 48.98 ? 91  LYS A CD    1 
ATOM   693  C CE    . LYS A 1 91  ? 15.891  -5.772  19.166  1.00 49.15 ? 91  LYS A CE    1 
ATOM   694  N NZ    . LYS A 1 91  ? 16.705  -5.204  18.096  1.00 49.00 ? 91  LYS A NZ    1 
ATOM   695  N N     . TYR A 1 92  ? 12.077  -5.074  16.605  1.00 34.93 ? 92  TYR A N     1 
ATOM   696  C CA    . TYR A 1 92  ? 11.930  -3.650  16.846  1.00 33.72 ? 92  TYR A CA    1 
ATOM   697  C C     . TYR A 1 92  ? 12.914  -3.290  17.937  1.00 34.84 ? 92  TYR A C     1 
ATOM   698  O O     . TYR A 1 92  ? 12.942  -3.994  18.942  1.00 35.27 ? 92  TYR A O     1 
ATOM   699  C CB    . TYR A 1 92  ? 10.519  -3.384  17.287  1.00 33.71 ? 92  TYR A CB    1 
ATOM   700  C CG    . TYR A 1 92  ? 10.314  -1.944  17.676  1.00 33.01 ? 92  TYR A CG    1 
ATOM   701  C CD1   . TYR A 1 92  ? 10.329  -0.985  16.689  1.00 33.18 ? 92  TYR A CD1   1 
ATOM   702  C CD2   . TYR A 1 92  ? 10.133  -1.617  19.013  1.00 35.29 ? 92  TYR A CD2   1 
ATOM   703  C CE1   . TYR A 1 92  ? 10.173  0.334   17.025  1.00 34.10 ? 92  TYR A CE1   1 
ATOM   704  C CE2   . TYR A 1 92  ? 9.971   -0.290  19.363  1.00 36.30 ? 92  TYR A CE2   1 
ATOM   705  C CZ    . TYR A 1 92  ? 9.992   0.662   18.355  1.00 36.17 ? 92  TYR A CZ    1 
ATOM   706  O OH    . TYR A 1 92  ? 9.814   1.988   18.656  1.00 36.58 ? 92  TYR A OH    1 
ATOM   707  N N     . PRO A 1 93  ? 13.729  -2.258  17.896  1.00 35.14 ? 93  PRO A N     1 
ATOM   708  C CA    . PRO A 1 93  ? 13.605  -1.133  17.003  1.00 34.11 ? 93  PRO A CA    1 
ATOM   709  C C     . PRO A 1 93  ? 14.379  -1.300  15.718  1.00 31.92 ? 93  PRO A C     1 
ATOM   710  O O     . PRO A 1 93  ? 14.408  -0.420  14.857  1.00 30.01 ? 93  PRO A O     1 
ATOM   711  C CB    . PRO A 1 93  ? 14.050  -0.005  17.921  1.00 36.04 ? 93  PRO A CB    1 
ATOM   712  C CG    . PRO A 1 93  ? 15.259  -0.625  18.611  1.00 36.30 ? 93  PRO A CG    1 
ATOM   713  C CD    . PRO A 1 93  ? 14.746  -2.013  18.930  1.00 36.94 ? 93  PRO A CD    1 
ATOM   714  N N     . ASN A 1 94  ? 14.947  -2.495  15.589  1.00 32.92 ? 94  ASN A N     1 
ATOM   715  C CA    . ASN A 1 94  ? 15.792  -2.793  14.447  1.00 33.76 ? 94  ASN A CA    1 
ATOM   716  C C     . ASN A 1 94  ? 14.967  -3.568  13.422  1.00 32.54 ? 94  ASN A C     1 
ATOM   717  O O     . ASN A 1 94  ? 15.074  -4.779  13.242  1.00 33.75 ? 94  ASN A O     1 
ATOM   718  C CB    . ASN A 1 94  ? 16.971  -3.559  15.011  1.00 36.99 ? 94  ASN A CB    1 
ATOM   719  C CG    . ASN A 1 94  ? 17.735  -2.629  15.970  1.00 40.59 ? 94  ASN A CG    1 
ATOM   720  O OD1   . ASN A 1 94  ? 18.533  -1.810  15.535  1.00 40.16 ? 94  ASN A OD1   1 
ATOM   721  N ND2   . ASN A 1 94  ? 17.535  -2.582  17.288  1.00 42.23 ? 94  ASN A ND2   1 
ATOM   722  N N     . CYS A 1 95  ? 14.037  -2.875  12.765  1.00 30.84 ? 95  CYS A N     1 
ATOM   723  C CA    . CYS A 1 95  ? 13.131  -3.464  11.794  1.00 27.70 ? 95  CYS A CA    1 
ATOM   724  C C     . CYS A 1 95  ? 13.788  -3.749  10.466  1.00 26.56 ? 95  CYS A C     1 
ATOM   725  O O     . CYS A 1 95  ? 14.350  -2.837  9.845   1.00 29.19 ? 95  CYS A O     1 
ATOM   726  C CB    . CYS A 1 95  ? 11.994  -2.539  11.573  1.00 25.30 ? 95  CYS A CB    1 
ATOM   727  S SG    . CYS A 1 95  ? 11.252  -2.081  13.144  1.00 24.57 ? 95  CYS A SG    1 
ATOM   728  N N     . ALA A 1 96  ? 13.735  -4.967  9.962   1.00 24.24 ? 96  ALA A N     1 
ATOM   729  C CA    . ALA A 1 96  ? 14.399  -5.285  8.703   1.00 22.51 ? 96  ALA A CA    1 
ATOM   730  C C     . ALA A 1 96  ? 13.355  -5.864  7.781   1.00 19.41 ? 96  ALA A C     1 
ATOM   731  O O     . ALA A 1 96  ? 12.493  -6.612  8.239   1.00 18.27 ? 96  ALA A O     1 
ATOM   732  C CB    . ALA A 1 96  ? 15.497  -6.331  8.891   1.00 20.30 ? 96  ALA A CB    1 
ATOM   733  N N     . TYR A 1 97  ? 13.438  -5.495  6.515   1.00 18.50 ? 97  TYR A N     1 
ATOM   734  C CA    . TYR A 1 97  ? 12.426  -5.863  5.541   1.00 18.77 ? 97  TYR A CA    1 
ATOM   735  C C     . TYR A 1 97  ? 12.964  -6.462  4.259   1.00 20.28 ? 97  TYR A C     1 
ATOM   736  O O     . TYR A 1 97  ? 14.012  -6.019  3.802   1.00 20.96 ? 97  TYR A O     1 
ATOM   737  C CB    . TYR A 1 97  ? 11.610  -4.637  5.142   1.00 18.62 ? 97  TYR A CB    1 
ATOM   738  C CG    . TYR A 1 97  ? 10.750  -4.081  6.291   1.00 16.81 ? 97  TYR A CG    1 
ATOM   739  C CD1   . TYR A 1 97  ? 11.273  -3.150  7.159   1.00 13.09 ? 97  TYR A CD1   1 
ATOM   740  C CD2   . TYR A 1 97  ? 9.456   -4.559  6.454   1.00 13.24 ? 97  TYR A CD2   1 
ATOM   741  C CE1   . TYR A 1 97  ? 10.477  -2.713  8.188   1.00 14.07 ? 97  TYR A CE1   1 
ATOM   742  C CE2   . TYR A 1 97  ? 8.664   -4.119  7.484   1.00 13.27 ? 97  TYR A CE2   1 
ATOM   743  C CZ    . TYR A 1 97  ? 9.195   -3.202  8.343   1.00 16.97 ? 97  TYR A CZ    1 
ATOM   744  O OH    . TYR A 1 97  ? 8.429   -2.762  9.393   1.00 17.53 ? 97  TYR A OH    1 
ATOM   745  N N     . LYS A 1 98  ? 12.282  -7.480  3.718   1.00 19.63 ? 98  LYS A N     1 
ATOM   746  C CA    . LYS A 1 98  ? 12.489  -8.000  2.366   1.00 20.02 ? 98  LYS A CA    1 
ATOM   747  C C     . LYS A 1 98  ? 11.613  -7.244  1.306   1.00 18.63 ? 98  LYS A C     1 
ATOM   748  O O     . LYS A 1 98  ? 10.411  -7.030  1.531   1.00 17.53 ? 98  LYS A O     1 
ATOM   749  C CB    . LYS A 1 98  ? 12.161  -9.489  2.443   1.00 22.21 ? 98  LYS A CB    1 
ATOM   750  C CG    . LYS A 1 98  ? 11.983  -10.228 1.144   1.00 27.86 ? 98  LYS A CG    1 
ATOM   751  C CD    . LYS A 1 98  ? 13.228  -10.110 0.306   1.00 32.73 ? 98  LYS A CD    1 
ATOM   752  C CE    . LYS A 1 98  ? 12.975  -10.781 -1.049  1.00 37.18 ? 98  LYS A CE    1 
ATOM   753  N NZ    . LYS A 1 98  ? 13.960  -10.351 -2.046  1.00 43.16 ? 98  LYS A NZ    1 
ATOM   754  N N     . THR A 1 99  ? 12.152  -6.829  0.169   1.00 16.58 ? 99  THR A N     1 
ATOM   755  C CA    . THR A 1 99  ? 11.479  -6.081  -0.883  1.00 18.07 ? 99  THR A CA    1 
ATOM   756  C C     . THR A 1 99  ? 11.058  -7.028  -2.010  1.00 18.39 ? 99  THR A C     1 
ATOM   757  O O     . THR A 1 99  ? 11.844  -7.851  -2.526  1.00 18.90 ? 99  THR A O     1 
ATOM   758  C CB    . THR A 1 99  ? 12.435  -5.009  -1.498  1.00 17.15 ? 99  THR A CB    1 
ATOM   759  O OG1   . THR A 1 99  ? 12.844  -4.164  -0.444  1.00 16.47 ? 99  THR A OG1   1 
ATOM   760  C CG2   . THR A 1 99  ? 11.807  -4.185  -2.603  1.00 16.36 ? 99  THR A CG2   1 
ATOM   761  N N     . THR A 1 100 ? 9.844   -6.928  -2.499  1.00 20.13 ? 100 THR A N     1 
ATOM   762  C CA    . THR A 1 100 ? 9.489   -7.716  -3.695  1.00 18.63 ? 100 THR A CA    1 
ATOM   763  C C     . THR A 1 100 ? 8.753   -6.759  -4.591  1.00 15.35 ? 100 THR A C     1 
ATOM   764  O O     . THR A 1 100 ? 7.740   -6.178  -4.179  1.00 16.77 ? 100 THR A O     1 
ATOM   765  C CB    . THR A 1 100 ? 8.598   -8.891  -3.292  1.00 20.09 ? 100 THR A CB    1 
ATOM   766  O OG1   . THR A 1 100 ? 9.366   -9.650  -2.361  1.00 21.07 ? 100 THR A OG1   1 
ATOM   767  C CG2   . THR A 1 100 ? 8.150   -9.741  -4.476  1.00 23.21 ? 100 THR A CG2   1 
ATOM   768  N N     . GLN A 1 101 ? 9.322   -6.547  -5.779  1.00 16.04 ? 101 GLN A N     1 
ATOM   769  C CA    . GLN A 1 101 ? 8.776   -5.643  -6.774  1.00 16.03 ? 101 GLN A CA    1 
ATOM   770  C C     . GLN A 1 101 ? 8.039   -6.485  -7.781  1.00 17.57 ? 101 GLN A C     1 
ATOM   771  O O     . GLN A 1 101 ? 8.612   -7.486  -8.234  1.00 21.99 ? 101 GLN A O     1 
ATOM   772  C CB    . GLN A 1 101 ? 9.906   -4.874  -7.418  1.00 14.78 ? 101 GLN A CB    1 
ATOM   773  C CG    . GLN A 1 101 ? 9.595   -4.077  -8.669  1.00 13.47 ? 101 GLN A CG    1 
ATOM   774  C CD    . GLN A 1 101 ? 8.591   -3.001  -8.396  1.00 14.51 ? 101 GLN A CD    1 
ATOM   775  O OE1   . GLN A 1 101 ? 8.761   -2.273  -7.432  1.00 16.38 ? 101 GLN A OE1   1 
ATOM   776  N NE2   . GLN A 1 101 ? 7.532   -2.822  -9.174  1.00 15.46 ? 101 GLN A NE2   1 
ATOM   777  N N     . ALA A 1 102 ? 6.808   -6.123  -8.148  1.00 17.38 ? 102 ALA A N     1 
ATOM   778  C CA    . ALA A 1 102 ? 6.025   -6.897  -9.102  1.00 15.51 ? 102 ALA A CA    1 
ATOM   779  C C     . ALA A 1 102 ? 4.924   -6.050  -9.723  1.00 16.77 ? 102 ALA A C     1 
ATOM   780  O O     . ALA A 1 102 ? 4.653   -4.904  -9.332  1.00 15.72 ? 102 ALA A O     1 
ATOM   781  C CB    . ALA A 1 102 ? 5.411   -8.070  -8.385  1.00 11.56 ? 102 ALA A CB    1 
ATOM   782  N N     . ASN A 1 103 ? 4.308   -6.553  -10.785 1.00 18.40 ? 103 ASN A N     1 
ATOM   783  C CA    . ASN A 1 103 ? 3.163   -5.868  -11.379 1.00 19.42 ? 103 ASN A CA    1 
ATOM   784  C C     . ASN A 1 103 ? 1.972   -6.739  -11.044 1.00 17.95 ? 103 ASN A C     1 
ATOM   785  O O     . ASN A 1 103 ? 1.939   -7.860  -11.542 1.00 14.87 ? 103 ASN A O     1 
ATOM   786  C CB    . ASN A 1 103 ? 3.213   -5.774  -12.886 1.00 20.58 ? 103 ASN A CB    1 
ATOM   787  C CG    . ASN A 1 103 ? 4.314   -4.867  -13.370 1.00 21.56 ? 103 ASN A CG    1 
ATOM   788  O OD1   . ASN A 1 103 ? 4.974   -5.181  -14.352 1.00 31.74 ? 103 ASN A OD1   1 
ATOM   789  N ND2   . ASN A 1 103 ? 4.629   -3.743  -12.781 1.00 21.42 ? 103 ASN A ND2   1 
ATOM   790  N N     . LYS A 1 104 ? 1.031   -6.220  -10.237 1.00 16.26 ? 104 LYS A N     1 
ATOM   791  C CA    . LYS A 1 104 ? -0.125  -6.968  -9.732  1.00 16.82 ? 104 LYS A CA    1 
ATOM   792  C C     . LYS A 1 104 ? -1.434  -6.169  -9.751  1.00 17.57 ? 104 LYS A C     1 
ATOM   793  O O     . LYS A 1 104 ? -1.382  -4.945  -9.906  1.00 17.29 ? 104 LYS A O     1 
ATOM   794  C CB    . LYS A 1 104 ? 0.183   -7.431  -8.287  1.00 18.64 ? 104 LYS A CB    1 
ATOM   795  C CG    . LYS A 1 104 ? 1.113   -8.642  -8.175  1.00 20.69 ? 104 LYS A CG    1 
ATOM   796  C CD    . LYS A 1 104 ? 1.556   -8.760  -6.729  1.00 27.26 ? 104 LYS A CD    1 
ATOM   797  C CE    . LYS A 1 104 ? 1.625   -10.236 -6.315  1.00 30.68 ? 104 LYS A CE    1 
ATOM   798  N NZ    . LYS A 1 104 ? 0.916   -10.511 -5.059  1.00 35.48 ? 104 LYS A NZ    1 
ATOM   799  N N     . HIS A 1 105 ? -2.619  -6.777  -9.746  1.00 15.08 ? 105 HIS A N     1 
ATOM   800  C CA    . HIS A 1 105 ? -3.854  -6.008  -9.569  1.00 17.48 ? 105 HIS A CA    1 
ATOM   801  C C     . HIS A 1 105 ? -3.950  -5.629  -8.104  1.00 17.04 ? 105 HIS A C     1 
ATOM   802  O O     . HIS A 1 105 ? -3.483  -6.407  -7.266  1.00 17.08 ? 105 HIS A O     1 
ATOM   803  C CB    . HIS A 1 105 ? -5.141  -6.785  -9.885  1.00 15.99 ? 105 HIS A CB    1 
ATOM   804  C CG    . HIS A 1 105 ? -5.154  -7.214  -11.340 1.00 19.00 ? 105 HIS A CG    1 
ATOM   805  N ND1   . HIS A 1 105 ? -5.697  -6.592  -12.412 1.00 22.15 ? 105 HIS A ND1   1 
ATOM   806  C CD2   . HIS A 1 105 ? -4.547  -8.357  -11.784 1.00 16.05 ? 105 HIS A CD2   1 
ATOM   807  C CE1   . HIS A 1 105 ? -5.454  -7.324  -13.481 1.00 15.33 ? 105 HIS A CE1   1 
ATOM   808  N NE2   . HIS A 1 105 ? -4.766  -8.374  -13.072 1.00 19.07 ? 105 HIS A NE2   1 
ATOM   809  N N     . ILE A 1 106 ? -4.532  -4.484  -7.735  1.00 14.75 ? 106 ILE A N     1 
ATOM   810  C CA    . ILE A 1 106 ? -4.693  -4.148  -6.326  1.00 13.18 ? 106 ILE A CA    1 
ATOM   811  C C     . ILE A 1 106 ? -6.153  -4.154  -5.958  1.00 13.22 ? 106 ILE A C     1 
ATOM   812  O O     . ILE A 1 106 ? -7.018  -3.991  -6.845  1.00 13.72 ? 106 ILE A O     1 
ATOM   813  C CB    . ILE A 1 106 ? -4.112  -2.751  -5.960  1.00 14.19 ? 106 ILE A CB    1 
ATOM   814  C CG1   . ILE A 1 106 ? -4.689  -1.604  -6.728  1.00 15.29 ? 106 ILE A CG1   1 
ATOM   815  C CG2   . ILE A 1 106 ? -2.633  -2.800  -6.268  1.00 14.58 ? 106 ILE A CG2   1 
ATOM   816  C CD1   . ILE A 1 106 ? -4.257  -0.227  -6.095  1.00 17.42 ? 106 ILE A CD1   1 
ATOM   817  N N     . ILE A 1 107 ? -6.434  -4.377  -4.690  1.00 10.46 ? 107 ILE A N     1 
ATOM   818  C CA    . ILE A 1 107 ? -7.784  -4.264  -4.226  1.00 13.13 ? 107 ILE A CA    1 
ATOM   819  C C     . ILE A 1 107 ? -7.752  -3.254  -3.109  1.00 13.10 ? 107 ILE A C     1 
ATOM   820  O O     . ILE A 1 107 ? -7.061  -3.438  -2.105  1.00 14.93 ? 107 ILE A O     1 
ATOM   821  C CB    . ILE A 1 107 ? -8.326  -5.662  -3.721  1.00 14.53 ? 107 ILE A CB    1 
ATOM   822  C CG1   . ILE A 1 107 ? -8.385  -6.676  -4.872  1.00 17.78 ? 107 ILE A CG1   1 
ATOM   823  C CG2   . ILE A 1 107 ? -9.774  -5.531  -3.233  1.00 14.98 ? 107 ILE A CG2   1 
ATOM   824  C CD1   . ILE A 1 107 ? -8.582  -8.187  -4.518  1.00 14.35 ? 107 ILE A CD1   1 
ATOM   825  N N     . VAL A 1 108 ? -8.442  -2.153  -3.279  1.00 14.13 ? 108 VAL A N     1 
ATOM   826  C CA    . VAL A 1 108 ? -8.565  -1.124  -2.246  1.00 15.60 ? 108 VAL A CA    1 
ATOM   827  C C     . VAL A 1 108 ? -10.007 -0.932  -1.739  1.00 14.48 ? 108 VAL A C     1 
ATOM   828  O O     . VAL A 1 108 ? -10.964 -1.328  -2.405  1.00 16.10 ? 108 VAL A O     1 
ATOM   829  C CB    . VAL A 1 108 ? -8.042  0.277   -2.731  1.00 13.46 ? 108 VAL A CB    1 
ATOM   830  C CG1   . VAL A 1 108 ? -6.516  0.174   -2.890  1.00 16.53 ? 108 VAL A CG1   1 
ATOM   831  C CG2   . VAL A 1 108 ? -8.807  0.765   -3.978  1.00 13.55 ? 108 VAL A CG2   1 
ATOM   832  N N     . ALA A 1 109 ? -10.202 -0.434  -0.532  1.00 14.73 ? 109 ALA A N     1 
ATOM   833  C CA    . ALA A 1 109 ? -11.526 -0.072  -0.038  1.00 17.07 ? 109 ALA A CA    1 
ATOM   834  C C     . ALA A 1 109 ? -11.682 1.443   -0.199  1.00 19.08 ? 109 ALA A C     1 
ATOM   835  O O     . ALA A 1 109 ? -10.722 2.195   0.049   1.00 19.19 ? 109 ALA A O     1 
ATOM   836  C CB    . ALA A 1 109 ? -11.686 -0.416  1.448   1.00 16.58 ? 109 ALA A CB    1 
ATOM   837  N N     . CYS A 1 110 ? -12.849 1.913   -0.644  1.00 20.09 ? 110 CYS A N     1 
ATOM   838  C CA    . CYS A 1 110 ? -13.080 3.334   -0.830  1.00 20.75 ? 110 CYS A CA    1 
ATOM   839  C C     . CYS A 1 110 ? -14.199 3.876   0.064   1.00 24.17 ? 110 CYS A C     1 
ATOM   840  O O     . CYS A 1 110 ? -15.171 3.172   0.423   1.00 22.83 ? 110 CYS A O     1 
ATOM   841  C CB    . CYS A 1 110 ? -13.426 3.573   -2.267  1.00 17.31 ? 110 CYS A CB    1 
ATOM   842  S SG    . CYS A 1 110 ? -12.108 2.889   -3.273  1.00 19.46 ? 110 CYS A SG    1 
ATOM   843  N N     . GLU A 1 111 ? -14.075 5.168   0.392   1.00 26.53 ? 111 GLU A N     1 
ATOM   844  C CA    . GLU A 1 111 ? -15.011 5.844   1.263   1.00 28.34 ? 111 GLU A CA    1 
ATOM   845  C C     . GLU A 1 111 ? -14.947 7.359   1.075   1.00 28.79 ? 111 GLU A C     1 
ATOM   846  O O     . GLU A 1 111 ? -13.978 7.928   0.532   1.00 28.17 ? 111 GLU A O     1 
ATOM   847  C CB    . GLU A 1 111 ? -14.624 5.430   2.639   1.00 30.43 ? 111 GLU A CB    1 
ATOM   848  C CG    . GLU A 1 111 ? -15.474 5.512   3.867   1.00 32.53 ? 111 GLU A CG    1 
ATOM   849  C CD    . GLU A 1 111 ? -14.722 4.712   4.942   1.00 37.40 ? 111 GLU A CD    1 
ATOM   850  O OE1   . GLU A 1 111 ? -14.739 3.478   4.891   1.00 40.61 ? 111 GLU A OE1   1 
ATOM   851  O OE2   . GLU A 1 111 ? -14.069 5.302   5.814   1.00 40.67 ? 111 GLU A OE2   1 
ATOM   852  N N     . GLY A 1 112 ? -16.049 7.979   1.501   1.00 28.87 ? 112 GLY A N     1 
ATOM   853  C CA    . GLY A 1 112 ? -16.180 9.416   1.589   1.00 29.75 ? 112 GLY A CA    1 
ATOM   854  C C     . GLY A 1 112 ? -16.671 10.122  0.350   1.00 31.94 ? 112 GLY A C     1 
ATOM   855  O O     . GLY A 1 112 ? -17.086 9.521   -0.627  1.00 31.83 ? 112 GLY A O     1 
ATOM   856  N N     . ASN A 1 113 ? -16.682 11.446  0.423   1.00 35.58 ? 113 ASN A N     1 
ATOM   857  C CA    . ASN A 1 113 ? -17.046 12.290  -0.706  1.00 38.65 ? 113 ASN A CA    1 
ATOM   858  C C     . ASN A 1 113 ? -15.872 13.255  -0.818  1.00 37.10 ? 113 ASN A C     1 
ATOM   859  O O     . ASN A 1 113 ? -15.626 13.885  0.217   1.00 39.69 ? 113 ASN A O     1 
ATOM   860  C CB    . ASN A 1 113 ? -18.320 13.110  -0.435  1.00 42.31 ? 113 ASN A CB    1 
ATOM   861  C CG    . ASN A 1 113 ? -19.384 12.923  -1.519  1.00 45.21 ? 113 ASN A CG    1 
ATOM   862  O OD1   . ASN A 1 113 ? -20.028 11.865  -1.639  1.00 46.84 ? 113 ASN A OD1   1 
ATOM   863  N ND2   . ASN A 1 113 ? -19.726 13.933  -2.300  1.00 48.73 ? 113 ASN A ND2   1 
ATOM   864  N N     . PRO A 1 114 ? -15.056 13.389  -1.889  1.00 34.82 ? 114 PRO A N     1 
ATOM   865  C CA    . PRO A 1 114 ? -14.952 12.411  -2.981  1.00 31.56 ? 114 PRO A CA    1 
ATOM   866  C C     . PRO A 1 114 ? -14.569 10.995  -2.496  1.00 29.13 ? 114 PRO A C     1 
ATOM   867  O O     . PRO A 1 114 ? -13.966 10.749  -1.428  1.00 28.20 ? 114 PRO A O     1 
ATOM   868  C CB    . PRO A 1 114 ? -13.960 13.084  -3.907  1.00 31.43 ? 114 PRO A CB    1 
ATOM   869  C CG    . PRO A 1 114 ? -13.046 13.891  -2.989  1.00 32.69 ? 114 PRO A CG    1 
ATOM   870  C CD    . PRO A 1 114 ? -14.058 14.452  -2.020  1.00 34.15 ? 114 PRO A CD    1 
ATOM   871  N N     . TYR A 1 115 ? -15.026 10.030  -3.280  1.00 25.81 ? 115 TYR A N     1 
ATOM   872  C CA    . TYR A 1 115 ? -14.937 8.629   -2.896  1.00 23.91 ? 115 TYR A CA    1 
ATOM   873  C C     . TYR A 1 115 ? -13.567 8.146   -3.280  1.00 22.57 ? 115 TYR A C     1 
ATOM   874  O O     . TYR A 1 115 ? -13.300 7.861   -4.449  1.00 21.59 ? 115 TYR A O     1 
ATOM   875  C CB    . TYR A 1 115 ? -16.024 7.894   -3.622  1.00 24.28 ? 115 TYR A CB    1 
ATOM   876  C CG    . TYR A 1 115 ? -16.373 6.460   -3.229  1.00 23.49 ? 115 TYR A CG    1 
ATOM   877  C CD1   . TYR A 1 115 ? -16.826 6.197   -1.958  1.00 18.40 ? 115 TYR A CD1   1 
ATOM   878  C CD2   . TYR A 1 115 ? -16.317 5.447   -4.203  1.00 22.14 ? 115 TYR A CD2   1 
ATOM   879  C CE1   . TYR A 1 115 ? -17.254 4.918   -1.671  1.00 20.59 ? 115 TYR A CE1   1 
ATOM   880  C CE2   . TYR A 1 115 ? -16.750 4.168   -3.921  1.00 18.56 ? 115 TYR A CE2   1 
ATOM   881  C CZ    . TYR A 1 115 ? -17.206 3.923   -2.641  1.00 19.22 ? 115 TYR A CZ    1 
ATOM   882  O OH    . TYR A 1 115 ? -17.665 2.660   -2.314  1.00 20.81 ? 115 TYR A OH    1 
ATOM   883  N N     . VAL A 1 116 ? -12.751 8.031   -2.237  1.00 21.79 ? 116 VAL A N     1 
ATOM   884  C CA    . VAL A 1 116 ? -11.335 7.804   -2.402  1.00 20.38 ? 116 VAL A CA    1 
ATOM   885  C C     . VAL A 1 116 ? -10.873 6.580   -1.609  1.00 19.11 ? 116 VAL A C     1 
ATOM   886  O O     . VAL A 1 116 ? -11.607 6.140   -0.706  1.00 17.47 ? 116 VAL A O     1 
ATOM   887  C CB    . VAL A 1 116 ? -10.568 9.131   -1.962  1.00 22.09 ? 116 VAL A CB    1 
ATOM   888  C CG1   . VAL A 1 116 ? -10.836 10.283  -2.943  1.00 20.45 ? 116 VAL A CG1   1 
ATOM   889  C CG2   . VAL A 1 116 ? -11.028 9.608   -0.636  1.00 18.28 ? 116 VAL A CG2   1 
ATOM   890  N N     . PRO A 1 117 ? -9.703  5.983   -1.924  1.00 18.14 ? 117 PRO A N     1 
ATOM   891  C CA    . PRO A 1 117 ? -9.153  4.816   -1.265  1.00 17.26 ? 117 PRO A CA    1 
ATOM   892  C C     . PRO A 1 117 ? -8.768  5.169   0.117   1.00 19.35 ? 117 PRO A C     1 
ATOM   893  O O     . PRO A 1 117 ? -7.999  6.117   0.343   1.00 23.19 ? 117 PRO A O     1 
ATOM   894  C CB    . PRO A 1 117 ? -7.921  4.370   -2.034  1.00 15.58 ? 117 PRO A CB    1 
ATOM   895  C CG    . PRO A 1 117 ? -8.023  5.072   -3.375  1.00 15.49 ? 117 PRO A CG    1 
ATOM   896  C CD    . PRO A 1 117 ? -8.834  6.334   -3.074  1.00 16.31 ? 117 PRO A CD    1 
ATOM   897  N N     . VAL A 1 118 ? -9.188  4.314   1.016   1.00 17.72 ? 118 VAL A N     1 
ATOM   898  C CA    . VAL A 1 118 ? -8.820  4.523   2.389   1.00 19.10 ? 118 VAL A CA    1 
ATOM   899  C C     . VAL A 1 118 ? -8.194  3.287   3.003   1.00 19.38 ? 118 VAL A C     1 
ATOM   900  O O     . VAL A 1 118 ? -7.781  3.419   4.142   1.00 20.40 ? 118 VAL A O     1 
ATOM   901  C CB    . VAL A 1 118 ? -10.092 4.988   3.290   1.00 20.63 ? 118 VAL A CB    1 
ATOM   902  C CG1   . VAL A 1 118 ? -10.575 6.352   2.841   1.00 20.55 ? 118 VAL A CG1   1 
ATOM   903  C CG2   . VAL A 1 118 ? -11.288 4.030   3.156   1.00 20.28 ? 118 VAL A CG2   1 
ATOM   904  N N     . HIS A 1 119 ? -8.007  2.083   2.437   1.00 18.82 ? 119 HIS A N     1 
ATOM   905  C CA    . HIS A 1 119 ? -7.468  0.904   3.172   1.00 20.06 ? 119 HIS A CA    1 
ATOM   906  C C     . HIS A 1 119 ? -6.953  0.123   1.924   1.00 18.77 ? 119 HIS A C     1 
ATOM   907  O O     . HIS A 1 119 ? -7.573  0.198   0.857   1.00 15.81 ? 119 HIS A O     1 
ATOM   908  C CB    A HIS A 1 119 ? -8.378  -0.333  3.658   0.70 24.52 ? 119 HIS A CB    1 
ATOM   909  C CB    B HIS A 1 119 ? -8.792  0.614   4.085   0.30 17.73 ? 119 HIS A CB    1 
ATOM   910  C CG    A HIS A 1 119 ? -7.969  -1.802  4.028   0.70 31.85 ? 119 HIS A CG    1 
ATOM   911  C CG    B HIS A 1 119 ? -8.971  1.311   5.490   0.30 18.04 ? 119 HIS A CG    1 
ATOM   912  N ND1   A HIS A 1 119 ? -6.948  -2.321  4.719   0.70 34.82 ? 119 HIS A ND1   1 
ATOM   913  N ND1   B HIS A 1 119 ? -8.045  1.937   6.202   0.30 17.75 ? 119 HIS A ND1   1 
ATOM   914  C CD2   A HIS A 1 119 ? -8.808  -2.862  3.696   0.70 33.30 ? 119 HIS A CD2   1 
ATOM   915  C CD2   B HIS A 1 119 ? -10.133 1.302   6.225   0.30 16.73 ? 119 HIS A CD2   1 
ATOM   916  C CE1   A HIS A 1 119 ? -7.149  -3.614  4.844   0.70 36.05 ? 119 HIS A CE1   1 
ATOM   917  C CE1   B HIS A 1 119 ? -8.605  2.288   7.348   0.30 18.42 ? 119 HIS A CE1   1 
ATOM   918  N NE2   A HIS A 1 119 ? -8.277  -3.927  4.229   0.70 37.29 ? 119 HIS A NE2   1 
ATOM   919  N NE2   B HIS A 1 119 ? -9.846  1.905   7.342   0.30 17.76 ? 119 HIS A NE2   1 
ATOM   920  N N     . PHE A 1 120 ? -5.776  -0.511  2.075   1.00 15.85 ? 120 PHE A N     1 
ATOM   921  C CA    . PHE A 1 120 ? -5.193  -1.317  1.033   1.00 14.17 ? 120 PHE A CA    1 
ATOM   922  C C     . PHE A 1 120 ? -5.623  -2.701  1.415   1.00 14.49 ? 120 PHE A C     1 
ATOM   923  O O     . PHE A 1 120 ? -5.412  -3.090  2.566   1.00 13.54 ? 120 PHE A O     1 
ATOM   924  C CB    . PHE A 1 120 ? -3.684  -1.249  1.032   1.00 13.54 ? 120 PHE A CB    1 
ATOM   925  C CG    . PHE A 1 120 ? -3.115  -1.920  -0.201  1.00 13.85 ? 120 PHE A CG    1 
ATOM   926  C CD1   . PHE A 1 120 ? -3.043  -1.200  -1.382  1.00 14.99 ? 120 PHE A CD1   1 
ATOM   927  C CD2   . PHE A 1 120 ? -2.695  -3.232  -0.129  1.00 13.19 ? 120 PHE A CD2   1 
ATOM   928  C CE1   . PHE A 1 120 ? -2.517  -1.809  -2.500  1.00 17.73 ? 120 PHE A CE1   1 
ATOM   929  C CE2   . PHE A 1 120 ? -2.177  -3.820  -1.258  1.00 13.05 ? 120 PHE A CE2   1 
ATOM   930  C CZ    . PHE A 1 120 ? -2.101  -3.122  -2.436  1.00 15.43 ? 120 PHE A CZ    1 
ATOM   931  N N     . ASP A 1 121 ? -6.312  -3.435  0.538   1.00 15.35 ? 121 ASP A N     1 
ATOM   932  C CA    . ASP A 1 121 ? -6.861  -4.719  1.000   1.00 17.66 ? 121 ASP A CA    1 
ATOM   933  C C     . ASP A 1 121 ? -5.948  -5.857  0.554   1.00 16.83 ? 121 ASP A C     1 
ATOM   934  O O     . ASP A 1 121 ? -5.609  -6.723  1.369   1.00 14.08 ? 121 ASP A O     1 
ATOM   935  C CB    . ASP A 1 121 ? -8.337  -4.903  0.457   1.00 14.97 ? 121 ASP A CB    1 
ATOM   936  C CG    . ASP A 1 121 ? -9.096  -5.979  1.199   1.00 17.54 ? 121 ASP A CG    1 
ATOM   937  O OD1   . ASP A 1 121 ? -9.405  -5.791  2.366   1.00 18.67 ? 121 ASP A OD1   1 
ATOM   938  O OD2   . ASP A 1 121 ? -9.375  -7.013  0.622   1.00 20.68 ? 121 ASP A OD2   1 
ATOM   939  N N     . ALA A 1 122 ? -5.493  -5.869  -0.671  1.00 15.57 ? 122 ALA A N     1 
ATOM   940  C CA    . ALA A 1 122 ? -4.696  -6.986  -1.117  1.00 17.98 ? 122 ALA A CA    1 
ATOM   941  C C     . ALA A 1 122 ? -4.259  -6.682  -2.529  1.00 18.83 ? 122 ALA A C     1 
ATOM   942  O O     . ALA A 1 122 ? -4.761  -5.733  -3.162  1.00 18.34 ? 122 ALA A O     1 
ATOM   943  C CB    . ALA A 1 122 ? -5.525  -8.272  -1.138  1.00 16.89 ? 122 ALA A CB    1 
ATOM   944  N N     . SER A 1 123 ? -3.248  -7.412  -2.995  1.00 21.22 ? 123 SER A N     1 
ATOM   945  C CA    . SER A 1 123 ? -2.881  -7.372  -4.408  1.00 22.95 ? 123 SER A CA    1 
ATOM   946  C C     . SER A 1 123 ? -3.001  -8.806  -4.880  1.00 23.58 ? 123 SER A C     1 
ATOM   947  O O     . SER A 1 123 ? -2.908  -9.750  -4.077  1.00 22.16 ? 123 SER A O     1 
ATOM   948  C CB    . SER A 1 123 ? -1.463  -6.855  -4.627  1.00 22.11 ? 123 SER A CB    1 
ATOM   949  O OG    . SER A 1 123 ? -0.498  -7.623  -3.953  1.00 25.90 ? 123 SER A OG    1 
ATOM   950  N N     . VAL A 1 124 ? -3.373  -8.962  -6.144  1.00 24.41 ? 124 VAL A N     1 
ATOM   951  C CA    . VAL A 1 124 ? -3.607  -10.265 -6.714  1.00 25.48 ? 124 VAL A CA    1 
ATOM   952  C C     . VAL A 1 124 ? -2.964  -10.325 -8.089  1.00 29.14 ? 124 VAL A C     1 
ATOM   953  O O     . VAL A 1 124 ? -2.519  -11.417 -8.413  1.00 33.15 ? 124 VAL A O     1 
ATOM   954  C CB    . VAL A 1 124 ? -5.078  -10.532 -6.861  1.00 24.82 ? 124 VAL A CB    1 
ATOM   955  C CG1   . VAL A 1 124 ? -5.688  -10.600 -5.481  1.00 29.99 ? 124 VAL A CG1   1 
ATOM   956  C CG2   . VAL A 1 124 ? -5.750  -9.424  -7.658  1.00 26.01 ? 124 VAL A CG2   1 
ATOM   957  O OXT   . VAL A 1 124 ? -2.898  -9.334  -8.837  1.00 28.33 ? 124 VAL A OXT   1 
HETATM 958  N N1    . P5P B 2 .   ? -7.507  13.294  14.003  1.00 46.00 ? 125 P5P A N1    1 
HETATM 959  C C2    . P5P B 2 .   ? -8.477  12.384  14.138  1.00 46.52 ? 125 P5P A C2    1 
HETATM 960  N N3    . P5P B 2 .   ? -9.464  12.080  13.288  1.00 50.73 ? 125 P5P A N3    1 
HETATM 961  C C4    . P5P B 2 .   ? -9.370  12.878  12.189  1.00 52.28 ? 125 P5P A C4    1 
HETATM 962  C C5    . P5P B 2 .   ? -8.432  13.836  11.898  1.00 49.87 ? 125 P5P A C5    1 
HETATM 963  C C6    . P5P B 2 .   ? -7.457  14.051  12.882  1.00 46.77 ? 125 P5P A C6    1 
HETATM 964  N N7    . P5P B 2 .   ? -8.700  14.451  10.660  1.00 50.71 ? 125 P5P A N7    1 
HETATM 965  C C8    . P5P B 2 .   ? -9.763  13.805  10.263  1.00 52.82 ? 125 P5P A C8    1 
HETATM 966  N N9    . P5P B 2 .   ? -10.145 12.891  11.127  1.00 56.16 ? 125 P5P A N9    1 
HETATM 967  C "C1'" . P5P B 2 .   ? -11.127 12.029  10.901  1.00 63.13 ? 125 P5P A "C1'" 1 
HETATM 968  C "C2'" . P5P B 2 .   ? -11.583 11.766  9.440   1.00 66.23 ? 125 P5P A "C2'" 1 
HETATM 969  O "O2'" . P5P B 2 .   ? -12.956 11.320  9.310   1.00 67.91 ? 125 P5P A "O2'" 1 
HETATM 970  C "C3'" . P5P B 2 .   ? -10.619 10.629  9.100   1.00 67.73 ? 125 P5P A "C3'" 1 
HETATM 971  O "O3'" . P5P B 2 .   ? -11.183 9.814   8.061   1.00 66.56 ? 125 P5P A "O3'" 1 
HETATM 972  C "C4'" . P5P B 2 .   ? -10.452 9.878   10.447  1.00 70.76 ? 125 P5P A "C4'" 1 
HETATM 973  O "O4'" . P5P B 2 .   ? -11.098 10.704  11.482  1.00 67.65 ? 125 P5P A "O4'" 1 
HETATM 974  C "C5'" . P5P B 2 .   ? -8.944  9.538   10.689  1.00 75.87 ? 125 P5P A "C5'" 1 
HETATM 975  O "O5'" . P5P B 2 .   ? -8.392  8.472   9.846   1.00 84.10 ? 125 P5P A "O5'" 1 
HETATM 976  P P     . P5P B 2 .   ? -8.542  6.859   10.214  1.00 87.90 ? 125 P5P A P     1 
HETATM 977  O OP1   . P5P B 2 .   ? -8.424  5.952   9.022   1.00 86.66 ? 125 P5P A OP1   1 
HETATM 978  O OP2   . P5P B 2 .   ? -9.799  6.714   11.014  1.00 87.53 ? 125 P5P A OP2   1 
HETATM 979  O OP3   . P5P B 2 .   ? -7.263  6.615   11.197  1.00 87.07 ? 125 P5P A OP3   1 
HETATM 980  O O     . HOH C 3 .   ? -21.808 -3.192  -3.216  1.00 38.57 ? 126 HOH A O     1 
HETATM 981  O O     . HOH C 3 .   ? -17.942 0.137   -9.866  1.00 48.12 ? 127 HOH A O     1 
HETATM 982  O O     . HOH C 3 .   ? -18.211 -4.101  -10.360 1.00 29.82 ? 128 HOH A O     1 
HETATM 983  O O     . HOH C 3 .   ? -12.597 -10.526 -7.664  1.00 49.06 ? 129 HOH A O     1 
HETATM 984  O O     . HOH C 3 .   ? -14.906 5.326   10.826  1.00 54.60 ? 130 HOH A O     1 
HETATM 985  O O     . HOH C 3 .   ? -9.365  -7.236  -11.989 1.00 56.18 ? 131 HOH A O     1 
HETATM 986  O O     . HOH C 3 .   ? -4.985  -6.845  -16.601 1.00 53.67 ? 132 HOH A O     1 
HETATM 987  O O     . HOH C 3 .   ? -6.823  2.777   -12.976 1.00 27.35 ? 133 HOH A O     1 
HETATM 988  O O     . HOH C 3 .   ? 8.393   -9.027  0.343   1.00 19.19 ? 134 HOH A O     1 
HETATM 989  O O     . HOH C 3 .   ? 1.238   -9.745  1.595   1.00 48.97 ? 135 HOH A O     1 
HETATM 990  O O     . HOH C 3 .   ? 6.344   -7.140  14.402  1.00 30.10 ? 136 HOH A O     1 
HETATM 991  O O     . HOH C 3 .   ? 13.420  -0.109  8.563   1.00 30.61 ? 137 HOH A O     1 
HETATM 992  O O     . HOH C 3 .   ? 7.663   -4.916  16.040  1.00 35.90 ? 138 HOH A O     1 
HETATM 993  O O     . HOH C 3 .   ? 15.061  -7.086  0.119   1.00 18.39 ? 139 HOH A O     1 
HETATM 994  O O     . HOH C 3 .   ? 14.921  6.453   6.225   1.00 44.01 ? 140 HOH A O     1 
HETATM 995  O O     . HOH C 3 .   ? 6.075   -11.933 17.774  1.00 45.04 ? 141 HOH A O     1 
HETATM 996  O O     . HOH C 3 .   ? 3.687   9.108   -3.022  1.00 24.77 ? 142 HOH A O     1 
HETATM 997  O O     . HOH C 3 .   ? 15.563  10.549  8.997   1.00 58.43 ? 143 HOH A O     1 
HETATM 998  O O     . HOH C 3 .   ? 0.418   -11.035 -0.582  1.00 35.26 ? 144 HOH A O     1 
HETATM 999  O O     . HOH C 3 .   ? -10.880 4.060   13.787  1.00 57.93 ? 145 HOH A O     1 
HETATM 1000 O O     . HOH C 3 .   ? -12.638 16.023  0.623   1.00 53.99 ? 146 HOH A O     1 
HETATM 1001 O O     . HOH C 3 .   ? -16.602 11.280  -5.425  1.00 43.11 ? 147 HOH A O     1 
HETATM 1002 O O     . HOH C 3 .   ? -6.972  -6.702  4.592   1.00 52.46 ? 148 HOH A O     1 
HETATM 1003 O O     . HOH C 3 .   ? -1.941  -9.329  -1.119  1.00 30.13 ? 149 HOH A O     1 
HETATM 1004 O O     . HOH C 3 .   ? -3.235  -4.934  3.916   1.00 63.25 ? 150 HOH A O     1 
HETATM 1005 O O     . HOH C 3 .   ? 2.321   9.709   -0.554  1.00 28.29 ? 151 HOH A O     1 
HETATM 1006 O O     . HOH C 3 .   ? -6.226  8.293   -0.662  1.00 34.94 ? 152 HOH A O     1 
HETATM 1007 O O     . HOH C 3 .   ? 16.551  1.922   -3.294  1.00 34.23 ? 153 HOH A O     1 
HETATM 1008 O O     . HOH C 3 .   ? 14.594  -3.735  2.383   1.00 17.35 ? 154 HOH A O     1 
HETATM 1009 O O     . HOH C 3 .   ? 9.212   8.740   1.898   1.00 32.76 ? 155 HOH A O     1 
HETATM 1010 O O     . HOH C 3 .   ? -11.481 8.727   14.498  1.00 43.71 ? 156 HOH A O     1 
HETATM 1011 O O     . HOH C 3 .   ? -12.921 11.903  0.833   1.00 35.33 ? 157 HOH A O     1 
HETATM 1012 O O     . HOH C 3 .   ? -21.719 -5.049  -6.987  1.00 35.86 ? 158 HOH A O     1 
HETATM 1013 O O     . HOH C 3 .   ? -14.087 1.755   -14.267 1.00 38.40 ? 159 HOH A O     1 
HETATM 1014 O O     . HOH C 3 .   ? -10.666 -5.323  4.892   1.00 29.71 ? 160 HOH A O     1 
HETATM 1015 O O     . HOH C 3 .   ? -13.970 -0.933  4.359   1.00 29.21 ? 161 HOH A O     1 
HETATM 1016 O O     . HOH C 3 .   ? -19.471 1.990   -0.664  1.00 33.35 ? 162 HOH A O     1 
HETATM 1017 O O     . HOH C 3 .   ? -3.904  3.316   4.759   1.00 22.27 ? 163 HOH A O     1 
HETATM 1018 O O     . HOH C 3 .   ? -4.117  -0.250  4.850   1.00 34.53 ? 164 HOH A O     1 
HETATM 1019 O O     . HOH C 3 .   ? -6.571  5.111   5.988   1.00 25.77 ? 165 HOH A O     1 
HETATM 1020 O O     . HOH C 3 .   ? -9.996  3.698   18.367  1.00 43.69 ? 166 HOH A O     1 
HETATM 1021 O O     . HOH C 3 .   ? 0.688   11.635  -8.026  1.00 30.20 ? 167 HOH A O     1 
HETATM 1022 O O     . HOH C 3 .   ? -8.381  7.184   14.571  1.00 58.46 ? 168 HOH A O     1 
HETATM 1023 O O     . HOH C 3 .   ? 0.043   5.803   -13.092 1.00 31.67 ? 169 HOH A O     1 
HETATM 1024 O O     . HOH C 3 .   ? 11.836  -8.215  -6.344  1.00 40.98 ? 170 HOH A O     1 
HETATM 1025 O O     . HOH C 3 .   ? 17.474  -2.713  9.004   1.00 33.08 ? 171 HOH A O     1 
HETATM 1026 O O     . HOH C 3 .   ? 9.434   12.536  4.659   1.00 61.61 ? 172 HOH A O     1 
HETATM 1027 O O     . HOH C 3 .   ? -10.686 5.985   19.891  1.00 54.06 ? 173 HOH A O     1 
HETATM 1028 O O     . HOH C 3 .   ? 12.178  3.794   16.640  1.00 40.26 ? 174 HOH A O     1 
HETATM 1029 O O     . HOH C 3 .   ? 13.590  6.229   16.108  1.00 51.41 ? 175 HOH A O     1 
HETATM 1030 O O     . HOH C 3 .   ? -5.584  16.304  4.515   1.00 48.27 ? 176 HOH A O     1 
HETATM 1031 O O     . HOH C 3 .   ? 0.497   0.108   12.135  1.00 43.72 ? 177 HOH A O     1 
HETATM 1032 O O     . HOH C 3 .   ? -0.305  -3.583  2.838   1.00 18.41 ? 178 HOH A O     1 
HETATM 1033 O O     . HOH C 3 .   ? 0.959   4.416   10.443  1.00 44.08 ? 179 HOH A O     1 
HETATM 1034 O O     . HOH C 3 .   ? -13.916 -11.462 7.651   1.00 29.46 ? 180 HOH A O     1 
HETATM 1035 O O     . HOH C 3 .   ? 5.314   -10.548 1.572   1.00 35.69 ? 181 HOH A O     1 
HETATM 1036 O O     . HOH C 3 .   ? 16.547  -6.718  4.920   1.00 46.01 ? 182 HOH A O     1 
HETATM 1037 O O     . HOH C 3 .   ? -3.395  -13.431 -10.210 1.00 57.95 ? 183 HOH A O     1 
HETATM 1038 O O     . HOH C 3 .   ? -4.171  11.557  12.855  1.00 46.43 ? 184 HOH A O     1 
HETATM 1039 O O     . HOH C 3 .   ? 13.207  3.412   -5.765  1.00 43.09 ? 185 HOH A O     1 
HETATM 1040 O O     . HOH C 3 .   ? -16.056 8.305   7.355   1.00 54.54 ? 186 HOH A O     1 
HETATM 1041 O O     . HOH C 3 .   ? 13.808  -4.086  -7.596  1.00 26.11 ? 187 HOH A O     1 
HETATM 1042 O O     . HOH C 3 .   ? -7.549  14.313  -13.905 1.00 58.81 ? 188 HOH A O     1 
HETATM 1043 O O     . HOH C 3 .   ? -5.537  13.402  -7.442  1.00 55.19 ? 189 HOH A O     1 
HETATM 1044 O O     . HOH C 3 .   ? -17.714 3.774   -7.574  1.00 31.38 ? 190 HOH A O     1 
HETATM 1045 O O     . HOH C 3 .   ? -20.307 -0.336  -4.178  1.00 51.76 ? 191 HOH A O     1 
HETATM 1046 O O     . HOH C 3 .   ? -16.999 1.772   4.490   1.00 50.60 ? 192 HOH A O     1 
HETATM 1047 O O     . HOH C 3 .   ? -17.801 3.411   2.055   1.00 55.30 ? 193 HOH A O     1 
HETATM 1048 O O     . HOH C 3 .   ? 3.764   -9.119  -3.555  1.00 54.45 ? 194 HOH A O     1 
HETATM 1049 O O     . HOH C 3 .   ? 6.305   -9.710  -11.519 1.00 38.55 ? 195 HOH A O     1 
HETATM 1050 O O     . HOH C 3 .   ? -2.614  -5.170  -17.222 1.00 38.48 ? 196 HOH A O     1 
HETATM 1051 O O     . HOH C 3 .   ? -13.071 15.238  12.697  1.00 21.19 ? 197 HOH A O     1 
HETATM 1052 O O     . HOH C 3 .   ? -14.234 11.978  11.470  1.00 44.98 ? 198 HOH A O     1 
HETATM 1053 O O     . HOH C 3 .   ? -10.835 10.084  4.853   1.00 32.45 ? 199 HOH A O     1 
HETATM 1054 O O     . HOH C 3 .   ? -10.498 12.519  3.630   1.00 40.63 ? 200 HOH A O     1 
HETATM 1055 O O     . HOH C 3 .   ? -5.234  14.856  6.866   1.00 40.33 ? 201 HOH A O     1 
HETATM 1056 O O     . HOH C 3 .   ? -1.640  0.229   9.806   1.00 38.61 ? 202 HOH A O     1 
HETATM 1057 O O     . HOH C 3 .   ? 1.203   13.553  5.649   1.00 46.15 ? 203 HOH A O     1 
HETATM 1058 O O     . HOH C 3 .   ? -7.111  10.626  -1.634  1.00 38.06 ? 204 HOH A O     1 
HETATM 1059 O O     . HOH C 3 .   ? -12.574 9.615   2.351   1.00 28.92 ? 205 HOH A O     1 
HETATM 1060 O O     . HOH C 3 .   ? 6.047   13.763  -8.346  1.00 63.02 ? 206 HOH A O     1 
HETATM 1061 O O     . HOH C 3 .   ? -11.539 5.401   9.596   1.00 44.10 ? 207 HOH A O     1 
HETATM 1062 O O     . HOH C 3 .   ? -2.203  12.228  -8.818  1.00 60.37 ? 208 HOH A O     1 
HETATM 1063 O O     . HOH C 3 .   ? -2.778  -7.481  5.228   1.00 58.55 ? 209 HOH A O     1 
HETATM 1064 O O     . HOH C 3 .   ? -2.433  -2.423  5.100   1.00 43.43 ? 210 HOH A O     1 
HETATM 1065 O O     . HOH C 3 .   ? -13.619 16.908  3.197   1.00 50.61 ? 211 HOH A O     1 
HETATM 1066 O O     . HOH C 3 .   ? -13.339 8.265   7.020   1.00 57.28 ? 212 HOH A O     1 
HETATM 1067 O O     . HOH C 3 .   ? 0.634   -6.529  -1.987  1.00 36.54 ? 214 HOH A O     1 
HETATM 1068 O O     . HOH C 3 .   ? -1.382  -5.243  7.653   1.00 62.19 ? 215 HOH A O     1 
HETATM 1069 O O     . HOH C 3 .   ? -3.997  -4.105  6.529   1.00 51.16 ? 216 HOH A O     1 
HETATM 1070 O O     . HOH C 3 .   ? -2.766  -0.786  7.479   1.00 48.93 ? 217 HOH A O     1 
HETATM 1071 O O     . HOH C 3 .   ? -0.542  14.173  -7.459  1.00 42.10 ? 218 HOH A O     1 
HETATM 1072 O O     . HOH C 3 .   ? -12.169 4.938   17.654  1.00 51.77 ? 219 HOH A O     1 
HETATM 1073 O O     . HOH C 3 .   ? -5.251  -1.581  6.815   1.00 53.44 ? 220 HOH A O     1 
HETATM 1074 O O     . HOH C 3 .   ? -0.290  -11.363 -10.466 1.00 42.76 ? 221 HOH A O     1 
HETATM 1075 O O     . HOH C 3 .   ? 7.521   -13.647 -5.540  1.00 42.55 ? 222 HOH A O     1 
HETATM 1076 O O     . HOH C 3 .   ? 9.244   -12.936 -2.335  1.00 33.66 ? 223 HOH A O     1 
HETATM 1077 O O     . HOH C 3 .   ? 9.132   -9.518  -10.127 1.00 37.91 ? 224 HOH A O     1 
HETATM 1078 O O     . HOH C 3 .   ? -7.863  16.752  -5.681  1.00 39.07 ? 225 HOH A O     1 
HETATM 1079 O O     . HOH C 3 .   ? 13.573  4.836   -0.458  1.00 32.07 ? 226 HOH A O     1 
HETATM 1080 O O     . HOH C 3 .   ? 1.487   11.747  2.841   1.00 73.18 ? 227 HOH A O     1 
HETATM 1081 O O     . HOH C 3 .   ? 19.500  6.508   -8.663  1.00 36.97 ? 228 HOH A O     1 
HETATM 1082 O O     . HOH C 3 .   ? 10.630  10.804  7.400   1.00 39.12 ? 229 HOH A O     1 
HETATM 1083 O O     . HOH C 3 .   ? 10.739  6.071   -4.019  1.00 45.03 ? 230 HOH A O     1 
HETATM 1084 O O     . HOH C 3 .   ? 5.526   2.118   -12.703 1.00 70.69 ? 231 HOH A O     1 
HETATM 1085 O O     . HOH C 3 .   ? -25.422 -1.136  -1.430  1.00 37.82 ? 232 HOH A O     1 
HETATM 1086 O O     . HOH C 3 .   ? -12.114 3.819   -13.560 1.00 36.44 ? 233 HOH A O     1 
HETATM 1087 O O     . HOH C 3 .   ? 1.999   -8.539  -15.791 1.00 64.79 ? 234 HOH A O     1 
HETATM 1088 O O     . HOH C 3 .   ? -2.491  -5.583  -20.354 1.00 47.11 ? 235 HOH A O     1 
HETATM 1089 O O     . HOH C 3 .   ? -9.322  -9.607  -13.402 1.00 58.55 ? 236 HOH A O     1 
# 
